data_2ZCW
# 
_entry.id   2ZCW 
# 
_audit_conform.dict_name       mmcif_pdbx.dic 
_audit_conform.dict_version    5.398 
_audit_conform.dict_location   http://mmcif.pdb.org/dictionaries/ascii/mmcif_pdbx.dic 
# 
loop_
_database_2.database_id 
_database_2.database_code 
_database_2.pdbx_database_accession 
_database_2.pdbx_DOI 
PDB   2ZCW         pdb_00002zcw 10.2210/pdb2zcw/pdb 
RCSB  RCSB027812   ?            ?                   
WWPDB D_1000027812 ?            ?                   
# 
loop_
_pdbx_audit_revision_history.ordinal 
_pdbx_audit_revision_history.data_content_type 
_pdbx_audit_revision_history.major_revision 
_pdbx_audit_revision_history.minor_revision 
_pdbx_audit_revision_history.revision_date 
1 'Structure model' 1 0 2007-12-04 
2 'Structure model' 1 1 2011-07-13 
3 'Structure model' 1 2 2024-11-13 
# 
_pdbx_audit_revision_details.ordinal             1 
_pdbx_audit_revision_details.revision_ordinal    1 
_pdbx_audit_revision_details.data_content_type   'Structure model' 
_pdbx_audit_revision_details.provider            repository 
_pdbx_audit_revision_details.type                'Initial release' 
_pdbx_audit_revision_details.description         ? 
_pdbx_audit_revision_details.details             ? 
# 
loop_
_pdbx_audit_revision_group.ordinal 
_pdbx_audit_revision_group.revision_ordinal 
_pdbx_audit_revision_group.data_content_type 
_pdbx_audit_revision_group.group 
1 2 'Structure model' 'Version format compliance' 
2 3 'Structure model' 'Data collection'           
3 3 'Structure model' 'Database references'       
4 3 'Structure model' 'Derived calculations'      
5 3 'Structure model' 'Structure summary'         
# 
loop_
_pdbx_audit_revision_category.ordinal 
_pdbx_audit_revision_category.revision_ordinal 
_pdbx_audit_revision_category.data_content_type 
_pdbx_audit_revision_category.category 
1 3 'Structure model' chem_comp_atom            
2 3 'Structure model' chem_comp_bond            
3 3 'Structure model' database_2                
4 3 'Structure model' pdbx_entry_details        
5 3 'Structure model' pdbx_modification_feature 
6 3 'Structure model' struct_conn               
7 3 'Structure model' struct_site               
# 
loop_
_pdbx_audit_revision_item.ordinal 
_pdbx_audit_revision_item.revision_ordinal 
_pdbx_audit_revision_item.data_content_type 
_pdbx_audit_revision_item.item 
1 3 'Structure model' '_database_2.pdbx_DOI'                
2 3 'Structure model' '_database_2.pdbx_database_accession' 
3 3 'Structure model' '_struct_conn.pdbx_leaving_atom_flag' 
4 3 'Structure model' '_struct_site.pdbx_auth_asym_id'      
5 3 'Structure model' '_struct_site.pdbx_auth_comp_id'      
6 3 'Structure model' '_struct_site.pdbx_auth_seq_id'       
# 
_pdbx_database_PDB_obs_spr.id               SPRSDE 
_pdbx_database_PDB_obs_spr.date             2007-12-04 
_pdbx_database_PDB_obs_spr.pdb_id           2ZCW 
_pdbx_database_PDB_obs_spr.replace_pdb_id   2COH 
_pdbx_database_PDB_obs_spr.details          ? 
# 
_pdbx_database_status.status_code                     REL 
_pdbx_database_status.entry_id                        2ZCW 
_pdbx_database_status.recvd_initial_deposition_date   2007-11-13 
_pdbx_database_status.deposit_site                    PDBJ 
_pdbx_database_status.process_site                    PDBJ 
_pdbx_database_status.status_code_sf                  REL 
_pdbx_database_status.status_code_mr                  ? 
_pdbx_database_status.SG_entry                        Y 
_pdbx_database_status.pdb_format_compatible           Y 
_pdbx_database_status.status_code_cs                  ? 
_pdbx_database_status.status_code_nmr_data            ? 
_pdbx_database_status.methods_development_category    ? 
# 
_pdbx_database_related.db_name        TargetDB 
_pdbx_database_related.db_id          ttk003001019.1 
_pdbx_database_related.details        . 
_pdbx_database_related.content_type   unspecified 
# 
loop_
_audit_author.name 
_audit_author.pdbx_ordinal 
'Agari, Y.'                                              1 
'Yokoyama, S.'                                           2 
'Kuramitsu, S.'                                          3 
'RIKEN Structural Genomics/Proteomics Initiative (RSGI)' 4 
# 
_citation.id                        primary 
_citation.title                     
'Global gene expression mediated by Thermus thermophilus SdrP, a CRP/FNR family transcriptional regulator' 
_citation.journal_abbrev            Mol.Microbiol. 
_citation.journal_volume            70 
_citation.page_first                60 
_citation.page_last                 75 
_citation.year                      2008 
_citation.journal_id_ASTM           MOMIEE 
_citation.country                   UK 
_citation.journal_id_ISSN           0950-382X 
_citation.journal_id_CSD            2007 
_citation.book_publisher            ? 
_citation.pdbx_database_id_PubMed   18699868 
_citation.pdbx_database_id_DOI      10.1111/j.1365-2958.2008.06388.x 
# 
loop_
_citation_author.citation_id 
_citation_author.name 
_citation_author.ordinal 
_citation_author.identifier_ORCID 
primary 'Agari, Y.'     1 ? 
primary 'Kashihara, A.' 2 ? 
primary 'Yokoyama, S.'  3 ? 
primary 'Kuramitsu, S.' 4 ? 
primary 'Shinkai, A.'   5 ? 
# 
loop_
_entity.id 
_entity.type 
_entity.src_method 
_entity.pdbx_description 
_entity.formula_weight 
_entity.pdbx_number_of_molecules 
_entity.pdbx_ec 
_entity.pdbx_mutation 
_entity.pdbx_fragment 
_entity.details 
1 polymer     man 'Transcriptional regulator, FNR/CRP family' 22395.344 1   ? ? ? ? 
2 non-polymer syn '(4S)-2-METHYL-2,4-PENTANEDIOL'             118.174   3   ? ? ? ? 
3 water       nat water                                       18.015    141 ? ? ? ? 
# 
_entity_name_com.entity_id   1 
_entity_name_com.name        TTHA1359 
# 
_entity_poly.entity_id                      1 
_entity_poly.type                           'polypeptide(L)' 
_entity_poly.nstd_linkage                   no 
_entity_poly.nstd_monomer                   yes 
_entity_poly.pdbx_seq_one_letter_code       
;MTQVRETVSFKAGDVILYPGVPGPRDRAYRVLEGLVRLEAVDEEGNALTLRLVRPGGFFGEEALFGQERIYFAEAATDVR
LEPLPENPDPELLKDLAQHLSQGLAEAYRRIERLATQRLKNR(MSE)AAALLELSETPLAHEEEGKVVLKATHDELAAAV
GSVRETVTKVIGELAREGYIRSGYGKIQLLDLKGLKELAESRGQGR
;
_entity_poly.pdbx_seq_one_letter_code_can   
;MTQVRETVSFKAGDVILYPGVPGPRDRAYRVLEGLVRLEAVDEEGNALTLRLVRPGGFFGEEALFGQERIYFAEAATDVR
LEPLPENPDPELLKDLAQHLSQGLAEAYRRIERLATQRLKNRMAAALLELSETPLAHEEEGKVVLKATHDELAAAVGSVR
ETVTKVIGELAREGYIRSGYGKIQLLDLKGLKELAESRGQGR
;
_entity_poly.pdbx_strand_id                 A 
_entity_poly.pdbx_target_identifier         ttk003001019.1 
# 
loop_
_pdbx_entity_nonpoly.entity_id 
_pdbx_entity_nonpoly.name 
_pdbx_entity_nonpoly.comp_id 
2 '(4S)-2-METHYL-2,4-PENTANEDIOL' MPD 
3 water                           HOH 
# 
loop_
_entity_poly_seq.entity_id 
_entity_poly_seq.num 
_entity_poly_seq.mon_id 
_entity_poly_seq.hetero 
1 1   MET n 
1 2   THR n 
1 3   GLN n 
1 4   VAL n 
1 5   ARG n 
1 6   GLU n 
1 7   THR n 
1 8   VAL n 
1 9   SER n 
1 10  PHE n 
1 11  LYS n 
1 12  ALA n 
1 13  GLY n 
1 14  ASP n 
1 15  VAL n 
1 16  ILE n 
1 17  LEU n 
1 18  TYR n 
1 19  PRO n 
1 20  GLY n 
1 21  VAL n 
1 22  PRO n 
1 23  GLY n 
1 24  PRO n 
1 25  ARG n 
1 26  ASP n 
1 27  ARG n 
1 28  ALA n 
1 29  TYR n 
1 30  ARG n 
1 31  VAL n 
1 32  LEU n 
1 33  GLU n 
1 34  GLY n 
1 35  LEU n 
1 36  VAL n 
1 37  ARG n 
1 38  LEU n 
1 39  GLU n 
1 40  ALA n 
1 41  VAL n 
1 42  ASP n 
1 43  GLU n 
1 44  GLU n 
1 45  GLY n 
1 46  ASN n 
1 47  ALA n 
1 48  LEU n 
1 49  THR n 
1 50  LEU n 
1 51  ARG n 
1 52  LEU n 
1 53  VAL n 
1 54  ARG n 
1 55  PRO n 
1 56  GLY n 
1 57  GLY n 
1 58  PHE n 
1 59  PHE n 
1 60  GLY n 
1 61  GLU n 
1 62  GLU n 
1 63  ALA n 
1 64  LEU n 
1 65  PHE n 
1 66  GLY n 
1 67  GLN n 
1 68  GLU n 
1 69  ARG n 
1 70  ILE n 
1 71  TYR n 
1 72  PHE n 
1 73  ALA n 
1 74  GLU n 
1 75  ALA n 
1 76  ALA n 
1 77  THR n 
1 78  ASP n 
1 79  VAL n 
1 80  ARG n 
1 81  LEU n 
1 82  GLU n 
1 83  PRO n 
1 84  LEU n 
1 85  PRO n 
1 86  GLU n 
1 87  ASN n 
1 88  PRO n 
1 89  ASP n 
1 90  PRO n 
1 91  GLU n 
1 92  LEU n 
1 93  LEU n 
1 94  LYS n 
1 95  ASP n 
1 96  LEU n 
1 97  ALA n 
1 98  GLN n 
1 99  HIS n 
1 100 LEU n 
1 101 SER n 
1 102 GLN n 
1 103 GLY n 
1 104 LEU n 
1 105 ALA n 
1 106 GLU n 
1 107 ALA n 
1 108 TYR n 
1 109 ARG n 
1 110 ARG n 
1 111 ILE n 
1 112 GLU n 
1 113 ARG n 
1 114 LEU n 
1 115 ALA n 
1 116 THR n 
1 117 GLN n 
1 118 ARG n 
1 119 LEU n 
1 120 LYS n 
1 121 ASN n 
1 122 ARG n 
1 123 MSE n 
1 124 ALA n 
1 125 ALA n 
1 126 ALA n 
1 127 LEU n 
1 128 LEU n 
1 129 GLU n 
1 130 LEU n 
1 131 SER n 
1 132 GLU n 
1 133 THR n 
1 134 PRO n 
1 135 LEU n 
1 136 ALA n 
1 137 HIS n 
1 138 GLU n 
1 139 GLU n 
1 140 GLU n 
1 141 GLY n 
1 142 LYS n 
1 143 VAL n 
1 144 VAL n 
1 145 LEU n 
1 146 LYS n 
1 147 ALA n 
1 148 THR n 
1 149 HIS n 
1 150 ASP n 
1 151 GLU n 
1 152 LEU n 
1 153 ALA n 
1 154 ALA n 
1 155 ALA n 
1 156 VAL n 
1 157 GLY n 
1 158 SER n 
1 159 VAL n 
1 160 ARG n 
1 161 GLU n 
1 162 THR n 
1 163 VAL n 
1 164 THR n 
1 165 LYS n 
1 166 VAL n 
1 167 ILE n 
1 168 GLY n 
1 169 GLU n 
1 170 LEU n 
1 171 ALA n 
1 172 ARG n 
1 173 GLU n 
1 174 GLY n 
1 175 TYR n 
1 176 ILE n 
1 177 ARG n 
1 178 SER n 
1 179 GLY n 
1 180 TYR n 
1 181 GLY n 
1 182 LYS n 
1 183 ILE n 
1 184 GLN n 
1 185 LEU n 
1 186 LEU n 
1 187 ASP n 
1 188 LEU n 
1 189 LYS n 
1 190 GLY n 
1 191 LEU n 
1 192 LYS n 
1 193 GLU n 
1 194 LEU n 
1 195 ALA n 
1 196 GLU n 
1 197 SER n 
1 198 ARG n 
1 199 GLY n 
1 200 GLN n 
1 201 GLY n 
1 202 ARG n 
# 
_entity_src_gen.entity_id                          1 
_entity_src_gen.pdbx_src_id                        1 
_entity_src_gen.pdbx_alt_source_flag               sample 
_entity_src_gen.pdbx_seq_type                      ? 
_entity_src_gen.pdbx_beg_seq_num                   ? 
_entity_src_gen.pdbx_end_seq_num                   ? 
_entity_src_gen.gene_src_common_name               ? 
_entity_src_gen.gene_src_genus                     ? 
_entity_src_gen.pdbx_gene_src_gene                 ? 
_entity_src_gen.gene_src_species                   ? 
_entity_src_gen.gene_src_strain                    HB8 
_entity_src_gen.gene_src_tissue                    ? 
_entity_src_gen.gene_src_tissue_fraction           ? 
_entity_src_gen.gene_src_details                   ? 
_entity_src_gen.pdbx_gene_src_fragment             ? 
_entity_src_gen.pdbx_gene_src_scientific_name      'Thermus thermophilus' 
_entity_src_gen.pdbx_gene_src_ncbi_taxonomy_id     274 
_entity_src_gen.pdbx_gene_src_variant              ? 
_entity_src_gen.pdbx_gene_src_cell_line            ? 
_entity_src_gen.pdbx_gene_src_atcc                 ? 
_entity_src_gen.pdbx_gene_src_organ                ? 
_entity_src_gen.pdbx_gene_src_organelle            ? 
_entity_src_gen.pdbx_gene_src_cell                 ? 
_entity_src_gen.pdbx_gene_src_cellular_location    ? 
_entity_src_gen.host_org_common_name               ? 
_entity_src_gen.pdbx_host_org_scientific_name      'Escherichia coli' 
_entity_src_gen.pdbx_host_org_ncbi_taxonomy_id     562 
_entity_src_gen.host_org_genus                     ? 
_entity_src_gen.pdbx_host_org_gene                 ? 
_entity_src_gen.pdbx_host_org_organ                ? 
_entity_src_gen.host_org_species                   ? 
_entity_src_gen.pdbx_host_org_tissue               ? 
_entity_src_gen.pdbx_host_org_tissue_fraction      ? 
_entity_src_gen.pdbx_host_org_strain               'B834(DE3)' 
_entity_src_gen.pdbx_host_org_variant              ? 
_entity_src_gen.pdbx_host_org_cell_line            ? 
_entity_src_gen.pdbx_host_org_atcc                 ? 
_entity_src_gen.pdbx_host_org_culture_collection   ? 
_entity_src_gen.pdbx_host_org_cell                 ? 
_entity_src_gen.pdbx_host_org_organelle            ? 
_entity_src_gen.pdbx_host_org_cellular_location    ? 
_entity_src_gen.pdbx_host_org_vector_type          PLASMID 
_entity_src_gen.pdbx_host_org_vector               ? 
_entity_src_gen.host_org_details                   ? 
_entity_src_gen.expression_system_id               ? 
_entity_src_gen.plasmid_name                       pET-11a 
_entity_src_gen.plasmid_details                    ? 
_entity_src_gen.pdbx_description                   ? 
# 
loop_
_chem_comp.id 
_chem_comp.type 
_chem_comp.mon_nstd_flag 
_chem_comp.name 
_chem_comp.pdbx_synonyms 
_chem_comp.formula 
_chem_comp.formula_weight 
ALA 'L-peptide linking' y ALANINE                         ? 'C3 H7 N O2'     89.093  
ARG 'L-peptide linking' y ARGININE                        ? 'C6 H15 N4 O2 1' 175.209 
ASN 'L-peptide linking' y ASPARAGINE                      ? 'C4 H8 N2 O3'    132.118 
ASP 'L-peptide linking' y 'ASPARTIC ACID'                 ? 'C4 H7 N O4'     133.103 
GLN 'L-peptide linking' y GLUTAMINE                       ? 'C5 H10 N2 O3'   146.144 
GLU 'L-peptide linking' y 'GLUTAMIC ACID'                 ? 'C5 H9 N O4'     147.129 
GLY 'peptide linking'   y GLYCINE                         ? 'C2 H5 N O2'     75.067  
HIS 'L-peptide linking' y HISTIDINE                       ? 'C6 H10 N3 O2 1' 156.162 
HOH non-polymer         . WATER                           ? 'H2 O'           18.015  
ILE 'L-peptide linking' y ISOLEUCINE                      ? 'C6 H13 N O2'    131.173 
LEU 'L-peptide linking' y LEUCINE                         ? 'C6 H13 N O2'    131.173 
LYS 'L-peptide linking' y LYSINE                          ? 'C6 H15 N2 O2 1' 147.195 
MET 'L-peptide linking' y METHIONINE                      ? 'C5 H11 N O2 S'  149.211 
MPD non-polymer         . '(4S)-2-METHYL-2,4-PENTANEDIOL' ? 'C6 H14 O2'      118.174 
MSE 'L-peptide linking' n SELENOMETHIONINE                ? 'C5 H11 N O2 Se' 196.106 
PHE 'L-peptide linking' y PHENYLALANINE                   ? 'C9 H11 N O2'    165.189 
PRO 'L-peptide linking' y PROLINE                         ? 'C5 H9 N O2'     115.130 
SER 'L-peptide linking' y SERINE                          ? 'C3 H7 N O3'     105.093 
THR 'L-peptide linking' y THREONINE                       ? 'C4 H9 N O3'     119.119 
TYR 'L-peptide linking' y TYROSINE                        ? 'C9 H11 N O3'    181.189 
VAL 'L-peptide linking' y VALINE                          ? 'C5 H11 N O2'    117.146 
# 
loop_
_pdbx_poly_seq_scheme.asym_id 
_pdbx_poly_seq_scheme.entity_id 
_pdbx_poly_seq_scheme.seq_id 
_pdbx_poly_seq_scheme.mon_id 
_pdbx_poly_seq_scheme.ndb_seq_num 
_pdbx_poly_seq_scheme.pdb_seq_num 
_pdbx_poly_seq_scheme.auth_seq_num 
_pdbx_poly_seq_scheme.pdb_mon_id 
_pdbx_poly_seq_scheme.auth_mon_id 
_pdbx_poly_seq_scheme.pdb_strand_id 
_pdbx_poly_seq_scheme.pdb_ins_code 
_pdbx_poly_seq_scheme.hetero 
A 1 1   MET 1   0   ?   ?   ?   A . n 
A 1 2   THR 2   1   ?   ?   ?   A . n 
A 1 3   GLN 3   2   ?   ?   ?   A . n 
A 1 4   VAL 4   3   ?   ?   ?   A . n 
A 1 5   ARG 5   4   ?   ?   ?   A . n 
A 1 6   GLU 6   5   5   GLU GLU A . n 
A 1 7   THR 7   6   6   THR THR A . n 
A 1 8   VAL 8   7   7   VAL VAL A . n 
A 1 9   SER 9   8   8   SER SER A . n 
A 1 10  PHE 10  9   9   PHE PHE A . n 
A 1 11  LYS 11  10  10  LYS LYS A . n 
A 1 12  ALA 12  11  11  ALA ALA A . n 
A 1 13  GLY 13  12  12  GLY GLY A . n 
A 1 14  ASP 14  13  13  ASP ASP A . n 
A 1 15  VAL 15  14  14  VAL VAL A . n 
A 1 16  ILE 16  15  15  ILE ILE A . n 
A 1 17  LEU 17  16  16  LEU LEU A . n 
A 1 18  TYR 18  17  17  TYR TYR A . n 
A 1 19  PRO 19  18  18  PRO PRO A . n 
A 1 20  GLY 20  19  19  GLY GLY A . n 
A 1 21  VAL 21  20  20  VAL VAL A . n 
A 1 22  PRO 22  21  21  PRO PRO A . n 
A 1 23  GLY 23  22  22  GLY GLY A . n 
A 1 24  PRO 24  23  23  PRO PRO A . n 
A 1 25  ARG 25  24  24  ARG ARG A . n 
A 1 26  ASP 26  25  25  ASP ASP A . n 
A 1 27  ARG 27  26  26  ARG ARG A . n 
A 1 28  ALA 28  27  27  ALA ALA A . n 
A 1 29  TYR 29  28  28  TYR TYR A . n 
A 1 30  ARG 30  29  29  ARG ARG A . n 
A 1 31  VAL 31  30  30  VAL VAL A . n 
A 1 32  LEU 32  31  31  LEU LEU A . n 
A 1 33  GLU 33  32  32  GLU GLU A . n 
A 1 34  GLY 34  33  33  GLY GLY A . n 
A 1 35  LEU 35  34  34  LEU LEU A . n 
A 1 36  VAL 36  35  35  VAL VAL A . n 
A 1 37  ARG 37  36  36  ARG ARG A . n 
A 1 38  LEU 38  37  37  LEU LEU A . n 
A 1 39  GLU 39  38  38  GLU GLU A . n 
A 1 40  ALA 40  39  39  ALA ALA A . n 
A 1 41  VAL 41  40  40  VAL VAL A . n 
A 1 42  ASP 42  41  41  ASP ASP A . n 
A 1 43  GLU 43  42  42  GLU GLU A . n 
A 1 44  GLU 44  43  43  GLU GLU A . n 
A 1 45  GLY 45  44  44  GLY GLY A . n 
A 1 46  ASN 46  45  45  ASN ASN A . n 
A 1 47  ALA 47  46  46  ALA ALA A . n 
A 1 48  LEU 48  47  47  LEU LEU A . n 
A 1 49  THR 49  48  48  THR THR A . n 
A 1 50  LEU 50  49  49  LEU LEU A . n 
A 1 51  ARG 51  50  50  ARG ARG A . n 
A 1 52  LEU 52  51  51  LEU LEU A . n 
A 1 53  VAL 53  52  52  VAL VAL A . n 
A 1 54  ARG 54  53  53  ARG ARG A . n 
A 1 55  PRO 55  54  54  PRO PRO A . n 
A 1 56  GLY 56  55  55  GLY GLY A . n 
A 1 57  GLY 57  56  56  GLY GLY A . n 
A 1 58  PHE 58  57  57  PHE PHE A . n 
A 1 59  PHE 59  58  58  PHE PHE A . n 
A 1 60  GLY 60  59  59  GLY GLY A . n 
A 1 61  GLU 61  60  60  GLU GLU A . n 
A 1 62  GLU 62  61  61  GLU GLU A . n 
A 1 63  ALA 63  62  62  ALA ALA A . n 
A 1 64  LEU 64  63  63  LEU LEU A . n 
A 1 65  PHE 65  64  64  PHE PHE A . n 
A 1 66  GLY 66  65  65  GLY GLY A . n 
A 1 67  GLN 67  66  66  GLN GLN A . n 
A 1 68  GLU 68  67  67  GLU GLU A . n 
A 1 69  ARG 69  68  68  ARG ARG A . n 
A 1 70  ILE 70  69  69  ILE ILE A . n 
A 1 71  TYR 71  70  70  TYR TYR A . n 
A 1 72  PHE 72  71  71  PHE PHE A . n 
A 1 73  ALA 73  72  72  ALA ALA A . n 
A 1 74  GLU 74  73  73  GLU GLU A . n 
A 1 75  ALA 75  74  74  ALA ALA A . n 
A 1 76  ALA 76  75  75  ALA ALA A . n 
A 1 77  THR 77  76  76  THR THR A . n 
A 1 78  ASP 78  77  77  ASP ASP A . n 
A 1 79  VAL 79  78  78  VAL VAL A . n 
A 1 80  ARG 80  79  79  ARG ARG A . n 
A 1 81  LEU 81  80  80  LEU LEU A . n 
A 1 82  GLU 82  81  81  GLU GLU A . n 
A 1 83  PRO 83  82  82  PRO PRO A . n 
A 1 84  LEU 84  83  83  LEU LEU A . n 
A 1 85  PRO 85  84  84  PRO PRO A . n 
A 1 86  GLU 86  85  85  GLU GLU A . n 
A 1 87  ASN 87  86  86  ASN ASN A . n 
A 1 88  PRO 88  87  87  PRO PRO A . n 
A 1 89  ASP 89  88  88  ASP ASP A . n 
A 1 90  PRO 90  89  89  PRO PRO A . n 
A 1 91  GLU 91  90  90  GLU GLU A . n 
A 1 92  LEU 92  91  91  LEU LEU A . n 
A 1 93  LEU 93  92  92  LEU LEU A . n 
A 1 94  LYS 94  93  93  LYS LYS A . n 
A 1 95  ASP 95  94  94  ASP ASP A . n 
A 1 96  LEU 96  95  95  LEU LEU A . n 
A 1 97  ALA 97  96  96  ALA ALA A . n 
A 1 98  GLN 98  97  97  GLN GLN A . n 
A 1 99  HIS 99  98  98  HIS HIS A . n 
A 1 100 LEU 100 99  99  LEU LEU A . n 
A 1 101 SER 101 100 100 SER SER A . n 
A 1 102 GLN 102 101 101 GLN GLN A . n 
A 1 103 GLY 103 102 102 GLY GLY A . n 
A 1 104 LEU 104 103 103 LEU LEU A . n 
A 1 105 ALA 105 104 104 ALA ALA A . n 
A 1 106 GLU 106 105 105 GLU GLU A . n 
A 1 107 ALA 107 106 106 ALA ALA A . n 
A 1 108 TYR 108 107 107 TYR TYR A . n 
A 1 109 ARG 109 108 108 ARG ARG A . n 
A 1 110 ARG 110 109 109 ARG ARG A . n 
A 1 111 ILE 111 110 110 ILE ILE A . n 
A 1 112 GLU 112 111 111 GLU GLU A . n 
A 1 113 ARG 113 112 112 ARG ARG A . n 
A 1 114 LEU 114 113 113 LEU LEU A . n 
A 1 115 ALA 115 114 114 ALA ALA A . n 
A 1 116 THR 116 115 115 THR THR A . n 
A 1 117 GLN 117 116 116 GLN GLN A . n 
A 1 118 ARG 118 117 117 ARG ARG A . n 
A 1 119 LEU 119 118 118 LEU LEU A . n 
A 1 120 LYS 120 119 119 LYS LYS A . n 
A 1 121 ASN 121 120 120 ASN ASN A . n 
A 1 122 ARG 122 121 121 ARG ARG A . n 
A 1 123 MSE 123 122 122 MSE MSE A . n 
A 1 124 ALA 124 123 123 ALA ALA A . n 
A 1 125 ALA 125 124 124 ALA ALA A . n 
A 1 126 ALA 126 125 125 ALA ALA A . n 
A 1 127 LEU 127 126 126 LEU LEU A . n 
A 1 128 LEU 128 127 127 LEU LEU A . n 
A 1 129 GLU 129 128 128 GLU GLU A . n 
A 1 130 LEU 130 129 129 LEU LEU A . n 
A 1 131 SER 131 130 130 SER SER A . n 
A 1 132 GLU 132 131 131 GLU GLU A . n 
A 1 133 THR 133 132 132 THR THR A . n 
A 1 134 PRO 134 133 133 PRO PRO A . n 
A 1 135 LEU 135 134 134 LEU LEU A . n 
A 1 136 ALA 136 135 135 ALA ALA A . n 
A 1 137 HIS 137 136 136 HIS HIS A . n 
A 1 138 GLU 138 137 137 GLU GLU A . n 
A 1 139 GLU 139 138 138 GLU GLU A . n 
A 1 140 GLU 140 139 139 GLU GLU A . n 
A 1 141 GLY 141 140 140 GLY GLY A . n 
A 1 142 LYS 142 141 141 LYS LYS A . n 
A 1 143 VAL 143 142 142 VAL VAL A . n 
A 1 144 VAL 144 143 143 VAL VAL A . n 
A 1 145 LEU 145 144 144 LEU LEU A . n 
A 1 146 LYS 146 145 145 LYS LYS A . n 
A 1 147 ALA 147 146 146 ALA ALA A . n 
A 1 148 THR 148 147 147 THR THR A . n 
A 1 149 HIS 149 148 148 HIS HIS A . n 
A 1 150 ASP 150 149 149 ASP ASP A . n 
A 1 151 GLU 151 150 150 GLU GLU A . n 
A 1 152 LEU 152 151 151 LEU LEU A . n 
A 1 153 ALA 153 152 152 ALA ALA A . n 
A 1 154 ALA 154 153 153 ALA ALA A . n 
A 1 155 ALA 155 154 154 ALA ALA A . n 
A 1 156 VAL 156 155 155 VAL VAL A . n 
A 1 157 GLY 157 156 156 GLY GLY A . n 
A 1 158 SER 158 157 157 SER SER A . n 
A 1 159 VAL 159 158 158 VAL VAL A . n 
A 1 160 ARG 160 159 159 ARG ARG A . n 
A 1 161 GLU 161 160 160 GLU GLU A . n 
A 1 162 THR 162 161 161 THR THR A . n 
A 1 163 VAL 163 162 162 VAL VAL A . n 
A 1 164 THR 164 163 163 THR THR A . n 
A 1 165 LYS 165 164 164 LYS LYS A . n 
A 1 166 VAL 166 165 165 VAL VAL A . n 
A 1 167 ILE 167 166 166 ILE ILE A . n 
A 1 168 GLY 168 167 167 GLY GLY A . n 
A 1 169 GLU 169 168 168 GLU GLU A . n 
A 1 170 LEU 170 169 169 LEU LEU A . n 
A 1 171 ALA 171 170 170 ALA ALA A . n 
A 1 172 ARG 172 171 171 ARG ARG A . n 
A 1 173 GLU 173 172 172 GLU GLU A . n 
A 1 174 GLY 174 173 173 GLY GLY A . n 
A 1 175 TYR 175 174 174 TYR TYR A . n 
A 1 176 ILE 176 175 175 ILE ILE A . n 
A 1 177 ARG 177 176 176 ARG ARG A . n 
A 1 178 SER 178 177 177 SER SER A . n 
A 1 179 GLY 179 178 178 GLY GLY A . n 
A 1 180 TYR 180 179 179 TYR TYR A . n 
A 1 181 GLY 181 180 180 GLY GLY A . n 
A 1 182 LYS 182 181 181 LYS LYS A . n 
A 1 183 ILE 183 182 182 ILE ILE A . n 
A 1 184 GLN 184 183 183 GLN GLN A . n 
A 1 185 LEU 185 184 184 LEU LEU A . n 
A 1 186 LEU 186 185 185 LEU LEU A . n 
A 1 187 ASP 187 186 186 ASP ASP A . n 
A 1 188 LEU 188 187 187 LEU LEU A . n 
A 1 189 LYS 189 188 188 LYS LYS A . n 
A 1 190 GLY 190 189 189 GLY GLY A . n 
A 1 191 LEU 191 190 190 LEU LEU A . n 
A 1 192 LYS 192 191 191 LYS LYS A . n 
A 1 193 GLU 193 192 192 GLU GLU A . n 
A 1 194 LEU 194 193 193 LEU LEU A . n 
A 1 195 ALA 195 194 194 ALA ALA A . n 
A 1 196 GLU 196 195 195 GLU GLU A . n 
A 1 197 SER 197 196 196 SER SER A . n 
A 1 198 ARG 198 197 197 ARG ARG A . n 
A 1 199 GLY 199 198 198 GLY GLY A . n 
A 1 200 GLN 200 199 ?   ?   ?   A . n 
A 1 201 GLY 201 200 ?   ?   ?   A . n 
A 1 202 ARG 202 201 ?   ?   ?   A . n 
# 
loop_
_pdbx_nonpoly_scheme.asym_id 
_pdbx_nonpoly_scheme.entity_id 
_pdbx_nonpoly_scheme.mon_id 
_pdbx_nonpoly_scheme.ndb_seq_num 
_pdbx_nonpoly_scheme.pdb_seq_num 
_pdbx_nonpoly_scheme.auth_seq_num 
_pdbx_nonpoly_scheme.pdb_mon_id 
_pdbx_nonpoly_scheme.auth_mon_id 
_pdbx_nonpoly_scheme.pdb_strand_id 
_pdbx_nonpoly_scheme.pdb_ins_code 
B 2 MPD 1   301 301 MPD MPD A . 
C 2 MPD 1   302 302 MPD MPD A . 
D 2 MPD 1   303 303 MPD MPD A . 
E 3 HOH 1   304 1   HOH HOH A . 
E 3 HOH 2   305 2   HOH HOH A . 
E 3 HOH 3   306 3   HOH HOH A . 
E 3 HOH 4   307 4   HOH HOH A . 
E 3 HOH 5   308 5   HOH HOH A . 
E 3 HOH 6   309 6   HOH HOH A . 
E 3 HOH 7   310 7   HOH HOH A . 
E 3 HOH 8   311 8   HOH HOH A . 
E 3 HOH 9   312 9   HOH HOH A . 
E 3 HOH 10  313 10  HOH HOH A . 
E 3 HOH 11  314 11  HOH HOH A . 
E 3 HOH 12  315 12  HOH HOH A . 
E 3 HOH 13  316 13  HOH HOH A . 
E 3 HOH 14  317 14  HOH HOH A . 
E 3 HOH 15  318 15  HOH HOH A . 
E 3 HOH 16  319 16  HOH HOH A . 
E 3 HOH 17  320 17  HOH HOH A . 
E 3 HOH 18  321 18  HOH HOH A . 
E 3 HOH 19  322 19  HOH HOH A . 
E 3 HOH 20  323 20  HOH HOH A . 
E 3 HOH 21  324 21  HOH HOH A . 
E 3 HOH 22  325 22  HOH HOH A . 
E 3 HOH 23  326 23  HOH HOH A . 
E 3 HOH 24  327 24  HOH HOH A . 
E 3 HOH 25  328 25  HOH HOH A . 
E 3 HOH 26  329 26  HOH HOH A . 
E 3 HOH 27  330 27  HOH HOH A . 
E 3 HOH 28  331 28  HOH HOH A . 
E 3 HOH 29  332 29  HOH HOH A . 
E 3 HOH 30  333 30  HOH HOH A . 
E 3 HOH 31  334 31  HOH HOH A . 
E 3 HOH 32  335 32  HOH HOH A . 
E 3 HOH 33  336 33  HOH HOH A . 
E 3 HOH 34  337 34  HOH HOH A . 
E 3 HOH 35  338 35  HOH HOH A . 
E 3 HOH 36  339 36  HOH HOH A . 
E 3 HOH 37  340 37  HOH HOH A . 
E 3 HOH 38  341 38  HOH HOH A . 
E 3 HOH 39  342 39  HOH HOH A . 
E 3 HOH 40  343 40  HOH HOH A . 
E 3 HOH 41  344 41  HOH HOH A . 
E 3 HOH 42  345 42  HOH HOH A . 
E 3 HOH 43  346 43  HOH HOH A . 
E 3 HOH 44  347 44  HOH HOH A . 
E 3 HOH 45  348 45  HOH HOH A . 
E 3 HOH 46  349 46  HOH HOH A . 
E 3 HOH 47  350 47  HOH HOH A . 
E 3 HOH 48  351 48  HOH HOH A . 
E 3 HOH 49  352 49  HOH HOH A . 
E 3 HOH 50  353 50  HOH HOH A . 
E 3 HOH 51  354 51  HOH HOH A . 
E 3 HOH 52  355 52  HOH HOH A . 
E 3 HOH 53  356 53  HOH HOH A . 
E 3 HOH 54  357 54  HOH HOH A . 
E 3 HOH 55  358 55  HOH HOH A . 
E 3 HOH 56  359 56  HOH HOH A . 
E 3 HOH 57  360 57  HOH HOH A . 
E 3 HOH 58  361 58  HOH HOH A . 
E 3 HOH 59  362 59  HOH HOH A . 
E 3 HOH 60  363 60  HOH HOH A . 
E 3 HOH 61  364 61  HOH HOH A . 
E 3 HOH 62  365 62  HOH HOH A . 
E 3 HOH 63  366 63  HOH HOH A . 
E 3 HOH 64  367 64  HOH HOH A . 
E 3 HOH 65  368 65  HOH HOH A . 
E 3 HOH 66  369 66  HOH HOH A . 
E 3 HOH 67  370 67  HOH HOH A . 
E 3 HOH 68  371 68  HOH HOH A . 
E 3 HOH 69  372 69  HOH HOH A . 
E 3 HOH 70  373 70  HOH HOH A . 
E 3 HOH 71  374 71  HOH HOH A . 
E 3 HOH 72  375 72  HOH HOH A . 
E 3 HOH 73  376 73  HOH HOH A . 
E 3 HOH 74  377 74  HOH HOH A . 
E 3 HOH 75  378 75  HOH HOH A . 
E 3 HOH 76  379 76  HOH HOH A . 
E 3 HOH 77  380 77  HOH HOH A . 
E 3 HOH 78  381 78  HOH HOH A . 
E 3 HOH 79  382 79  HOH HOH A . 
E 3 HOH 80  383 80  HOH HOH A . 
E 3 HOH 81  384 81  HOH HOH A . 
E 3 HOH 82  385 82  HOH HOH A . 
E 3 HOH 83  386 83  HOH HOH A . 
E 3 HOH 84  387 84  HOH HOH A . 
E 3 HOH 85  388 85  HOH HOH A . 
E 3 HOH 86  389 86  HOH HOH A . 
E 3 HOH 87  390 87  HOH HOH A . 
E 3 HOH 88  391 88  HOH HOH A . 
E 3 HOH 89  392 89  HOH HOH A . 
E 3 HOH 90  393 90  HOH HOH A . 
E 3 HOH 91  394 91  HOH HOH A . 
E 3 HOH 92  395 92  HOH HOH A . 
E 3 HOH 93  396 93  HOH HOH A . 
E 3 HOH 94  397 94  HOH HOH A . 
E 3 HOH 95  398 95  HOH HOH A . 
E 3 HOH 96  399 96  HOH HOH A . 
E 3 HOH 97  400 97  HOH HOH A . 
E 3 HOH 98  401 98  HOH HOH A . 
E 3 HOH 99  402 99  HOH HOH A . 
E 3 HOH 100 403 100 HOH HOH A . 
E 3 HOH 101 404 101 HOH HOH A . 
E 3 HOH 102 405 102 HOH HOH A . 
E 3 HOH 103 406 103 HOH HOH A . 
E 3 HOH 104 407 104 HOH HOH A . 
E 3 HOH 105 408 105 HOH HOH A . 
E 3 HOH 106 409 106 HOH HOH A . 
E 3 HOH 107 410 107 HOH HOH A . 
E 3 HOH 108 411 108 HOH HOH A . 
E 3 HOH 109 412 109 HOH HOH A . 
E 3 HOH 110 413 110 HOH HOH A . 
E 3 HOH 111 414 111 HOH HOH A . 
E 3 HOH 112 415 112 HOH HOH A . 
E 3 HOH 113 416 113 HOH HOH A . 
E 3 HOH 114 417 114 HOH HOH A . 
E 3 HOH 115 418 115 HOH HOH A . 
E 3 HOH 116 419 116 HOH HOH A . 
E 3 HOH 117 420 117 HOH HOH A . 
E 3 HOH 118 421 118 HOH HOH A . 
E 3 HOH 119 422 119 HOH HOH A . 
E 3 HOH 120 423 120 HOH HOH A . 
E 3 HOH 121 424 121 HOH HOH A . 
E 3 HOH 122 425 122 HOH HOH A . 
E 3 HOH 123 426 123 HOH HOH A . 
E 3 HOH 124 427 124 HOH HOH A . 
E 3 HOH 125 428 125 HOH HOH A . 
E 3 HOH 126 429 126 HOH HOH A . 
E 3 HOH 127 430 127 HOH HOH A . 
E 3 HOH 128 431 128 HOH HOH A . 
E 3 HOH 129 432 129 HOH HOH A . 
E 3 HOH 130 433 130 HOH HOH A . 
E 3 HOH 131 434 131 HOH HOH A . 
E 3 HOH 132 435 132 HOH HOH A . 
E 3 HOH 133 436 133 HOH HOH A . 
E 3 HOH 134 437 134 HOH HOH A . 
E 3 HOH 135 438 135 HOH HOH A . 
E 3 HOH 136 439 136 HOH HOH A . 
E 3 HOH 137 440 137 HOH HOH A . 
E 3 HOH 138 441 138 HOH HOH A . 
E 3 HOH 139 442 139 HOH HOH A . 
E 3 HOH 140 443 140 HOH HOH A . 
E 3 HOH 141 444 141 HOH HOH A . 
# 
loop_
_software.name 
_software.classification 
_software.version 
_software.citation_id 
_software.pdbx_ordinal 
CNS      refinement        1.1 ? 1 
BSS      'data collection' .   ? 2 
HKL-2000 'data reduction'  .   ? 3 
HKL-2000 'data scaling'    .   ? 4 
SOLVE    phasing           .   ? 5 
# 
_cell.entry_id           2ZCW 
_cell.length_a           54.050 
_cell.length_b           54.050 
_cell.length_c           147.718 
_cell.angle_alpha        90.00 
_cell.angle_beta         90.00 
_cell.angle_gamma        90.00 
_cell.Z_PDB              8 
_cell.pdbx_unique_axis   ? 
_cell.length_a_esd       ? 
_cell.length_b_esd       ? 
_cell.length_c_esd       ? 
_cell.angle_alpha_esd    ? 
_cell.angle_beta_esd     ? 
_cell.angle_gamma_esd    ? 
# 
_symmetry.entry_id                         2ZCW 
_symmetry.space_group_name_H-M             'P 41 21 2' 
_symmetry.pdbx_full_space_group_name_H-M   ? 
_symmetry.cell_setting                     ? 
_symmetry.Int_Tables_number                92 
_symmetry.space_group_name_Hall            ? 
# 
_exptl.entry_id          2ZCW 
_exptl.method            'X-RAY DIFFRACTION' 
_exptl.crystals_number   1 
# 
_exptl_crystal.id                    1 
_exptl_crystal.density_meas          ? 
_exptl_crystal.density_Matthews      2.41 
_exptl_crystal.density_percent_sol   48.93 
_exptl_crystal.description           ? 
_exptl_crystal.F_000                 ? 
_exptl_crystal.preparation           ? 
# 
_exptl_crystal_grow.crystal_id      1 
_exptl_crystal_grow.method          'VAPOR DIFFUSION, HANGING DROP' 
_exptl_crystal_grow.temp            293.0 
_exptl_crystal_grow.temp_details    ? 
_exptl_crystal_grow.pH              5.1 
_exptl_crystal_grow.pdbx_details    
'31% MPD, 0.1M sodium acetate, 20mM calcium chloride, pH5.1, VAPOR DIFFUSION, HANGING DROP, temperature 293.0K' 
_exptl_crystal_grow.pdbx_pH_range   . 
# 
_diffrn.id                     1 
_diffrn.ambient_temp           100 
_diffrn.ambient_temp_details   ? 
_diffrn.crystal_id             1 
# 
_diffrn_detector.diffrn_id              1 
_diffrn_detector.detector               'IMAGE PLATE' 
_diffrn_detector.type                   'RIGAKU RAXIS V' 
_diffrn_detector.pdbx_collection_date   2004-10-07 
_diffrn_detector.details                
'A fixed exit Si double crystal monochromator followed by a two dimensional focusing mirror which is coated in rhodium' 
# 
_diffrn_radiation.diffrn_id                        1 
_diffrn_radiation.wavelength_id                    1 
_diffrn_radiation.pdbx_monochromatic_or_laue_m_l   M 
_diffrn_radiation.monochromator                    'Fixed exit Si double crystal monochromator' 
_diffrn_radiation.pdbx_diffrn_protocol             MAD 
_diffrn_radiation.pdbx_scattering_type             x-ray 
# 
loop_
_diffrn_radiation_wavelength.id 
_diffrn_radiation_wavelength.wavelength 
_diffrn_radiation_wavelength.wt 
1 0.9     1.0 
2 0.97874 1.0 
3 0.97939 1.0 
# 
_diffrn_source.diffrn_id                   1 
_diffrn_source.source                      SYNCHROTRON 
_diffrn_source.type                        'SPRING-8 BEAMLINE BL26B2' 
_diffrn_source.pdbx_synchrotron_site       SPring-8 
_diffrn_source.pdbx_synchrotron_beamline   BL26B2 
_diffrn_source.pdbx_wavelength             ? 
_diffrn_source.pdbx_wavelength_list        '0.9, 0.97874, 0.97939' 
# 
_reflns.entry_id                     2ZCW 
_reflns.observed_criterion_sigma_I   ? 
_reflns.observed_criterion_sigma_F   ? 
_reflns.d_resolution_low             50 
_reflns.d_resolution_high            1.45 
_reflns.number_obs                   39799 
_reflns.number_all                   39799 
_reflns.percent_possible_obs         99.6 
_reflns.pdbx_Rmerge_I_obs            0.046 
_reflns.pdbx_Rsym_value              ? 
_reflns.pdbx_netI_over_sigmaI        50.7 
_reflns.B_iso_Wilson_estimate        19.6 
_reflns.pdbx_redundancy              13.1 
_reflns.R_free_details               ? 
_reflns.limit_h_max                  ? 
_reflns.limit_h_min                  ? 
_reflns.limit_k_max                  ? 
_reflns.limit_k_min                  ? 
_reflns.limit_l_max                  ? 
_reflns.limit_l_min                  ? 
_reflns.observed_criterion_F_max     ? 
_reflns.observed_criterion_F_min     ? 
_reflns.pdbx_chi_squared             ? 
_reflns.pdbx_scaling_rejects         ? 
_reflns.pdbx_diffrn_id               1 
_reflns.pdbx_ordinal                 1 
# 
_reflns_shell.d_res_high             1.45 
_reflns_shell.d_res_low              1.50 
_reflns_shell.percent_possible_all   96.1 
_reflns_shell.Rmerge_I_obs           0.266 
_reflns_shell.pdbx_Rsym_value        ? 
_reflns_shell.meanI_over_sigI_obs    7.7 
_reflns_shell.pdbx_redundancy        8.4 
_reflns_shell.percent_possible_obs   ? 
_reflns_shell.number_unique_all      3781 
_reflns_shell.number_measured_all    ? 
_reflns_shell.number_measured_obs    ? 
_reflns_shell.number_unique_obs      ? 
_reflns_shell.pdbx_chi_squared       ? 
_reflns_shell.pdbx_diffrn_id         ? 
_reflns_shell.pdbx_ordinal           1 
# 
_refine.entry_id                                 2ZCW 
_refine.ls_number_reflns_obs                     36036 
_refine.ls_number_reflns_all                     39603 
_refine.pdbx_ls_sigma_I                          ? 
_refine.pdbx_ls_sigma_F                          0.0 
_refine.pdbx_data_cutoff_high_absF               1701323.01 
_refine.pdbx_data_cutoff_low_absF                0.000000 
_refine.pdbx_data_cutoff_high_rms_absF           ? 
_refine.ls_d_res_low                             36.40 
_refine.ls_d_res_high                            1.50 
_refine.ls_percent_reflns_obs                    99.8 
_refine.ls_R_factor_obs                          0.221 
_refine.ls_R_factor_all                          ? 
_refine.ls_R_factor_R_work                       0.221 
_refine.ls_R_factor_R_free                       0.232 
_refine.ls_R_factor_R_free_error                 0.004 
_refine.ls_R_factor_R_free_error_details         ? 
_refine.ls_percent_reflns_R_free                 10.0 
_refine.ls_number_reflns_R_free                  3592 
_refine.ls_number_parameters                     ? 
_refine.ls_number_restraints                     ? 
_refine.occupancy_min                            ? 
_refine.occupancy_max                            ? 
_refine.correlation_coeff_Fo_to_Fc               ? 
_refine.correlation_coeff_Fo_to_Fc_free          ? 
_refine.B_iso_mean                               22.4 
_refine.aniso_B[1][1]                            -0.55 
_refine.aniso_B[2][2]                            -0.55 
_refine.aniso_B[3][3]                            1.11 
_refine.aniso_B[1][2]                            0.00 
_refine.aniso_B[1][3]                            0.00 
_refine.aniso_B[2][3]                            0.00 
_refine.solvent_model_details                    'FLAT MODEL' 
_refine.solvent_model_param_ksol                 0.395389 
_refine.solvent_model_param_bsol                 50.4771 
_refine.pdbx_solvent_vdw_probe_radii             ? 
_refine.pdbx_solvent_ion_probe_radii             ? 
_refine.pdbx_solvent_shrinkage_radii             ? 
_refine.pdbx_ls_cross_valid_method               THROUGHOUT 
_refine.details                                  ? 
_refine.pdbx_starting_model                      ? 
_refine.pdbx_method_to_determine_struct          MAD 
_refine.pdbx_isotropic_thermal_model             RESTRAINED 
_refine.pdbx_stereochemistry_target_values       'Engh & Huber' 
_refine.pdbx_stereochem_target_val_spec_case     ? 
_refine.pdbx_R_Free_selection_details            RANDOM 
_refine.pdbx_overall_ESU_R                       ? 
_refine.pdbx_overall_ESU_R_Free                  ? 
_refine.overall_SU_ML                            ? 
_refine.overall_SU_B                             ? 
_refine.ls_redundancy_reflns_obs                 ? 
_refine.B_iso_min                                ? 
_refine.B_iso_max                                ? 
_refine.overall_SU_R_Cruickshank_DPI             ? 
_refine.overall_SU_R_free                        ? 
_refine.ls_wR_factor_R_free                      ? 
_refine.ls_wR_factor_R_work                      ? 
_refine.overall_FOM_free_R_set                   ? 
_refine.overall_FOM_work_R_set                   ? 
_refine.pdbx_overall_phase_error                 ? 
_refine.pdbx_refine_id                           'X-RAY DIFFRACTION' 
_refine.pdbx_diffrn_id                           1 
_refine.pdbx_TLS_residual_ADP_flag               ? 
_refine.pdbx_overall_SU_R_free_Cruickshank_DPI   ? 
_refine.pdbx_overall_SU_R_Blow_DPI               ? 
_refine.pdbx_overall_SU_R_free_Blow_DPI          ? 
# 
_refine_analyze.entry_id                        2ZCW 
_refine_analyze.Luzzati_coordinate_error_obs    0.19 
_refine_analyze.Luzzati_sigma_a_obs             0.10 
_refine_analyze.Luzzati_d_res_low_obs           5.00 
_refine_analyze.Luzzati_coordinate_error_free   0.20 
_refine_analyze.Luzzati_sigma_a_free            0.13 
_refine_analyze.Luzzati_d_res_low_free          ? 
_refine_analyze.number_disordered_residues      ? 
_refine_analyze.occupancy_sum_hydrogen          ? 
_refine_analyze.occupancy_sum_non_hydrogen      ? 
_refine_analyze.pdbx_Luzzati_d_res_high_obs     ? 
_refine_analyze.pdbx_refine_id                  'X-RAY DIFFRACTION' 
# 
_refine_hist.pdbx_refine_id                   'X-RAY DIFFRACTION' 
_refine_hist.cycle_id                         LAST 
_refine_hist.pdbx_number_atoms_protein        1506 
_refine_hist.pdbx_number_atoms_nucleic_acid   0 
_refine_hist.pdbx_number_atoms_ligand         0 
_refine_hist.number_atoms_solvent             165 
_refine_hist.number_atoms_total               1671 
_refine_hist.d_res_high                       1.50 
_refine_hist.d_res_low                        36.40 
# 
loop_
_refine_ls_restr.type 
_refine_ls_restr.dev_ideal 
_refine_ls_restr.dev_ideal_target 
_refine_ls_restr.weight 
_refine_ls_restr.number 
_refine_ls_restr.pdbx_refine_id 
_refine_ls_restr.pdbx_restraint_function 
c_bond_d                0.005 ?    ? ? 'X-RAY DIFFRACTION' ? 
c_bond_d_na             ?     ?    ? ? 'X-RAY DIFFRACTION' ? 
c_bond_d_prot           ?     ?    ? ? 'X-RAY DIFFRACTION' ? 
c_angle_d               ?     ?    ? ? 'X-RAY DIFFRACTION' ? 
c_angle_d_na            ?     ?    ? ? 'X-RAY DIFFRACTION' ? 
c_angle_d_prot          ?     ?    ? ? 'X-RAY DIFFRACTION' ? 
c_angle_deg             1.3   ?    ? ? 'X-RAY DIFFRACTION' ? 
c_angle_deg_na          ?     ?    ? ? 'X-RAY DIFFRACTION' ? 
c_angle_deg_prot        ?     ?    ? ? 'X-RAY DIFFRACTION' ? 
c_dihedral_angle_d      22.4  ?    ? ? 'X-RAY DIFFRACTION' ? 
c_dihedral_angle_d_na   ?     ?    ? ? 'X-RAY DIFFRACTION' ? 
c_dihedral_angle_d_prot ?     ?    ? ? 'X-RAY DIFFRACTION' ? 
c_improper_angle_d      0.78  ?    ? ? 'X-RAY DIFFRACTION' ? 
c_improper_angle_d_na   ?     ?    ? ? 'X-RAY DIFFRACTION' ? 
c_improper_angle_d_prot ?     ?    ? ? 'X-RAY DIFFRACTION' ? 
c_mcbond_it             1.44  1.50 ? ? 'X-RAY DIFFRACTION' ? 
c_mcangle_it            2.05  2.00 ? ? 'X-RAY DIFFRACTION' ? 
c_scbond_it             3.20  2.00 ? ? 'X-RAY DIFFRACTION' ? 
c_scangle_it            4.91  2.50 ? ? 'X-RAY DIFFRACTION' ? 
# 
_refine_ls_shell.pdbx_total_number_of_bins_used   6 
_refine_ls_shell.d_res_high                       1.50 
_refine_ls_shell.d_res_low                        1.59 
_refine_ls_shell.number_reflns_R_work             5255 
_refine_ls_shell.R_factor_R_work                  0.237 
_refine_ls_shell.percent_reflns_obs               99.9 
_refine_ls_shell.R_factor_R_free                  0.252 
_refine_ls_shell.R_factor_R_free_error            0.010 
_refine_ls_shell.percent_reflns_R_free            10.4 
_refine_ls_shell.number_reflns_R_free             608 
_refine_ls_shell.number_reflns_all                ? 
_refine_ls_shell.R_factor_all                     ? 
_refine_ls_shell.number_reflns_obs                5863 
_refine_ls_shell.redundancy_reflns_obs            ? 
_refine_ls_shell.pdbx_refine_id                   'X-RAY DIFFRACTION' 
# 
loop_
_pdbx_xplor_file.serial_no 
_pdbx_xplor_file.param_file 
_pdbx_xplor_file.topol_file 
_pdbx_xplor_file.pdbx_refine_id 
1 protein_rep.param protein.top   'X-RAY DIFFRACTION' 
2 water_rep.param   water.top     'X-RAY DIFFRACTION' 
3 mpd_xplor.param   mpd_xplor.top 'X-RAY DIFFRACTION' 
# 
_struct.entry_id                  2ZCW 
_struct.title                     
'Crystal Structure of TTHA1359, a Transcriptional Regulator, CRP/FNR family from Thermus thermophilus HB8' 
_struct.pdbx_model_details        ? 
_struct.pdbx_CASP_flag            ? 
_struct.pdbx_model_type_details   ? 
# 
_struct_keywords.entry_id        2ZCW 
_struct_keywords.pdbx_keywords   TRANSCRIPTION 
_struct_keywords.text            
;FNR/CRP family, transcriptional regulator, Thermus thermophilus, stationary phase, DNA-binding, Transcription regulation, Winged helix DNA-binding domain, cAMP-binding domain, Structural Genomics, NPPSFA, National Project on Protein Structural and Functional Analyses, RIKEN Structural Genomics/Proteomics Initiative, RSGI, TRANSCRIPTION
;
# 
loop_
_struct_asym.id 
_struct_asym.pdbx_blank_PDB_chainid_flag 
_struct_asym.pdbx_modified 
_struct_asym.entity_id 
_struct_asym.details 
A N N 1 ? 
B N N 2 ? 
C N N 2 ? 
D N N 2 ? 
E N N 3 ? 
# 
_struct_ref.id                         1 
_struct_ref.db_name                    UNP 
_struct_ref.db_code                    Q5SIL0_THET8 
_struct_ref.pdbx_db_accession          Q5SIL0 
_struct_ref.entity_id                  1 
_struct_ref.pdbx_seq_one_letter_code   
;MTQVRETVSFKAGDVILYPGVPGPRDRAYRVLEGLVRLEAVDEEGNALTLRLVRPGGFFGEEALFGQERIYFAEAATDVR
LEPLPENPDPELLKDLAQHLSQGLAEAYRRIERLATQRLKNRMAAALLELSETPLAHEEEGKVVLKATHDELAAAVGSVR
ETVTKVIGELAREGYIRSGYGKIQLLDLKGLKELAESRGQGR
;
_struct_ref.pdbx_align_begin           1 
_struct_ref.pdbx_db_isoform            ? 
# 
_struct_ref_seq.align_id                      1 
_struct_ref_seq.ref_id                        1 
_struct_ref_seq.pdbx_PDB_id_code              2ZCW 
_struct_ref_seq.pdbx_strand_id                A 
_struct_ref_seq.seq_align_beg                 1 
_struct_ref_seq.pdbx_seq_align_beg_ins_code   ? 
_struct_ref_seq.seq_align_end                 202 
_struct_ref_seq.pdbx_seq_align_end_ins_code   ? 
_struct_ref_seq.pdbx_db_accession             Q5SIL0 
_struct_ref_seq.db_align_beg                  1 
_struct_ref_seq.pdbx_db_align_beg_ins_code    ? 
_struct_ref_seq.db_align_end                  202 
_struct_ref_seq.pdbx_db_align_end_ins_code    ? 
_struct_ref_seq.pdbx_auth_seq_align_beg       0 
_struct_ref_seq.pdbx_auth_seq_align_end       201 
# 
_pdbx_struct_assembly.id                   1 
_pdbx_struct_assembly.details              author_and_software_defined_assembly 
_pdbx_struct_assembly.method_details       PISA 
_pdbx_struct_assembly.oligomeric_details   dimeric 
_pdbx_struct_assembly.oligomeric_count     2 
# 
loop_
_pdbx_struct_assembly_prop.biol_id 
_pdbx_struct_assembly_prop.type 
_pdbx_struct_assembly_prop.value 
_pdbx_struct_assembly_prop.details 
1 'ABSA (A^2)' 5090  ? 
1 MORE         -89.1 ? 
1 'SSA (A^2)'  18990 ? 
# 
_pdbx_struct_assembly_gen.assembly_id       1 
_pdbx_struct_assembly_gen.oper_expression   1,2 
_pdbx_struct_assembly_gen.asym_id_list      A,B,C,D,E 
# 
loop_
_pdbx_struct_oper_list.id 
_pdbx_struct_oper_list.type 
_pdbx_struct_oper_list.name 
_pdbx_struct_oper_list.symmetry_operation 
_pdbx_struct_oper_list.matrix[1][1] 
_pdbx_struct_oper_list.matrix[1][2] 
_pdbx_struct_oper_list.matrix[1][3] 
_pdbx_struct_oper_list.vector[1] 
_pdbx_struct_oper_list.matrix[2][1] 
_pdbx_struct_oper_list.matrix[2][2] 
_pdbx_struct_oper_list.matrix[2][3] 
_pdbx_struct_oper_list.vector[2] 
_pdbx_struct_oper_list.matrix[3][1] 
_pdbx_struct_oper_list.matrix[3][2] 
_pdbx_struct_oper_list.matrix[3][3] 
_pdbx_struct_oper_list.vector[3] 
1 'identity operation'         1_555 x,y,z  1.0000000000  0.0000000000  0.0000000000 0.0000000000  0.0000000000  1.0000000000 0.0000000000  0.0000000000 0.0000000000 0.0000000000  1.0000000000  0.0000000000   
2 'crystal symmetry operation' 7_555 y,x,-z -0.0318435307 -0.9941075761 0.1036152342 11.6027867317 -0.9941075761 0.0207542935 -0.1063926055 9.1369364324 0.1036152342 -0.1063926055 -0.9889107628 -20.7519224757 
# 
_struct_biol.id        1 
_struct_biol.details   ? 
# 
loop_
_struct_conf.conf_type_id 
_struct_conf.id 
_struct_conf.pdbx_PDB_helix_id 
_struct_conf.beg_label_comp_id 
_struct_conf.beg_label_asym_id 
_struct_conf.beg_label_seq_id 
_struct_conf.pdbx_beg_PDB_ins_code 
_struct_conf.end_label_comp_id 
_struct_conf.end_label_asym_id 
_struct_conf.end_label_seq_id 
_struct_conf.pdbx_end_PDB_ins_code 
_struct_conf.beg_auth_comp_id 
_struct_conf.beg_auth_asym_id 
_struct_conf.beg_auth_seq_id 
_struct_conf.end_auth_comp_id 
_struct_conf.end_auth_asym_id 
_struct_conf.end_auth_seq_id 
_struct_conf.pdbx_PDB_helix_class 
_struct_conf.details 
_struct_conf.pdbx_PDB_helix_length 
HELX_P HELX_P1 1 GLY A 60  ? PHE A 65  ? GLY A 59  PHE A 64  5 ? 6  
HELX_P HELX_P2 2 ASP A 89  ? GLN A 117 ? ASP A 88  GLN A 116 1 ? 29 
HELX_P HELX_P3 3 ARG A 118 ? SER A 131 ? ARG A 117 SER A 130 1 ? 14 
HELX_P HELX_P4 4 THR A 148 ? GLY A 157 ? THR A 147 GLY A 156 1 ? 10 
HELX_P HELX_P5 5 VAL A 159 ? GLU A 173 ? VAL A 158 GLU A 172 1 ? 15 
HELX_P HELX_P6 6 ASP A 187 ? GLU A 196 ? ASP A 186 GLU A 195 1 ? 10 
# 
_struct_conf_type.id          HELX_P 
_struct_conf_type.criteria    ? 
_struct_conf_type.reference   ? 
# 
loop_
_struct_conn.id 
_struct_conn.conn_type_id 
_struct_conn.pdbx_leaving_atom_flag 
_struct_conn.pdbx_PDB_id 
_struct_conn.ptnr1_label_asym_id 
_struct_conn.ptnr1_label_comp_id 
_struct_conn.ptnr1_label_seq_id 
_struct_conn.ptnr1_label_atom_id 
_struct_conn.pdbx_ptnr1_label_alt_id 
_struct_conn.pdbx_ptnr1_PDB_ins_code 
_struct_conn.pdbx_ptnr1_standard_comp_id 
_struct_conn.ptnr1_symmetry 
_struct_conn.ptnr2_label_asym_id 
_struct_conn.ptnr2_label_comp_id 
_struct_conn.ptnr2_label_seq_id 
_struct_conn.ptnr2_label_atom_id 
_struct_conn.pdbx_ptnr2_label_alt_id 
_struct_conn.pdbx_ptnr2_PDB_ins_code 
_struct_conn.ptnr1_auth_asym_id 
_struct_conn.ptnr1_auth_comp_id 
_struct_conn.ptnr1_auth_seq_id 
_struct_conn.ptnr2_auth_asym_id 
_struct_conn.ptnr2_auth_comp_id 
_struct_conn.ptnr2_auth_seq_id 
_struct_conn.ptnr2_symmetry 
_struct_conn.pdbx_ptnr3_label_atom_id 
_struct_conn.pdbx_ptnr3_label_seq_id 
_struct_conn.pdbx_ptnr3_label_comp_id 
_struct_conn.pdbx_ptnr3_label_asym_id 
_struct_conn.pdbx_ptnr3_label_alt_id 
_struct_conn.pdbx_ptnr3_PDB_ins_code 
_struct_conn.details 
_struct_conn.pdbx_dist_value 
_struct_conn.pdbx_value_order 
_struct_conn.pdbx_role 
covale1 covale both ? A ARG 122 C ? ? ? 1_555 A MSE 123 N ? ? A ARG 121 A MSE 122 1_555 ? ? ? ? ? ? ? 1.333 ? ? 
covale2 covale both ? A MSE 123 C ? ? ? 1_555 A ALA 124 N ? ? A MSE 122 A ALA 123 1_555 ? ? ? ? ? ? ? 1.329 ? ? 
# 
_struct_conn_type.id          covale 
_struct_conn_type.criteria    ? 
_struct_conn_type.reference   ? 
# 
_pdbx_modification_feature.ordinal                            1 
_pdbx_modification_feature.label_comp_id                      MSE 
_pdbx_modification_feature.label_asym_id                      A 
_pdbx_modification_feature.label_seq_id                       123 
_pdbx_modification_feature.label_alt_id                       ? 
_pdbx_modification_feature.modified_residue_label_comp_id     . 
_pdbx_modification_feature.modified_residue_label_asym_id     . 
_pdbx_modification_feature.modified_residue_label_seq_id      . 
_pdbx_modification_feature.modified_residue_label_alt_id      . 
_pdbx_modification_feature.auth_comp_id                       MSE 
_pdbx_modification_feature.auth_asym_id                       A 
_pdbx_modification_feature.auth_seq_id                        122 
_pdbx_modification_feature.PDB_ins_code                       ? 
_pdbx_modification_feature.symmetry                           1_555 
_pdbx_modification_feature.modified_residue_auth_comp_id      . 
_pdbx_modification_feature.modified_residue_auth_asym_id      . 
_pdbx_modification_feature.modified_residue_auth_seq_id       . 
_pdbx_modification_feature.modified_residue_PDB_ins_code      . 
_pdbx_modification_feature.modified_residue_symmetry          . 
_pdbx_modification_feature.comp_id_linking_atom               . 
_pdbx_modification_feature.modified_residue_id_linking_atom   . 
_pdbx_modification_feature.modified_residue_id                MET 
_pdbx_modification_feature.ref_pcm_id                         1 
_pdbx_modification_feature.ref_comp_id                        MSE 
_pdbx_modification_feature.type                               Selenomethionine 
_pdbx_modification_feature.category                           'Named protein modification' 
# 
loop_
_struct_sheet.id 
_struct_sheet.type 
_struct_sheet.number_strands 
_struct_sheet.details 
A ? 4 ? 
B ? 4 ? 
C ? 4 ? 
# 
loop_
_struct_sheet_order.sheet_id 
_struct_sheet_order.range_id_1 
_struct_sheet_order.range_id_2 
_struct_sheet_order.offset 
_struct_sheet_order.sense 
A 1 2 ? anti-parallel 
A 2 3 ? anti-parallel 
A 3 4 ? anti-parallel 
B 1 2 ? anti-parallel 
B 2 3 ? anti-parallel 
B 3 4 ? anti-parallel 
C 1 2 ? anti-parallel 
C 2 3 ? anti-parallel 
C 3 4 ? anti-parallel 
# 
loop_
_struct_sheet_range.sheet_id 
_struct_sheet_range.id 
_struct_sheet_range.beg_label_comp_id 
_struct_sheet_range.beg_label_asym_id 
_struct_sheet_range.beg_label_seq_id 
_struct_sheet_range.pdbx_beg_PDB_ins_code 
_struct_sheet_range.end_label_comp_id 
_struct_sheet_range.end_label_asym_id 
_struct_sheet_range.end_label_seq_id 
_struct_sheet_range.pdbx_end_PDB_ins_code 
_struct_sheet_range.beg_auth_comp_id 
_struct_sheet_range.beg_auth_asym_id 
_struct_sheet_range.beg_auth_seq_id 
_struct_sheet_range.end_auth_comp_id 
_struct_sheet_range.end_auth_asym_id 
_struct_sheet_range.end_auth_seq_id 
A 1 VAL A 8   ? PHE A 10  ? VAL A 7   PHE A 9   
A 2 VAL A 79  ? PRO A 83  ? VAL A 78  PRO A 82  
A 3 TYR A 29  ? GLU A 33  ? TYR A 28  GLU A 32  
A 4 PHE A 58  ? PHE A 59  ? PHE A 57  PHE A 58  
B 1 VAL A 15  ? LEU A 17  ? VAL A 14  LEU A 16  
B 2 PHE A 72  ? ALA A 75  ? PHE A 71  ALA A 74  
B 3 VAL A 36  ? VAL A 41  ? VAL A 35  VAL A 40  
B 4 ALA A 47  ? VAL A 53  ? ALA A 46  VAL A 52  
C 1 ALA A 136 ? GLU A 139 ? ALA A 135 GLU A 138 
C 2 LYS A 142 ? LYS A 146 ? LYS A 141 LYS A 145 
C 3 LYS A 182 ? LEU A 185 ? LYS A 181 LEU A 184 
C 4 ILE A 176 ? GLY A 179 ? ILE A 175 GLY A 178 
# 
loop_
_pdbx_struct_sheet_hbond.sheet_id 
_pdbx_struct_sheet_hbond.range_id_1 
_pdbx_struct_sheet_hbond.range_id_2 
_pdbx_struct_sheet_hbond.range_1_label_atom_id 
_pdbx_struct_sheet_hbond.range_1_label_comp_id 
_pdbx_struct_sheet_hbond.range_1_label_asym_id 
_pdbx_struct_sheet_hbond.range_1_label_seq_id 
_pdbx_struct_sheet_hbond.range_1_PDB_ins_code 
_pdbx_struct_sheet_hbond.range_1_auth_atom_id 
_pdbx_struct_sheet_hbond.range_1_auth_comp_id 
_pdbx_struct_sheet_hbond.range_1_auth_asym_id 
_pdbx_struct_sheet_hbond.range_1_auth_seq_id 
_pdbx_struct_sheet_hbond.range_2_label_atom_id 
_pdbx_struct_sheet_hbond.range_2_label_comp_id 
_pdbx_struct_sheet_hbond.range_2_label_asym_id 
_pdbx_struct_sheet_hbond.range_2_label_seq_id 
_pdbx_struct_sheet_hbond.range_2_PDB_ins_code 
_pdbx_struct_sheet_hbond.range_2_auth_atom_id 
_pdbx_struct_sheet_hbond.range_2_auth_comp_id 
_pdbx_struct_sheet_hbond.range_2_auth_asym_id 
_pdbx_struct_sheet_hbond.range_2_auth_seq_id 
A 1 2 N VAL A 8   ? N VAL A 7   O LEU A 81  ? O LEU A 80  
A 2 3 O ARG A 80  ? O ARG A 79  N LEU A 32  ? N LEU A 31  
A 3 4 N TYR A 29  ? N TYR A 28  O PHE A 59  ? O PHE A 58  
B 1 2 N ILE A 16  ? N ILE A 15  O ALA A 73  ? O ALA A 72  
B 2 3 O GLU A 74  ? O GLU A 73  N ARG A 37  ? N ARG A 36  
B 3 4 N VAL A 36  ? N VAL A 35  O VAL A 53  ? O VAL A 52  
C 1 2 N HIS A 137 ? N HIS A 136 O VAL A 144 ? O VAL A 143 
C 2 3 N LEU A 145 ? N LEU A 144 O ILE A 183 ? O ILE A 182 
C 3 4 O GLN A 184 ? O GLN A 183 N ARG A 177 ? N ARG A 176 
# 
loop_
_struct_site.id 
_struct_site.pdbx_evidence_code 
_struct_site.pdbx_auth_asym_id 
_struct_site.pdbx_auth_comp_id 
_struct_site.pdbx_auth_seq_id 
_struct_site.pdbx_auth_ins_code 
_struct_site.pdbx_num_residues 
_struct_site.details 
AC1 Software A MPD 301 ? 6 'BINDING SITE FOR RESIDUE MPD A 301' 
AC2 Software A MPD 302 ? 7 'BINDING SITE FOR RESIDUE MPD A 302' 
AC3 Software A MPD 303 ? 6 'BINDING SITE FOR RESIDUE MPD A 303' 
# 
loop_
_struct_site_gen.id 
_struct_site_gen.site_id 
_struct_site_gen.pdbx_num_res 
_struct_site_gen.label_comp_id 
_struct_site_gen.label_asym_id 
_struct_site_gen.label_seq_id 
_struct_site_gen.pdbx_auth_ins_code 
_struct_site_gen.auth_comp_id 
_struct_site_gen.auth_asym_id 
_struct_site_gen.auth_seq_id 
_struct_site_gen.label_atom_id 
_struct_site_gen.label_alt_id 
_struct_site_gen.symmetry 
_struct_site_gen.details 
1  AC1 6 ARG A 109 ? ARG A 108 . ? 1_555 ? 
2  AC1 6 GLU A 112 ? GLU A 111 . ? 1_555 ? 
3  AC1 6 THR A 116 ? THR A 115 . ? 1_555 ? 
4  AC1 6 GLN A 117 ? GLN A 116 . ? 1_555 ? 
5  AC1 6 GLU A 196 ? GLU A 195 . ? 1_555 ? 
6  AC1 6 SER A 197 ? SER A 196 . ? 1_555 ? 
7  AC2 7 GLU A 43  ? GLU A 42  . ? 5_655 ? 
8  AC2 7 GLU A 139 ? GLU A 138 . ? 1_555 ? 
9  AC2 7 GLU A 140 ? GLU A 139 . ? 1_555 ? 
10 AC2 7 GLY A 179 ? GLY A 178 . ? 1_555 ? 
11 AC2 7 LYS A 182 ? LYS A 181 . ? 1_555 ? 
12 AC2 7 GLN A 184 ? GLN A 183 . ? 1_555 ? 
13 AC2 7 HOH E .   ? HOH A 404 . ? 1_555 ? 
14 AC3 6 VAL A 41  ? VAL A 40  . ? 5_655 ? 
15 AC3 6 GLY A 45  ? GLY A 44  . ? 5_655 ? 
16 AC3 6 GLU A 74  ? GLU A 73  . ? 5_655 ? 
17 AC3 6 THR A 164 ? THR A 163 . ? 1_555 ? 
18 AC3 6 ARG A 172 ? ARG A 171 . ? 1_555 ? 
19 AC3 6 HOH E .   ? HOH A 358 . ? 1_555 ? 
# 
_pdbx_entry_details.entry_id                   2ZCW 
_pdbx_entry_details.compound_details           ? 
_pdbx_entry_details.source_details             ? 
_pdbx_entry_details.nonpolymer_details         ? 
_pdbx_entry_details.sequence_details           ? 
_pdbx_entry_details.has_ligand_of_interest     ? 
_pdbx_entry_details.has_protein_modification   Y 
# 
loop_
_pdbx_validate_torsion.id 
_pdbx_validate_torsion.PDB_model_num 
_pdbx_validate_torsion.auth_comp_id 
_pdbx_validate_torsion.auth_asym_id 
_pdbx_validate_torsion.auth_seq_id 
_pdbx_validate_torsion.PDB_ins_code 
_pdbx_validate_torsion.label_alt_id 
_pdbx_validate_torsion.phi 
_pdbx_validate_torsion.psi 
1 1 PRO A 133 ? ? -66.07  0.79    
2 1 SER A 157 ? ? -124.97 -161.36 
# 
_pdbx_SG_project.id                    1 
_pdbx_SG_project.project_name          'NPPSFA, National Project on Protein Structural and Functional Analyses' 
_pdbx_SG_project.full_name_of_center   'RIKEN Structural Genomics/Proteomics Initiative' 
_pdbx_SG_project.initial_of_center     RSGI 
# 
_pdbx_struct_mod_residue.id               1 
_pdbx_struct_mod_residue.label_asym_id    A 
_pdbx_struct_mod_residue.label_comp_id    MSE 
_pdbx_struct_mod_residue.label_seq_id     123 
_pdbx_struct_mod_residue.auth_asym_id     A 
_pdbx_struct_mod_residue.auth_comp_id     MSE 
_pdbx_struct_mod_residue.auth_seq_id      122 
_pdbx_struct_mod_residue.PDB_ins_code     ? 
_pdbx_struct_mod_residue.parent_comp_id   MET 
_pdbx_struct_mod_residue.details          SELENOMETHIONINE 
# 
loop_
_pdbx_unobs_or_zero_occ_residues.id 
_pdbx_unobs_or_zero_occ_residues.PDB_model_num 
_pdbx_unobs_or_zero_occ_residues.polymer_flag 
_pdbx_unobs_or_zero_occ_residues.occupancy_flag 
_pdbx_unobs_or_zero_occ_residues.auth_asym_id 
_pdbx_unobs_or_zero_occ_residues.auth_comp_id 
_pdbx_unobs_or_zero_occ_residues.auth_seq_id 
_pdbx_unobs_or_zero_occ_residues.PDB_ins_code 
_pdbx_unobs_or_zero_occ_residues.label_asym_id 
_pdbx_unobs_or_zero_occ_residues.label_comp_id 
_pdbx_unobs_or_zero_occ_residues.label_seq_id 
1 1 Y 1 A MET 0   ? A MET 1   
2 1 Y 1 A THR 1   ? A THR 2   
3 1 Y 1 A GLN 2   ? A GLN 3   
4 1 Y 1 A VAL 3   ? A VAL 4   
5 1 Y 1 A ARG 4   ? A ARG 5   
6 1 Y 1 A GLN 199 ? A GLN 200 
7 1 Y 1 A GLY 200 ? A GLY 201 
8 1 Y 1 A ARG 201 ? A ARG 202 
# 
loop_
_chem_comp_atom.comp_id 
_chem_comp_atom.atom_id 
_chem_comp_atom.type_symbol 
_chem_comp_atom.pdbx_aromatic_flag 
_chem_comp_atom.pdbx_stereo_config 
_chem_comp_atom.pdbx_ordinal 
ALA N    N  N N 1   
ALA CA   C  N S 2   
ALA C    C  N N 3   
ALA O    O  N N 4   
ALA CB   C  N N 5   
ALA OXT  O  N N 6   
ALA H    H  N N 7   
ALA H2   H  N N 8   
ALA HA   H  N N 9   
ALA HB1  H  N N 10  
ALA HB2  H  N N 11  
ALA HB3  H  N N 12  
ALA HXT  H  N N 13  
ARG N    N  N N 14  
ARG CA   C  N S 15  
ARG C    C  N N 16  
ARG O    O  N N 17  
ARG CB   C  N N 18  
ARG CG   C  N N 19  
ARG CD   C  N N 20  
ARG NE   N  N N 21  
ARG CZ   C  N N 22  
ARG NH1  N  N N 23  
ARG NH2  N  N N 24  
ARG OXT  O  N N 25  
ARG H    H  N N 26  
ARG H2   H  N N 27  
ARG HA   H  N N 28  
ARG HB2  H  N N 29  
ARG HB3  H  N N 30  
ARG HG2  H  N N 31  
ARG HG3  H  N N 32  
ARG HD2  H  N N 33  
ARG HD3  H  N N 34  
ARG HE   H  N N 35  
ARG HH11 H  N N 36  
ARG HH12 H  N N 37  
ARG HH21 H  N N 38  
ARG HH22 H  N N 39  
ARG HXT  H  N N 40  
ASN N    N  N N 41  
ASN CA   C  N S 42  
ASN C    C  N N 43  
ASN O    O  N N 44  
ASN CB   C  N N 45  
ASN CG   C  N N 46  
ASN OD1  O  N N 47  
ASN ND2  N  N N 48  
ASN OXT  O  N N 49  
ASN H    H  N N 50  
ASN H2   H  N N 51  
ASN HA   H  N N 52  
ASN HB2  H  N N 53  
ASN HB3  H  N N 54  
ASN HD21 H  N N 55  
ASN HD22 H  N N 56  
ASN HXT  H  N N 57  
ASP N    N  N N 58  
ASP CA   C  N S 59  
ASP C    C  N N 60  
ASP O    O  N N 61  
ASP CB   C  N N 62  
ASP CG   C  N N 63  
ASP OD1  O  N N 64  
ASP OD2  O  N N 65  
ASP OXT  O  N N 66  
ASP H    H  N N 67  
ASP H2   H  N N 68  
ASP HA   H  N N 69  
ASP HB2  H  N N 70  
ASP HB3  H  N N 71  
ASP HD2  H  N N 72  
ASP HXT  H  N N 73  
GLN N    N  N N 74  
GLN CA   C  N S 75  
GLN C    C  N N 76  
GLN O    O  N N 77  
GLN CB   C  N N 78  
GLN CG   C  N N 79  
GLN CD   C  N N 80  
GLN OE1  O  N N 81  
GLN NE2  N  N N 82  
GLN OXT  O  N N 83  
GLN H    H  N N 84  
GLN H2   H  N N 85  
GLN HA   H  N N 86  
GLN HB2  H  N N 87  
GLN HB3  H  N N 88  
GLN HG2  H  N N 89  
GLN HG3  H  N N 90  
GLN HE21 H  N N 91  
GLN HE22 H  N N 92  
GLN HXT  H  N N 93  
GLU N    N  N N 94  
GLU CA   C  N S 95  
GLU C    C  N N 96  
GLU O    O  N N 97  
GLU CB   C  N N 98  
GLU CG   C  N N 99  
GLU CD   C  N N 100 
GLU OE1  O  N N 101 
GLU OE2  O  N N 102 
GLU OXT  O  N N 103 
GLU H    H  N N 104 
GLU H2   H  N N 105 
GLU HA   H  N N 106 
GLU HB2  H  N N 107 
GLU HB3  H  N N 108 
GLU HG2  H  N N 109 
GLU HG3  H  N N 110 
GLU HE2  H  N N 111 
GLU HXT  H  N N 112 
GLY N    N  N N 113 
GLY CA   C  N N 114 
GLY C    C  N N 115 
GLY O    O  N N 116 
GLY OXT  O  N N 117 
GLY H    H  N N 118 
GLY H2   H  N N 119 
GLY HA2  H  N N 120 
GLY HA3  H  N N 121 
GLY HXT  H  N N 122 
HIS N    N  N N 123 
HIS CA   C  N S 124 
HIS C    C  N N 125 
HIS O    O  N N 126 
HIS CB   C  N N 127 
HIS CG   C  Y N 128 
HIS ND1  N  Y N 129 
HIS CD2  C  Y N 130 
HIS CE1  C  Y N 131 
HIS NE2  N  Y N 132 
HIS OXT  O  N N 133 
HIS H    H  N N 134 
HIS H2   H  N N 135 
HIS HA   H  N N 136 
HIS HB2  H  N N 137 
HIS HB3  H  N N 138 
HIS HD1  H  N N 139 
HIS HD2  H  N N 140 
HIS HE1  H  N N 141 
HIS HE2  H  N N 142 
HIS HXT  H  N N 143 
HOH O    O  N N 144 
HOH H1   H  N N 145 
HOH H2   H  N N 146 
ILE N    N  N N 147 
ILE CA   C  N S 148 
ILE C    C  N N 149 
ILE O    O  N N 150 
ILE CB   C  N S 151 
ILE CG1  C  N N 152 
ILE CG2  C  N N 153 
ILE CD1  C  N N 154 
ILE OXT  O  N N 155 
ILE H    H  N N 156 
ILE H2   H  N N 157 
ILE HA   H  N N 158 
ILE HB   H  N N 159 
ILE HG12 H  N N 160 
ILE HG13 H  N N 161 
ILE HG21 H  N N 162 
ILE HG22 H  N N 163 
ILE HG23 H  N N 164 
ILE HD11 H  N N 165 
ILE HD12 H  N N 166 
ILE HD13 H  N N 167 
ILE HXT  H  N N 168 
LEU N    N  N N 169 
LEU CA   C  N S 170 
LEU C    C  N N 171 
LEU O    O  N N 172 
LEU CB   C  N N 173 
LEU CG   C  N N 174 
LEU CD1  C  N N 175 
LEU CD2  C  N N 176 
LEU OXT  O  N N 177 
LEU H    H  N N 178 
LEU H2   H  N N 179 
LEU HA   H  N N 180 
LEU HB2  H  N N 181 
LEU HB3  H  N N 182 
LEU HG   H  N N 183 
LEU HD11 H  N N 184 
LEU HD12 H  N N 185 
LEU HD13 H  N N 186 
LEU HD21 H  N N 187 
LEU HD22 H  N N 188 
LEU HD23 H  N N 189 
LEU HXT  H  N N 190 
LYS N    N  N N 191 
LYS CA   C  N S 192 
LYS C    C  N N 193 
LYS O    O  N N 194 
LYS CB   C  N N 195 
LYS CG   C  N N 196 
LYS CD   C  N N 197 
LYS CE   C  N N 198 
LYS NZ   N  N N 199 
LYS OXT  O  N N 200 
LYS H    H  N N 201 
LYS H2   H  N N 202 
LYS HA   H  N N 203 
LYS HB2  H  N N 204 
LYS HB3  H  N N 205 
LYS HG2  H  N N 206 
LYS HG3  H  N N 207 
LYS HD2  H  N N 208 
LYS HD3  H  N N 209 
LYS HE2  H  N N 210 
LYS HE3  H  N N 211 
LYS HZ1  H  N N 212 
LYS HZ2  H  N N 213 
LYS HZ3  H  N N 214 
LYS HXT  H  N N 215 
MET N    N  N N 216 
MET CA   C  N S 217 
MET C    C  N N 218 
MET O    O  N N 219 
MET CB   C  N N 220 
MET CG   C  N N 221 
MET SD   S  N N 222 
MET CE   C  N N 223 
MET OXT  O  N N 224 
MET H    H  N N 225 
MET H2   H  N N 226 
MET HA   H  N N 227 
MET HB2  H  N N 228 
MET HB3  H  N N 229 
MET HG2  H  N N 230 
MET HG3  H  N N 231 
MET HE1  H  N N 232 
MET HE2  H  N N 233 
MET HE3  H  N N 234 
MET HXT  H  N N 235 
MPD C1   C  N N 236 
MPD C2   C  N N 237 
MPD O2   O  N N 238 
MPD CM   C  N N 239 
MPD C3   C  N N 240 
MPD C4   C  N S 241 
MPD O4   O  N N 242 
MPD C5   C  N N 243 
MPD H11  H  N N 244 
MPD H12  H  N N 245 
MPD H13  H  N N 246 
MPD HO2  H  N N 247 
MPD HM1  H  N N 248 
MPD HM2  H  N N 249 
MPD HM3  H  N N 250 
MPD H31  H  N N 251 
MPD H32  H  N N 252 
MPD H4   H  N N 253 
MPD HO4  H  N N 254 
MPD H51  H  N N 255 
MPD H52  H  N N 256 
MPD H53  H  N N 257 
MSE N    N  N N 258 
MSE CA   C  N S 259 
MSE C    C  N N 260 
MSE O    O  N N 261 
MSE OXT  O  N N 262 
MSE CB   C  N N 263 
MSE CG   C  N N 264 
MSE SE   SE N N 265 
MSE CE   C  N N 266 
MSE H    H  N N 267 
MSE H2   H  N N 268 
MSE HA   H  N N 269 
MSE HXT  H  N N 270 
MSE HB2  H  N N 271 
MSE HB3  H  N N 272 
MSE HG2  H  N N 273 
MSE HG3  H  N N 274 
MSE HE1  H  N N 275 
MSE HE2  H  N N 276 
MSE HE3  H  N N 277 
PHE N    N  N N 278 
PHE CA   C  N S 279 
PHE C    C  N N 280 
PHE O    O  N N 281 
PHE CB   C  N N 282 
PHE CG   C  Y N 283 
PHE CD1  C  Y N 284 
PHE CD2  C  Y N 285 
PHE CE1  C  Y N 286 
PHE CE2  C  Y N 287 
PHE CZ   C  Y N 288 
PHE OXT  O  N N 289 
PHE H    H  N N 290 
PHE H2   H  N N 291 
PHE HA   H  N N 292 
PHE HB2  H  N N 293 
PHE HB3  H  N N 294 
PHE HD1  H  N N 295 
PHE HD2  H  N N 296 
PHE HE1  H  N N 297 
PHE HE2  H  N N 298 
PHE HZ   H  N N 299 
PHE HXT  H  N N 300 
PRO N    N  N N 301 
PRO CA   C  N S 302 
PRO C    C  N N 303 
PRO O    O  N N 304 
PRO CB   C  N N 305 
PRO CG   C  N N 306 
PRO CD   C  N N 307 
PRO OXT  O  N N 308 
PRO H    H  N N 309 
PRO HA   H  N N 310 
PRO HB2  H  N N 311 
PRO HB3  H  N N 312 
PRO HG2  H  N N 313 
PRO HG3  H  N N 314 
PRO HD2  H  N N 315 
PRO HD3  H  N N 316 
PRO HXT  H  N N 317 
SER N    N  N N 318 
SER CA   C  N S 319 
SER C    C  N N 320 
SER O    O  N N 321 
SER CB   C  N N 322 
SER OG   O  N N 323 
SER OXT  O  N N 324 
SER H    H  N N 325 
SER H2   H  N N 326 
SER HA   H  N N 327 
SER HB2  H  N N 328 
SER HB3  H  N N 329 
SER HG   H  N N 330 
SER HXT  H  N N 331 
THR N    N  N N 332 
THR CA   C  N S 333 
THR C    C  N N 334 
THR O    O  N N 335 
THR CB   C  N R 336 
THR OG1  O  N N 337 
THR CG2  C  N N 338 
THR OXT  O  N N 339 
THR H    H  N N 340 
THR H2   H  N N 341 
THR HA   H  N N 342 
THR HB   H  N N 343 
THR HG1  H  N N 344 
THR HG21 H  N N 345 
THR HG22 H  N N 346 
THR HG23 H  N N 347 
THR HXT  H  N N 348 
TYR N    N  N N 349 
TYR CA   C  N S 350 
TYR C    C  N N 351 
TYR O    O  N N 352 
TYR CB   C  N N 353 
TYR CG   C  Y N 354 
TYR CD1  C  Y N 355 
TYR CD2  C  Y N 356 
TYR CE1  C  Y N 357 
TYR CE2  C  Y N 358 
TYR CZ   C  Y N 359 
TYR OH   O  N N 360 
TYR OXT  O  N N 361 
TYR H    H  N N 362 
TYR H2   H  N N 363 
TYR HA   H  N N 364 
TYR HB2  H  N N 365 
TYR HB3  H  N N 366 
TYR HD1  H  N N 367 
TYR HD2  H  N N 368 
TYR HE1  H  N N 369 
TYR HE2  H  N N 370 
TYR HH   H  N N 371 
TYR HXT  H  N N 372 
VAL N    N  N N 373 
VAL CA   C  N S 374 
VAL C    C  N N 375 
VAL O    O  N N 376 
VAL CB   C  N N 377 
VAL CG1  C  N N 378 
VAL CG2  C  N N 379 
VAL OXT  O  N N 380 
VAL H    H  N N 381 
VAL H2   H  N N 382 
VAL HA   H  N N 383 
VAL HB   H  N N 384 
VAL HG11 H  N N 385 
VAL HG12 H  N N 386 
VAL HG13 H  N N 387 
VAL HG21 H  N N 388 
VAL HG22 H  N N 389 
VAL HG23 H  N N 390 
VAL HXT  H  N N 391 
# 
loop_
_chem_comp_bond.comp_id 
_chem_comp_bond.atom_id_1 
_chem_comp_bond.atom_id_2 
_chem_comp_bond.value_order 
_chem_comp_bond.pdbx_aromatic_flag 
_chem_comp_bond.pdbx_stereo_config 
_chem_comp_bond.pdbx_ordinal 
ALA N   CA   sing N N 1   
ALA N   H    sing N N 2   
ALA N   H2   sing N N 3   
ALA CA  C    sing N N 4   
ALA CA  CB   sing N N 5   
ALA CA  HA   sing N N 6   
ALA C   O    doub N N 7   
ALA C   OXT  sing N N 8   
ALA CB  HB1  sing N N 9   
ALA CB  HB2  sing N N 10  
ALA CB  HB3  sing N N 11  
ALA OXT HXT  sing N N 12  
ARG N   CA   sing N N 13  
ARG N   H    sing N N 14  
ARG N   H2   sing N N 15  
ARG CA  C    sing N N 16  
ARG CA  CB   sing N N 17  
ARG CA  HA   sing N N 18  
ARG C   O    doub N N 19  
ARG C   OXT  sing N N 20  
ARG CB  CG   sing N N 21  
ARG CB  HB2  sing N N 22  
ARG CB  HB3  sing N N 23  
ARG CG  CD   sing N N 24  
ARG CG  HG2  sing N N 25  
ARG CG  HG3  sing N N 26  
ARG CD  NE   sing N N 27  
ARG CD  HD2  sing N N 28  
ARG CD  HD3  sing N N 29  
ARG NE  CZ   sing N N 30  
ARG NE  HE   sing N N 31  
ARG CZ  NH1  sing N N 32  
ARG CZ  NH2  doub N N 33  
ARG NH1 HH11 sing N N 34  
ARG NH1 HH12 sing N N 35  
ARG NH2 HH21 sing N N 36  
ARG NH2 HH22 sing N N 37  
ARG OXT HXT  sing N N 38  
ASN N   CA   sing N N 39  
ASN N   H    sing N N 40  
ASN N   H2   sing N N 41  
ASN CA  C    sing N N 42  
ASN CA  CB   sing N N 43  
ASN CA  HA   sing N N 44  
ASN C   O    doub N N 45  
ASN C   OXT  sing N N 46  
ASN CB  CG   sing N N 47  
ASN CB  HB2  sing N N 48  
ASN CB  HB3  sing N N 49  
ASN CG  OD1  doub N N 50  
ASN CG  ND2  sing N N 51  
ASN ND2 HD21 sing N N 52  
ASN ND2 HD22 sing N N 53  
ASN OXT HXT  sing N N 54  
ASP N   CA   sing N N 55  
ASP N   H    sing N N 56  
ASP N   H2   sing N N 57  
ASP CA  C    sing N N 58  
ASP CA  CB   sing N N 59  
ASP CA  HA   sing N N 60  
ASP C   O    doub N N 61  
ASP C   OXT  sing N N 62  
ASP CB  CG   sing N N 63  
ASP CB  HB2  sing N N 64  
ASP CB  HB3  sing N N 65  
ASP CG  OD1  doub N N 66  
ASP CG  OD2  sing N N 67  
ASP OD2 HD2  sing N N 68  
ASP OXT HXT  sing N N 69  
GLN N   CA   sing N N 70  
GLN N   H    sing N N 71  
GLN N   H2   sing N N 72  
GLN CA  C    sing N N 73  
GLN CA  CB   sing N N 74  
GLN CA  HA   sing N N 75  
GLN C   O    doub N N 76  
GLN C   OXT  sing N N 77  
GLN CB  CG   sing N N 78  
GLN CB  HB2  sing N N 79  
GLN CB  HB3  sing N N 80  
GLN CG  CD   sing N N 81  
GLN CG  HG2  sing N N 82  
GLN CG  HG3  sing N N 83  
GLN CD  OE1  doub N N 84  
GLN CD  NE2  sing N N 85  
GLN NE2 HE21 sing N N 86  
GLN NE2 HE22 sing N N 87  
GLN OXT HXT  sing N N 88  
GLU N   CA   sing N N 89  
GLU N   H    sing N N 90  
GLU N   H2   sing N N 91  
GLU CA  C    sing N N 92  
GLU CA  CB   sing N N 93  
GLU CA  HA   sing N N 94  
GLU C   O    doub N N 95  
GLU C   OXT  sing N N 96  
GLU CB  CG   sing N N 97  
GLU CB  HB2  sing N N 98  
GLU CB  HB3  sing N N 99  
GLU CG  CD   sing N N 100 
GLU CG  HG2  sing N N 101 
GLU CG  HG3  sing N N 102 
GLU CD  OE1  doub N N 103 
GLU CD  OE2  sing N N 104 
GLU OE2 HE2  sing N N 105 
GLU OXT HXT  sing N N 106 
GLY N   CA   sing N N 107 
GLY N   H    sing N N 108 
GLY N   H2   sing N N 109 
GLY CA  C    sing N N 110 
GLY CA  HA2  sing N N 111 
GLY CA  HA3  sing N N 112 
GLY C   O    doub N N 113 
GLY C   OXT  sing N N 114 
GLY OXT HXT  sing N N 115 
HIS N   CA   sing N N 116 
HIS N   H    sing N N 117 
HIS N   H2   sing N N 118 
HIS CA  C    sing N N 119 
HIS CA  CB   sing N N 120 
HIS CA  HA   sing N N 121 
HIS C   O    doub N N 122 
HIS C   OXT  sing N N 123 
HIS CB  CG   sing N N 124 
HIS CB  HB2  sing N N 125 
HIS CB  HB3  sing N N 126 
HIS CG  ND1  sing Y N 127 
HIS CG  CD2  doub Y N 128 
HIS ND1 CE1  doub Y N 129 
HIS ND1 HD1  sing N N 130 
HIS CD2 NE2  sing Y N 131 
HIS CD2 HD2  sing N N 132 
HIS CE1 NE2  sing Y N 133 
HIS CE1 HE1  sing N N 134 
HIS NE2 HE2  sing N N 135 
HIS OXT HXT  sing N N 136 
HOH O   H1   sing N N 137 
HOH O   H2   sing N N 138 
ILE N   CA   sing N N 139 
ILE N   H    sing N N 140 
ILE N   H2   sing N N 141 
ILE CA  C    sing N N 142 
ILE CA  CB   sing N N 143 
ILE CA  HA   sing N N 144 
ILE C   O    doub N N 145 
ILE C   OXT  sing N N 146 
ILE CB  CG1  sing N N 147 
ILE CB  CG2  sing N N 148 
ILE CB  HB   sing N N 149 
ILE CG1 CD1  sing N N 150 
ILE CG1 HG12 sing N N 151 
ILE CG1 HG13 sing N N 152 
ILE CG2 HG21 sing N N 153 
ILE CG2 HG22 sing N N 154 
ILE CG2 HG23 sing N N 155 
ILE CD1 HD11 sing N N 156 
ILE CD1 HD12 sing N N 157 
ILE CD1 HD13 sing N N 158 
ILE OXT HXT  sing N N 159 
LEU N   CA   sing N N 160 
LEU N   H    sing N N 161 
LEU N   H2   sing N N 162 
LEU CA  C    sing N N 163 
LEU CA  CB   sing N N 164 
LEU CA  HA   sing N N 165 
LEU C   O    doub N N 166 
LEU C   OXT  sing N N 167 
LEU CB  CG   sing N N 168 
LEU CB  HB2  sing N N 169 
LEU CB  HB3  sing N N 170 
LEU CG  CD1  sing N N 171 
LEU CG  CD2  sing N N 172 
LEU CG  HG   sing N N 173 
LEU CD1 HD11 sing N N 174 
LEU CD1 HD12 sing N N 175 
LEU CD1 HD13 sing N N 176 
LEU CD2 HD21 sing N N 177 
LEU CD2 HD22 sing N N 178 
LEU CD2 HD23 sing N N 179 
LEU OXT HXT  sing N N 180 
LYS N   CA   sing N N 181 
LYS N   H    sing N N 182 
LYS N   H2   sing N N 183 
LYS CA  C    sing N N 184 
LYS CA  CB   sing N N 185 
LYS CA  HA   sing N N 186 
LYS C   O    doub N N 187 
LYS C   OXT  sing N N 188 
LYS CB  CG   sing N N 189 
LYS CB  HB2  sing N N 190 
LYS CB  HB3  sing N N 191 
LYS CG  CD   sing N N 192 
LYS CG  HG2  sing N N 193 
LYS CG  HG3  sing N N 194 
LYS CD  CE   sing N N 195 
LYS CD  HD2  sing N N 196 
LYS CD  HD3  sing N N 197 
LYS CE  NZ   sing N N 198 
LYS CE  HE2  sing N N 199 
LYS CE  HE3  sing N N 200 
LYS NZ  HZ1  sing N N 201 
LYS NZ  HZ2  sing N N 202 
LYS NZ  HZ3  sing N N 203 
LYS OXT HXT  sing N N 204 
MET N   CA   sing N N 205 
MET N   H    sing N N 206 
MET N   H2   sing N N 207 
MET CA  C    sing N N 208 
MET CA  CB   sing N N 209 
MET CA  HA   sing N N 210 
MET C   O    doub N N 211 
MET C   OXT  sing N N 212 
MET CB  CG   sing N N 213 
MET CB  HB2  sing N N 214 
MET CB  HB3  sing N N 215 
MET CG  SD   sing N N 216 
MET CG  HG2  sing N N 217 
MET CG  HG3  sing N N 218 
MET SD  CE   sing N N 219 
MET CE  HE1  sing N N 220 
MET CE  HE2  sing N N 221 
MET CE  HE3  sing N N 222 
MET OXT HXT  sing N N 223 
MPD C1  C2   sing N N 224 
MPD C1  H11  sing N N 225 
MPD C1  H12  sing N N 226 
MPD C1  H13  sing N N 227 
MPD C2  O2   sing N N 228 
MPD C2  CM   sing N N 229 
MPD C2  C3   sing N N 230 
MPD O2  HO2  sing N N 231 
MPD CM  HM1  sing N N 232 
MPD CM  HM2  sing N N 233 
MPD CM  HM3  sing N N 234 
MPD C3  C4   sing N N 235 
MPD C3  H31  sing N N 236 
MPD C3  H32  sing N N 237 
MPD C4  O4   sing N N 238 
MPD C4  C5   sing N N 239 
MPD C4  H4   sing N N 240 
MPD O4  HO4  sing N N 241 
MPD C5  H51  sing N N 242 
MPD C5  H52  sing N N 243 
MPD C5  H53  sing N N 244 
MSE N   CA   sing N N 245 
MSE N   H    sing N N 246 
MSE N   H2   sing N N 247 
MSE CA  C    sing N N 248 
MSE CA  CB   sing N N 249 
MSE CA  HA   sing N N 250 
MSE C   O    doub N N 251 
MSE C   OXT  sing N N 252 
MSE OXT HXT  sing N N 253 
MSE CB  CG   sing N N 254 
MSE CB  HB2  sing N N 255 
MSE CB  HB3  sing N N 256 
MSE CG  SE   sing N N 257 
MSE CG  HG2  sing N N 258 
MSE CG  HG3  sing N N 259 
MSE SE  CE   sing N N 260 
MSE CE  HE1  sing N N 261 
MSE CE  HE2  sing N N 262 
MSE CE  HE3  sing N N 263 
PHE N   CA   sing N N 264 
PHE N   H    sing N N 265 
PHE N   H2   sing N N 266 
PHE CA  C    sing N N 267 
PHE CA  CB   sing N N 268 
PHE CA  HA   sing N N 269 
PHE C   O    doub N N 270 
PHE C   OXT  sing N N 271 
PHE CB  CG   sing N N 272 
PHE CB  HB2  sing N N 273 
PHE CB  HB3  sing N N 274 
PHE CG  CD1  doub Y N 275 
PHE CG  CD2  sing Y N 276 
PHE CD1 CE1  sing Y N 277 
PHE CD1 HD1  sing N N 278 
PHE CD2 CE2  doub Y N 279 
PHE CD2 HD2  sing N N 280 
PHE CE1 CZ   doub Y N 281 
PHE CE1 HE1  sing N N 282 
PHE CE2 CZ   sing Y N 283 
PHE CE2 HE2  sing N N 284 
PHE CZ  HZ   sing N N 285 
PHE OXT HXT  sing N N 286 
PRO N   CA   sing N N 287 
PRO N   CD   sing N N 288 
PRO N   H    sing N N 289 
PRO CA  C    sing N N 290 
PRO CA  CB   sing N N 291 
PRO CA  HA   sing N N 292 
PRO C   O    doub N N 293 
PRO C   OXT  sing N N 294 
PRO CB  CG   sing N N 295 
PRO CB  HB2  sing N N 296 
PRO CB  HB3  sing N N 297 
PRO CG  CD   sing N N 298 
PRO CG  HG2  sing N N 299 
PRO CG  HG3  sing N N 300 
PRO CD  HD2  sing N N 301 
PRO CD  HD3  sing N N 302 
PRO OXT HXT  sing N N 303 
SER N   CA   sing N N 304 
SER N   H    sing N N 305 
SER N   H2   sing N N 306 
SER CA  C    sing N N 307 
SER CA  CB   sing N N 308 
SER CA  HA   sing N N 309 
SER C   O    doub N N 310 
SER C   OXT  sing N N 311 
SER CB  OG   sing N N 312 
SER CB  HB2  sing N N 313 
SER CB  HB3  sing N N 314 
SER OG  HG   sing N N 315 
SER OXT HXT  sing N N 316 
THR N   CA   sing N N 317 
THR N   H    sing N N 318 
THR N   H2   sing N N 319 
THR CA  C    sing N N 320 
THR CA  CB   sing N N 321 
THR CA  HA   sing N N 322 
THR C   O    doub N N 323 
THR C   OXT  sing N N 324 
THR CB  OG1  sing N N 325 
THR CB  CG2  sing N N 326 
THR CB  HB   sing N N 327 
THR OG1 HG1  sing N N 328 
THR CG2 HG21 sing N N 329 
THR CG2 HG22 sing N N 330 
THR CG2 HG23 sing N N 331 
THR OXT HXT  sing N N 332 
TYR N   CA   sing N N 333 
TYR N   H    sing N N 334 
TYR N   H2   sing N N 335 
TYR CA  C    sing N N 336 
TYR CA  CB   sing N N 337 
TYR CA  HA   sing N N 338 
TYR C   O    doub N N 339 
TYR C   OXT  sing N N 340 
TYR CB  CG   sing N N 341 
TYR CB  HB2  sing N N 342 
TYR CB  HB3  sing N N 343 
TYR CG  CD1  doub Y N 344 
TYR CG  CD2  sing Y N 345 
TYR CD1 CE1  sing Y N 346 
TYR CD1 HD1  sing N N 347 
TYR CD2 CE2  doub Y N 348 
TYR CD2 HD2  sing N N 349 
TYR CE1 CZ   doub Y N 350 
TYR CE1 HE1  sing N N 351 
TYR CE2 CZ   sing Y N 352 
TYR CE2 HE2  sing N N 353 
TYR CZ  OH   sing N N 354 
TYR OH  HH   sing N N 355 
TYR OXT HXT  sing N N 356 
VAL N   CA   sing N N 357 
VAL N   H    sing N N 358 
VAL N   H2   sing N N 359 
VAL CA  C    sing N N 360 
VAL CA  CB   sing N N 361 
VAL CA  HA   sing N N 362 
VAL C   O    doub N N 363 
VAL C   OXT  sing N N 364 
VAL CB  CG1  sing N N 365 
VAL CB  CG2  sing N N 366 
VAL CB  HB   sing N N 367 
VAL CG1 HG11 sing N N 368 
VAL CG1 HG12 sing N N 369 
VAL CG1 HG13 sing N N 370 
VAL CG2 HG21 sing N N 371 
VAL CG2 HG22 sing N N 372 
VAL CG2 HG23 sing N N 373 
VAL OXT HXT  sing N N 374 
# 
_atom_sites.entry_id                    2ZCW 
_atom_sites.fract_transf_matrix[1][1]   -0.00098379 
_atom_sites.fract_transf_matrix[1][2]   0.01785029 
_atom_sites.fract_transf_matrix[1][3]   0.00476301 
_atom_sites.fract_transf_matrix[2][1]   -0.01722026 
_atom_sites.fract_transf_matrix[2][2]   0.00084171 
_atom_sites.fract_transf_matrix[2][3]   -0.00671126 
_atom_sites.fract_transf_matrix[3][1]   -0.00244875 
_atom_sites.fract_transf_matrix[3][2]   -0.00175284 
_atom_sites.fract_transf_matrix[3][3]   0.00606334 
_atom_sites.fract_transf_vector[1]      0.503884 
_atom_sites.fract_transf_vector[2]      0.556724 
_atom_sites.fract_transf_vector[3]      0.085127 
# 
loop_
_atom_type.symbol 
C  
N  
O  
SE 
# 
loop_
_atom_site.group_PDB 
_atom_site.id 
_atom_site.type_symbol 
_atom_site.label_atom_id 
_atom_site.label_alt_id 
_atom_site.label_comp_id 
_atom_site.label_asym_id 
_atom_site.label_entity_id 
_atom_site.label_seq_id 
_atom_site.pdbx_PDB_ins_code 
_atom_site.Cartn_x 
_atom_site.Cartn_y 
_atom_site.Cartn_z 
_atom_site.occupancy 
_atom_site.B_iso_or_equiv 
_atom_site.pdbx_formal_charge 
_atom_site.auth_seq_id 
_atom_site.auth_comp_id 
_atom_site.auth_asym_id 
_atom_site.auth_atom_id 
_atom_site.pdbx_PDB_model_num 
ATOM   1    N  N   . GLU A 1 6   ? 17.906  -15.420 9.876   1.00 52.21 ? 5   GLU A N   1 
ATOM   2    C  CA  . GLU A 1 6   ? 17.398  -14.593 11.007  1.00 51.62 ? 5   GLU A CA  1 
ATOM   3    C  C   . GLU A 1 6   ? 16.069  -13.936 10.644  1.00 49.57 ? 5   GLU A C   1 
ATOM   4    O  O   . GLU A 1 6   ? 15.780  -13.713 9.467   1.00 48.85 ? 5   GLU A O   1 
ATOM   5    C  CB  . GLU A 1 6   ? 18.429  -13.523 11.378  1.00 54.08 ? 5   GLU A CB  1 
ATOM   6    C  CG  . GLU A 1 6   ? 18.786  -12.581 10.243  1.00 58.40 ? 5   GLU A CG  1 
ATOM   7    C  CD  . GLU A 1 6   ? 19.916  -11.637 10.604  1.00 61.28 ? 5   GLU A CD  1 
ATOM   8    O  OE1 . GLU A 1 6   ? 19.803  -10.937 11.634  1.00 62.50 ? 5   GLU A OE1 1 
ATOM   9    O  OE2 . GLU A 1 6   ? 20.917  -11.590 9.856   1.00 61.99 ? 5   GLU A OE2 1 
ATOM   10   N  N   . THR A 1 7   ? 15.266  -13.630 11.659  1.00 46.07 ? 6   THR A N   1 
ATOM   11   C  CA  . THR A 1 7   ? 13.963  -13.009 11.448  1.00 43.45 ? 6   THR A CA  1 
ATOM   12   C  C   . THR A 1 7   ? 13.682  -11.923 12.481  1.00 41.29 ? 6   THR A C   1 
ATOM   13   O  O   . THR A 1 7   ? 14.126  -12.010 13.625  1.00 41.72 ? 6   THR A O   1 
ATOM   14   C  CB  . THR A 1 7   ? 12.834  -14.060 11.518  1.00 42.68 ? 6   THR A CB  1 
ATOM   15   O  OG1 . THR A 1 7   ? 13.004  -15.017 10.466  1.00 42.27 ? 6   THR A OG1 1 
ATOM   16   C  CG2 . THR A 1 7   ? 11.479  -13.399 11.374  1.00 43.67 ? 6   THR A CG2 1 
ATOM   17   N  N   . VAL A 1 8   ? 12.938  -10.900 12.070  1.00 38.18 ? 7   VAL A N   1 
ATOM   18   C  CA  . VAL A 1 8   ? 12.590  -9.792  12.952  1.00 35.80 ? 7   VAL A CA  1 
ATOM   19   C  C   . VAL A 1 8   ? 11.100  -9.490  12.853  1.00 36.68 ? 7   VAL A C   1 
ATOM   20   O  O   . VAL A 1 8   ? 10.500  -9.630  11.787  1.00 35.87 ? 7   VAL A O   1 
ATOM   21   C  CB  . VAL A 1 8   ? 13.379  -8.517  12.582  1.00 36.53 ? 7   VAL A CB  1 
ATOM   22   C  CG1 . VAL A 1 8   ? 13.028  -7.389  13.541  1.00 35.77 ? 7   VAL A CG1 1 
ATOM   23   C  CG2 . VAL A 1 8   ? 14.871  -8.803  12.620  1.00 36.05 ? 7   VAL A CG2 1 
ATOM   24   N  N   . SER A 1 9   ? 10.504  -9.075  13.967  1.00 34.14 ? 8   SER A N   1 
ATOM   25   C  CA  . SER A 1 9   ? 9.080   -8.767  13.993  1.00 32.48 ? 8   SER A CA  1 
ATOM   26   C  C   . SER A 1 9   ? 8.796   -7.321  14.384  1.00 32.47 ? 8   SER A C   1 
ATOM   27   O  O   . SER A 1 9   ? 9.573   -6.691  15.103  1.00 33.31 ? 8   SER A O   1 
ATOM   28   C  CB  . SER A 1 9   ? 8.356   -9.706  14.962  1.00 32.25 ? 8   SER A CB  1 
ATOM   29   O  OG  . SER A 1 9   ? 8.535   -11.063 14.593  1.00 35.57 ? 8   SER A OG  1 
ATOM   30   N  N   . PHE A 1 10  ? 7.670   -6.810  13.900  1.00 32.09 ? 9   PHE A N   1 
ATOM   31   C  CA  . PHE A 1 10  ? 7.231   -5.448  14.179  1.00 30.80 ? 9   PHE A CA  1 
ATOM   32   C  C   . PHE A 1 10  ? 5.722   -5.463  14.402  1.00 33.15 ? 9   PHE A C   1 
ATOM   33   O  O   . PHE A 1 10  ? 5.005   -6.250  13.786  1.00 33.59 ? 9   PHE A O   1 
ATOM   34   C  CB  . PHE A 1 10  ? 7.557   -4.529  12.996  1.00 28.93 ? 9   PHE A CB  1 
ATOM   35   C  CG  . PHE A 1 10  ? 9.015   -4.189  12.868  1.00 30.18 ? 9   PHE A CG  1 
ATOM   36   C  CD1 . PHE A 1 10  ? 9.557   -3.116  13.570  1.00 29.48 ? 9   PHE A CD1 1 
ATOM   37   C  CD2 . PHE A 1 10  ? 9.851   -4.939  12.047  1.00 28.85 ? 9   PHE A CD2 1 
ATOM   38   C  CE1 . PHE A 1 10  ? 10.910  -2.794  13.455  1.00 28.39 ? 9   PHE A CE1 1 
ATOM   39   C  CE2 . PHE A 1 10  ? 11.206  -4.626  11.926  1.00 27.04 ? 9   PHE A CE2 1 
ATOM   40   C  CZ  . PHE A 1 10  ? 11.735  -3.550  12.632  1.00 26.84 ? 9   PHE A CZ  1 
ATOM   41   N  N   . LYS A 1 11  ? 5.241   -4.601  15.290  1.00 34.12 ? 10  LYS A N   1 
ATOM   42   C  CA  . LYS A 1 11  ? 3.811   -4.526  15.565  1.00 34.03 ? 10  LYS A CA  1 
ATOM   43   C  C   . LYS A 1 11  ? 3.177   -3.475  14.666  1.00 33.27 ? 10  LYS A C   1 
ATOM   44   O  O   . LYS A 1 11  ? 3.839   -2.524  14.249  1.00 31.94 ? 10  LYS A O   1 
ATOM   45   C  CB  . LYS A 1 11  ? 3.566   -4.169  17.036  1.00 37.63 ? 10  LYS A CB  1 
ATOM   46   C  CG  . LYS A 1 11  ? 3.954   -5.266  18.015  1.00 42.40 ? 10  LYS A CG  1 
ATOM   47   C  CD  . LYS A 1 11  ? 3.143   -6.535  17.769  1.00 47.70 ? 10  LYS A CD  1 
ATOM   48   C  CE  . LYS A 1 11  ? 3.472   -7.619  18.785  1.00 50.59 ? 10  LYS A CE  1 
ATOM   49   N  NZ  . LYS A 1 11  ? 3.117   -7.211  20.173  1.00 52.10 ? 10  LYS A NZ  1 
ATOM   50   N  N   . ALA A 1 12  ? 1.896   -3.653  14.364  1.00 30.43 ? 11  ALA A N   1 
ATOM   51   C  CA  . ALA A 1 12  ? 1.180   -2.716  13.511  1.00 30.57 ? 11  ALA A CA  1 
ATOM   52   C  C   . ALA A 1 12  ? 1.414   -1.278  13.958  1.00 31.64 ? 11  ALA A C   1 
ATOM   53   O  O   . ALA A 1 12  ? 1.206   -0.935  15.126  1.00 32.63 ? 11  ALA A O   1 
ATOM   54   C  CB  . ALA A 1 12  ? -0.311  -3.033  13.522  1.00 30.95 ? 11  ALA A CB  1 
ATOM   55   N  N   . GLY A 1 13  ? 1.859   -0.443  13.026  1.00 31.90 ? 12  GLY A N   1 
ATOM   56   C  CA  . GLY A 1 13  ? 2.107   0.952   13.339  1.00 31.42 ? 12  GLY A CA  1 
ATOM   57   C  C   . GLY A 1 13  ? 3.566   1.291   13.586  1.00 30.62 ? 12  GLY A C   1 
ATOM   58   O  O   . GLY A 1 13  ? 3.933   2.462   13.581  1.00 31.34 ? 12  GLY A O   1 
ATOM   59   N  N   . ASP A 1 14  ? 4.400   0.278   13.802  1.00 31.56 ? 13  ASP A N   1 
ATOM   60   C  CA  . ASP A 1 14  ? 5.818   0.518   14.052  1.00 31.14 ? 13  ASP A CA  1 
ATOM   61   C  C   . ASP A 1 14  ? 6.583   0.922   12.801  1.00 30.68 ? 13  ASP A C   1 
ATOM   62   O  O   . ASP A 1 14  ? 6.396   0.340   11.731  1.00 29.68 ? 13  ASP A O   1 
ATOM   63   C  CB  . ASP A 1 14  ? 6.480   -0.720  14.659  1.00 37.91 ? 13  ASP A CB  1 
ATOM   64   C  CG  . ASP A 1 14  ? 6.000   -1.007  16.064  1.00 41.22 ? 13  ASP A CG  1 
ATOM   65   O  OD1 . ASP A 1 14  ? 5.907   -0.053  16.865  1.00 46.50 ? 13  ASP A OD1 1 
ATOM   66   O  OD2 . ASP A 1 14  ? 5.727   -2.183  16.370  1.00 46.81 ? 13  ASP A OD2 1 
ATOM   67   N  N   . VAL A 1 15  ? 7.443   1.926   12.948  1.00 30.02 ? 14  VAL A N   1 
ATOM   68   C  CA  . VAL A 1 15  ? 8.264   2.418   11.849  1.00 27.82 ? 14  VAL A CA  1 
ATOM   69   C  C   . VAL A 1 15  ? 9.423   1.451   11.650  1.00 27.51 ? 14  VAL A C   1 
ATOM   70   O  O   . VAL A 1 15  ? 10.148  1.134   12.595  1.00 28.24 ? 14  VAL A O   1 
ATOM   71   C  CB  . VAL A 1 15  ? 8.833   3.820   12.155  1.00 28.31 ? 14  VAL A CB  1 
ATOM   72   C  CG1 . VAL A 1 15  ? 9.711   4.293   11.003  1.00 27.49 ? 14  VAL A CG1 1 
ATOM   73   C  CG2 . VAL A 1 15  ? 7.699   4.797   12.396  1.00 27.87 ? 14  VAL A CG2 1 
ATOM   74   N  N   . ILE A 1 16  ? 9.594   0.986   10.418  1.00 21.61 ? 15  ILE A N   1 
ATOM   75   C  CA  . ILE A 1 16  ? 10.655  0.042   10.103  1.00 20.79 ? 15  ILE A CA  1 
ATOM   76   C  C   . ILE A 1 16  ? 11.872  0.749   9.513   1.00 17.72 ? 15  ILE A C   1 
ATOM   77   O  O   . ILE A 1 16  ? 13.011  0.417   9.851   1.00 18.94 ? 15  ILE A O   1 
ATOM   78   C  CB  . ILE A 1 16  ? 10.149  -1.030  9.117   1.00 21.05 ? 15  ILE A CB  1 
ATOM   79   C  CG1 . ILE A 1 16  ? 8.899   -1.703  9.692   1.00 23.13 ? 15  ILE A CG1 1 
ATOM   80   C  CG2 . ILE A 1 16  ? 11.232  -2.065  8.865   1.00 22.98 ? 15  ILE A CG2 1 
ATOM   81   C  CD1 . ILE A 1 16  ? 8.220   -2.657  8.730   1.00 23.01 ? 15  ILE A CD1 1 
ATOM   82   N  N   . LEU A 1 17  ? 11.625  1.717   8.636   1.00 18.37 ? 16  LEU A N   1 
ATOM   83   C  CA  . LEU A 1 17  ? 12.695  2.484   7.999   1.00 17.74 ? 16  LEU A CA  1 
ATOM   84   C  C   . LEU A 1 17  ? 12.306  3.952   7.896   1.00 18.16 ? 16  LEU A C   1 
ATOM   85   O  O   . LEU A 1 17  ? 11.132  4.282   7.731   1.00 18.49 ? 16  LEU A O   1 
ATOM   86   C  CB  . LEU A 1 17  ? 12.990  1.939   6.592   1.00 17.67 ? 16  LEU A CB  1 
ATOM   87   C  CG  . LEU A 1 17  ? 13.516  0.507   6.476   1.00 18.07 ? 16  LEU A CG  1 
ATOM   88   C  CD1 . LEU A 1 17  ? 13.613  0.114   5.000   1.00 16.71 ? 16  LEU A CD1 1 
ATOM   89   C  CD2 . LEU A 1 17  ? 14.880  0.402   7.151   1.00 20.40 ? 16  LEU A CD2 1 
ATOM   90   N  N   . TYR A 1 18  ? 13.302  4.827   7.997   1.00 17.35 ? 17  TYR A N   1 
ATOM   91   C  CA  . TYR A 1 18  ? 13.098  6.271   7.908   1.00 17.33 ? 17  TYR A CA  1 
ATOM   92   C  C   . TYR A 1 18  ? 13.758  6.778   6.627   1.00 17.28 ? 17  TYR A C   1 
ATOM   93   O  O   . TYR A 1 18  ? 14.735  6.199   6.154   1.00 18.98 ? 17  TYR A O   1 
ATOM   94   C  CB  . TYR A 1 18  ? 13.755  6.977   9.104   1.00 18.86 ? 17  TYR A CB  1 
ATOM   95   C  CG  . TYR A 1 18  ? 13.246  6.549   10.467  1.00 19.23 ? 17  TYR A CG  1 
ATOM   96   C  CD1 . TYR A 1 18  ? 12.329  7.335   11.169  1.00 22.19 ? 17  TYR A CD1 1 
ATOM   97   C  CD2 . TYR A 1 18  ? 13.691  5.370   11.063  1.00 20.74 ? 17  TYR A CD2 1 
ATOM   98   C  CE1 . TYR A 1 18  ? 11.875  6.957   12.432  1.00 21.73 ? 17  TYR A CE1 1 
ATOM   99   C  CE2 . TYR A 1 18  ? 13.240  4.982   12.323  1.00 22.89 ? 17  TYR A CE2 1 
ATOM   100  C  CZ  . TYR A 1 18  ? 12.334  5.783   13.002  1.00 22.24 ? 17  TYR A CZ  1 
ATOM   101  O  OH  . TYR A 1 18  ? 11.891  5.410   14.248  1.00 24.50 ? 17  TYR A OH  1 
ATOM   102  N  N   . PRO A 1 19  ? 13.238  7.870   6.047   1.00 17.95 ? 18  PRO A N   1 
ATOM   103  C  CA  . PRO A 1 19  ? 13.813  8.431   4.820   1.00 19.62 ? 18  PRO A CA  1 
ATOM   104  C  C   . PRO A 1 19  ? 15.217  8.972   5.088   1.00 18.92 ? 18  PRO A C   1 
ATOM   105  O  O   . PRO A 1 19  ? 15.536  9.341   6.220   1.00 23.06 ? 18  PRO A O   1 
ATOM   106  C  CB  . PRO A 1 19  ? 12.843  9.557   4.461   1.00 21.55 ? 18  PRO A CB  1 
ATOM   107  C  CG  . PRO A 1 19  ? 11.561  9.115   5.068   1.00 22.91 ? 18  PRO A CG  1 
ATOM   108  C  CD  . PRO A 1 19  ? 11.984  8.561   6.394   1.00 18.29 ? 18  PRO A CD  1 
ATOM   109  N  N   . GLY A 1 20  ? 16.043  9.026   4.048   1.00 19.85 ? 19  GLY A N   1 
ATOM   110  C  CA  . GLY A 1 20  ? 17.394  9.537   4.197   1.00 21.41 ? 19  GLY A CA  1 
ATOM   111  C  C   . GLY A 1 20  ? 18.440  8.615   3.603   1.00 21.73 ? 19  GLY A C   1 
ATOM   112  O  O   . GLY A 1 20  ? 18.112  7.595   2.997   1.00 19.78 ? 19  GLY A O   1 
ATOM   113  N  N   . VAL A 1 21  ? 19.709  8.980   3.759   1.00 22.60 ? 20  VAL A N   1 
ATOM   114  C  CA  . VAL A 1 21  ? 20.787  8.147   3.246   1.00 23.11 ? 20  VAL A CA  1 
ATOM   115  C  C   . VAL A 1 21  ? 20.904  6.954   4.187   1.00 20.42 ? 20  VAL A C   1 
ATOM   116  O  O   . VAL A 1 21  ? 21.088  7.120   5.388   1.00 21.60 ? 20  VAL A O   1 
ATOM   117  C  CB  . VAL A 1 21  ? 22.128  8.905   3.224   1.00 26.81 ? 20  VAL A CB  1 
ATOM   118  C  CG1 . VAL A 1 21  ? 23.229  7.989   2.721   1.00 27.48 ? 20  VAL A CG1 1 
ATOM   119  C  CG2 . VAL A 1 21  ? 22.013  10.135  2.332   1.00 30.42 ? 20  VAL A CG2 1 
ATOM   120  N  N   . PRO A 1 22  ? 20.795  5.731   3.652   1.00 20.75 ? 21  PRO A N   1 
ATOM   121  C  CA  . PRO A 1 22  ? 20.891  4.529   4.488   1.00 19.22 ? 21  PRO A CA  1 
ATOM   122  C  C   . PRO A 1 22  ? 22.156  4.466   5.339   1.00 19.64 ? 21  PRO A C   1 
ATOM   123  O  O   . PRO A 1 22  ? 23.241  4.823   4.879   1.00 20.85 ? 21  PRO A O   1 
ATOM   124  C  CB  . PRO A 1 22  ? 20.839  3.395   3.470   1.00 20.44 ? 21  PRO A CB  1 
ATOM   125  C  CG  . PRO A 1 22  ? 20.004  3.969   2.373   1.00 20.54 ? 21  PRO A CG  1 
ATOM   126  C  CD  . PRO A 1 22  ? 20.549  5.371   2.246   1.00 20.95 ? 21  PRO A CD  1 
ATOM   127  N  N   . GLY A 1 23  ? 21.997  4.015   6.582   1.00 19.00 ? 22  GLY A N   1 
ATOM   128  C  CA  . GLY A 1 23  ? 23.134  3.878   7.475   1.00 18.46 ? 22  GLY A CA  1 
ATOM   129  C  C   . GLY A 1 23  ? 23.977  2.715   6.988   1.00 18.11 ? 22  GLY A C   1 
ATOM   130  O  O   . GLY A 1 23  ? 23.488  1.880   6.226   1.00 16.51 ? 22  GLY A O   1 
ATOM   131  N  N   . PRO A 1 24  ? 25.245  2.616   7.416   1.00 17.70 ? 23  PRO A N   1 
ATOM   132  C  CA  . PRO A 1 24  ? 26.126  1.526   6.985   1.00 18.12 ? 23  PRO A CA  1 
ATOM   133  C  C   . PRO A 1 24  ? 25.687  0.109   7.355   1.00 17.56 ? 23  PRO A C   1 
ATOM   134  O  O   . PRO A 1 24  ? 26.164  -0.862  6.766   1.00 20.24 ? 23  PRO A O   1 
ATOM   135  C  CB  . PRO A 1 24  ? 27.475  1.913   7.597   1.00 18.78 ? 23  PRO A CB  1 
ATOM   136  C  CG  . PRO A 1 24  ? 27.077  2.634   8.849   1.00 17.93 ? 23  PRO A CG  1 
ATOM   137  C  CD  . PRO A 1 24  ? 25.923  3.494   8.390   1.00 17.34 ? 23  PRO A CD  1 
ATOM   138  N  N   . ARG A 1 25  ? 24.779  -0.021  8.319   1.00 17.26 ? 24  ARG A N   1 
ATOM   139  C  CA  . ARG A 1 25  ? 24.311  -1.343  8.712   1.00 16.53 ? 24  ARG A CA  1 
ATOM   140  C  C   . ARG A 1 25  ? 22.824  -1.525  8.420   1.00 18.28 ? 24  ARG A C   1 
ATOM   141  O  O   . ARG A 1 25  ? 22.197  -2.468  8.907   1.00 19.59 ? 24  ARG A O   1 
ATOM   142  C  CB  . ARG A 1 25  ? 24.608  -1.599  10.198  1.00 16.35 ? 24  ARG A CB  1 
ATOM   143  C  CG  . ARG A 1 25  ? 26.107  -1.621  10.516  1.00 15.48 ? 24  ARG A CG  1 
ATOM   144  C  CD  . ARG A 1 25  ? 26.389  -2.009  11.964  1.00 14.12 ? 24  ARG A CD  1 
ATOM   145  N  NE  . ARG A 1 25  ? 25.987  -3.383  12.238  1.00 14.79 ? 24  ARG A NE  1 
ATOM   146  C  CZ  . ARG A 1 25  ? 24.894  -3.727  12.915  1.00 15.10 ? 24  ARG A CZ  1 
ATOM   147  N  NH1 . ARG A 1 25  ? 24.082  -2.797  13.403  1.00 15.46 ? 24  ARG A NH1 1 
ATOM   148  N  NH2 . ARG A 1 25  ? 24.610  -5.010  13.104  1.00 17.78 ? 24  ARG A NH2 1 
ATOM   149  N  N   . ASP A 1 26  ? 22.265  -0.623  7.618   1.00 17.80 ? 25  ASP A N   1 
ATOM   150  C  CA  . ASP A 1 26  ? 20.855  -0.710  7.241   1.00 17.88 ? 25  ASP A CA  1 
ATOM   151  C  C   . ASP A 1 26  ? 20.679  -1.937  6.361   1.00 16.23 ? 25  ASP A C   1 
ATOM   152  O  O   . ASP A 1 26  ? 21.542  -2.255  5.545   1.00 19.39 ? 25  ASP A O   1 
ATOM   153  C  CB  . ASP A 1 26  ? 20.420  0.524   6.451   1.00 18.78 ? 25  ASP A CB  1 
ATOM   154  C  CG  . ASP A 1 26  ? 20.131  1.716   7.332   1.00 21.90 ? 25  ASP A CG  1 
ATOM   155  O  OD1 . ASP A 1 26  ? 20.549  1.715   8.509   1.00 23.93 ? 25  ASP A OD1 1 
ATOM   156  O  OD2 . ASP A 1 26  ? 19.490  2.665   6.835   1.00 21.39 ? 25  ASP A OD2 1 
ATOM   157  N  N   . ARG A 1 27  ? 19.555  -2.617  6.519   1.00 18.99 ? 26  ARG A N   1 
ATOM   158  C  CA  . ARG A 1 27  ? 19.296  -3.808  5.726   1.00 17.40 ? 26  ARG A CA  1 
ATOM   159  C  C   . ARG A 1 27  ? 18.009  -3.690  4.931   1.00 15.88 ? 26  ARG A C   1 
ATOM   160  O  O   . ARG A 1 27  ? 17.119  -2.905  5.269   1.00 17.62 ? 26  ARG A O   1 
ATOM   161  C  CB  . ARG A 1 27  ? 19.177  -5.034  6.635   1.00 21.52 ? 26  ARG A CB  1 
ATOM   162  C  CG  . ARG A 1 27  ? 20.427  -5.363  7.435   1.00 24.87 ? 26  ARG A CG  1 
ATOM   163  C  CD  . ARG A 1 27  ? 21.487  -6.017  6.567   1.00 32.82 ? 26  ARG A CD  1 
ATOM   164  N  NE  . ARG A 1 27  ? 22.662  -6.384  7.352   1.00 38.10 ? 26  ARG A NE  1 
ATOM   165  C  CZ  . ARG A 1 27  ? 23.554  -5.511  7.810   1.00 42.54 ? 26  ARG A CZ  1 
ATOM   166  N  NH1 . ARG A 1 27  ? 24.590  -5.929  8.524   1.00 43.81 ? 26  ARG A NH1 1 
ATOM   167  N  NH2 . ARG A 1 27  ? 23.423  -4.222  7.538   1.00 45.31 ? 26  ARG A NH2 1 
ATOM   168  N  N   . ALA A 1 28  ? 17.938  -4.470  3.857   1.00 16.22 ? 27  ALA A N   1 
ATOM   169  C  CA  . ALA A 1 28  ? 16.734  -4.541  3.042   1.00 14.64 ? 27  ALA A CA  1 
ATOM   170  C  C   . ALA A 1 28  ? 15.943  -5.672  3.707   1.00 15.43 ? 27  ALA A C   1 
ATOM   171  O  O   . ALA A 1 28  ? 16.502  -6.459  4.481   1.00 13.94 ? 27  ALA A O   1 
ATOM   172  C  CB  . ALA A 1 28  ? 17.082  -4.905  1.603   1.00 15.40 ? 27  ALA A CB  1 
ATOM   173  N  N   . TYR A 1 29  ? 14.651  -5.761  3.420   1.00 13.59 ? 28  TYR A N   1 
ATOM   174  C  CA  . TYR A 1 29  ? 13.830  -6.801  4.028   1.00 13.92 ? 28  TYR A CA  1 
ATOM   175  C  C   . TYR A 1 29  ? 12.918  -7.521  3.056   1.00 14.37 ? 28  TYR A C   1 
ATOM   176  O  O   . TYR A 1 29  ? 12.507  -6.966  2.040   1.00 14.44 ? 28  TYR A O   1 
ATOM   177  C  CB  . TYR A 1 29  ? 12.924  -6.209  5.106   1.00 14.00 ? 28  TYR A CB  1 
ATOM   178  C  CG  . TYR A 1 29  ? 13.629  -5.608  6.288   1.00 17.32 ? 28  TYR A CG  1 
ATOM   179  C  CD1 . TYR A 1 29  ? 14.082  -6.407  7.334   1.00 18.79 ? 28  TYR A CD1 1 
ATOM   180  C  CD2 . TYR A 1 29  ? 13.832  -4.233  6.370   1.00 16.84 ? 28  TYR A CD2 1 
ATOM   181  C  CE1 . TYR A 1 29  ? 14.720  -5.851  8.437   1.00 21.11 ? 28  TYR A CE1 1 
ATOM   182  C  CE2 . TYR A 1 29  ? 14.471  -3.664  7.468   1.00 21.07 ? 28  TYR A CE2 1 
ATOM   183  C  CZ  . TYR A 1 29  ? 14.910  -4.479  8.494   1.00 24.05 ? 28  TYR A CZ  1 
ATOM   184  O  OH  . TYR A 1 29  ? 15.540  -3.914  9.576   1.00 28.97 ? 28  TYR A OH  1 
ATOM   185  N  N   . ARG A 1 30  ? 12.603  -8.763  3.394   1.00 15.31 ? 29  ARG A N   1 
ATOM   186  C  CA  . ARG A 1 30  ? 11.658  -9.553  2.623   1.00 16.14 ? 29  ARG A CA  1 
ATOM   187  C  C   . ARG A 1 30  ? 10.526  -9.795  3.619   1.00 16.91 ? 29  ARG A C   1 
ATOM   188  O  O   . ARG A 1 30  ? 10.775  -10.175 4.765   1.00 18.17 ? 29  ARG A O   1 
ATOM   189  C  CB  . ARG A 1 30  ? 12.260  -10.885 2.186   1.00 17.72 ? 29  ARG A CB  1 
ATOM   190  C  CG  . ARG A 1 30  ? 11.256  -11.725 1.431   1.00 24.30 ? 29  ARG A CG  1 
ATOM   191  C  CD  . ARG A 1 30  ? 11.747  -13.124 1.157   1.00 31.16 ? 29  ARG A CD  1 
ATOM   192  N  NE  . ARG A 1 30  ? 10.610  -13.989 0.864   1.00 40.50 ? 29  ARG A NE  1 
ATOM   193  C  CZ  . ARG A 1 30  ? 10.696  -15.285 0.598   1.00 41.45 ? 29  ARG A CZ  1 
ATOM   194  N  NH1 . ARG A 1 30  ? 11.876  -15.890 0.581   1.00 46.31 ? 29  ARG A NH1 1 
ATOM   195  N  NH2 . ARG A 1 30  ? 9.593   -15.978 0.358   1.00 45.10 ? 29  ARG A NH2 1 
ATOM   196  N  N   . VAL A 1 31  ? 9.287   -9.553  3.204   1.00 16.21 ? 30  VAL A N   1 
ATOM   197  C  CA  . VAL A 1 31  ? 8.146   -9.750  4.094   1.00 18.31 ? 30  VAL A CA  1 
ATOM   198  C  C   . VAL A 1 31  ? 7.767   -11.226 4.184   1.00 19.19 ? 30  VAL A C   1 
ATOM   199  O  O   . VAL A 1 31  ? 7.632   -11.904 3.167   1.00 19.54 ? 30  VAL A O   1 
ATOM   200  C  CB  . VAL A 1 31  ? 6.907   -8.943  3.615   1.00 18.26 ? 30  VAL A CB  1 
ATOM   201  C  CG1 . VAL A 1 31  ? 5.723   -9.201  4.551   1.00 17.64 ? 30  VAL A CG1 1 
ATOM   202  C  CG2 . VAL A 1 31  ? 7.237   -7.458  3.565   1.00 16.93 ? 30  VAL A CG2 1 
ATOM   203  N  N   . LEU A 1 32  ? 7.616   -11.725 5.408   1.00 20.51 ? 31  LEU A N   1 
ATOM   204  C  CA  . LEU A 1 32  ? 7.234   -13.121 5.611   1.00 22.02 ? 31  LEU A CA  1 
ATOM   205  C  C   . LEU A 1 32  ? 5.747   -13.196 5.942   1.00 23.79 ? 31  LEU A C   1 
ATOM   206  O  O   . LEU A 1 32  ? 5.047   -14.106 5.501   1.00 25.17 ? 31  LEU A O   1 
ATOM   207  C  CB  . LEU A 1 32  ? 8.058   -13.741 6.740   1.00 22.16 ? 31  LEU A CB  1 
ATOM   208  C  CG  . LEU A 1 32  ? 9.573   -13.724 6.521   1.00 21.71 ? 31  LEU A CG  1 
ATOM   209  C  CD1 . LEU A 1 32  ? 10.270  -14.315 7.740   1.00 25.44 ? 31  LEU A CD1 1 
ATOM   210  C  CD2 . LEU A 1 32  ? 9.922   -14.508 5.260   1.00 24.51 ? 31  LEU A CD2 1 
ATOM   211  N  N   . GLU A 1 33  ? 5.274   -12.227 6.716   1.00 24.30 ? 32  GLU A N   1 
ATOM   212  C  CA  . GLU A 1 33  ? 3.869   -12.158 7.097   1.00 25.69 ? 32  GLU A CA  1 
ATOM   213  C  C   . GLU A 1 33  ? 3.464   -10.719 7.352   1.00 24.40 ? 32  GLU A C   1 
ATOM   214  O  O   . GLU A 1 33  ? 4.268   -9.909  7.817   1.00 24.85 ? 32  GLU A O   1 
ATOM   215  C  CB  . GLU A 1 33  ? 3.599   -12.982 8.359   1.00 31.74 ? 32  GLU A CB  1 
ATOM   216  C  CG  . GLU A 1 33  ? 3.546   -14.480 8.136   1.00 43.90 ? 32  GLU A CG  1 
ATOM   217  C  CD  . GLU A 1 33  ? 3.006   -15.225 9.341   1.00 50.17 ? 32  GLU A CD  1 
ATOM   218  O  OE1 . GLU A 1 33  ? 2.920   -16.470 9.281   1.00 54.65 ? 32  GLU A OE1 1 
ATOM   219  O  OE2 . GLU A 1 33  ? 2.669   -14.566 10.349  1.00 53.20 ? 32  GLU A OE2 1 
ATOM   220  N  N   . GLY A 1 34  ? 2.213   -10.399 7.042   1.00 22.76 ? 33  GLY A N   1 
ATOM   221  C  CA  . GLY A 1 34  ? 1.730   -9.051  7.261   1.00 21.21 ? 33  GLY A CA  1 
ATOM   222  C  C   . GLY A 1 34  ? 1.842   -8.131  6.063   1.00 20.95 ? 33  GLY A C   1 
ATOM   223  O  O   . GLY A 1 34  ? 2.199   -8.552  4.959   1.00 20.38 ? 33  GLY A O   1 
ATOM   224  N  N   . LEU A 1 35  ? 1.536   -6.861  6.291   1.00 20.26 ? 34  LEU A N   1 
ATOM   225  C  CA  . LEU A 1 35  ? 1.578   -5.861  5.238   1.00 18.88 ? 34  LEU A CA  1 
ATOM   226  C  C   . LEU A 1 35  ? 2.430   -4.665  5.642   1.00 20.49 ? 34  LEU A C   1 
ATOM   227  O  O   . LEU A 1 35  ? 2.291   -4.135  6.745   1.00 20.16 ? 34  LEU A O   1 
ATOM   228  C  CB  . LEU A 1 35  ? 0.158   -5.386  4.924   1.00 20.78 ? 34  LEU A CB  1 
ATOM   229  C  CG  . LEU A 1 35  ? -0.006  -4.355  3.810   1.00 20.47 ? 34  LEU A CG  1 
ATOM   230  C  CD1 . LEU A 1 35  ? 0.209   -5.026  2.461   1.00 19.66 ? 34  LEU A CD1 1 
ATOM   231  C  CD2 . LEU A 1 35  ? -1.402  -3.745  3.879   1.00 23.24 ? 34  LEU A CD2 1 
ATOM   232  N  N   . VAL A 1 36  ? 3.316   -4.251  4.741   1.00 17.52 ? 35  VAL A N   1 
ATOM   233  C  CA  . VAL A 1 36  ? 4.173   -3.099  4.973   1.00 17.80 ? 35  VAL A CA  1 
ATOM   234  C  C   . VAL A 1 36  ? 3.752   -2.002  4.010   1.00 17.15 ? 35  VAL A C   1 
ATOM   235  O  O   . VAL A 1 36  ? 3.490   -2.256  2.836   1.00 17.96 ? 35  VAL A O   1 
ATOM   236  C  CB  . VAL A 1 36  ? 5.663   -3.435  4.725   1.00 15.34 ? 35  VAL A CB  1 
ATOM   237  C  CG1 . VAL A 1 36  ? 6.493   -2.152  4.708   1.00 18.29 ? 35  VAL A CG1 1 
ATOM   238  C  CG2 . VAL A 1 36  ? 6.172   -4.368  5.818   1.00 15.22 ? 35  VAL A CG2 1 
ATOM   239  N  N   . ARG A 1 37  ? 3.680   -0.777  4.508   1.00 16.72 ? 36  ARG A N   1 
ATOM   240  C  CA  . ARG A 1 37  ? 3.297   0.343   3.673   1.00 16.38 ? 36  ARG A CA  1 
ATOM   241  C  C   . ARG A 1 37  ? 4.474   1.292   3.503   1.00 17.46 ? 36  ARG A C   1 
ATOM   242  O  O   . ARG A 1 37  ? 5.089   1.701   4.484   1.00 18.13 ? 36  ARG A O   1 
ATOM   243  C  CB  . ARG A 1 37  ? 2.121   1.096   4.306   1.00 20.28 ? 36  ARG A CB  1 
ATOM   244  C  CG  . ARG A 1 37  ? 1.685   2.325   3.529   1.00 24.08 ? 36  ARG A CG  1 
ATOM   245  C  CD  . ARG A 1 37  ? 0.574   3.106   4.236   1.00 28.25 ? 36  ARG A CD  1 
ATOM   246  N  NE  . ARG A 1 37  ? -0.671  2.348   4.361   1.00 29.33 ? 36  ARG A NE  1 
ATOM   247  C  CZ  . ARG A 1 37  ? -1.084  1.756   5.479   1.00 32.77 ? 36  ARG A CZ  1 
ATOM   248  N  NH1 . ARG A 1 37  ? -0.355  1.828   6.584   1.00 33.38 ? 36  ARG A NH1 1 
ATOM   249  N  NH2 . ARG A 1 37  ? -2.235  1.093   5.495   1.00 32.86 ? 36  ARG A NH2 1 
ATOM   250  N  N   . LEU A 1 38  ? 4.804   1.620   2.260   1.00 15.74 ? 37  LEU A N   1 
ATOM   251  C  CA  . LEU A 1 38  ? 5.886   2.561   1.991   1.00 16.30 ? 37  LEU A CA  1 
ATOM   252  C  C   . LEU A 1 38  ? 5.191   3.871   1.669   1.00 17.70 ? 37  LEU A C   1 
ATOM   253  O  O   . LEU A 1 38  ? 4.322   3.929   0.797   1.00 16.82 ? 37  LEU A O   1 
ATOM   254  C  CB  . LEU A 1 38  ? 6.730   2.119   0.795   1.00 15.71 ? 37  LEU A CB  1 
ATOM   255  C  CG  . LEU A 1 38  ? 7.309   0.704   0.827   1.00 15.74 ? 37  LEU A CG  1 
ATOM   256  C  CD1 . LEU A 1 38  ? 8.310   0.559   -0.316  1.00 14.66 ? 37  LEU A CD1 1 
ATOM   257  C  CD2 . LEU A 1 38  ? 7.991   0.430   2.174   1.00 13.65 ? 37  LEU A CD2 1 
ATOM   258  N  N   . GLU A 1 39  ? 5.565   4.933   2.365   1.00 18.00 ? 38  GLU A N   1 
ATOM   259  C  CA  . GLU A 1 39  ? 4.901   6.194   2.127   1.00 18.96 ? 38  GLU A CA  1 
ATOM   260  C  C   . GLU A 1 39  ? 5.802   7.410   2.212   1.00 17.97 ? 38  GLU A C   1 
ATOM   261  O  O   . GLU A 1 39  ? 6.811   7.409   2.913   1.00 17.85 ? 38  GLU A O   1 
ATOM   262  C  CB  . GLU A 1 39  ? 3.757   6.336   3.125   1.00 22.56 ? 38  GLU A CB  1 
ATOM   263  C  CG  . GLU A 1 39  ? 4.230   6.379   4.566   1.00 25.84 ? 38  GLU A CG  1 
ATOM   264  C  CD  . GLU A 1 39  ? 3.150   5.997   5.556   1.00 32.01 ? 38  GLU A CD  1 
ATOM   265  O  OE1 . GLU A 1 39  ? 1.996   6.440   5.383   1.00 36.70 ? 38  GLU A OE1 1 
ATOM   266  O  OE2 . GLU A 1 39  ? 3.458   5.258   6.516   1.00 38.46 ? 38  GLU A OE2 1 
ATOM   267  N  N   . ALA A 1 40  ? 5.431   8.441   1.466   1.00 15.86 ? 39  ALA A N   1 
ATOM   268  C  CA  . ALA A 1 40  ? 6.159   9.698   1.483   1.00 16.32 ? 39  ALA A CA  1 
ATOM   269  C  C   . ALA A 1 40  ? 5.359   10.560  2.449   1.00 16.84 ? 39  ALA A C   1 
ATOM   270  O  O   . ALA A 1 40  ? 4.128   10.554  2.413   1.00 17.09 ? 39  ALA A O   1 
ATOM   271  C  CB  . ALA A 1 40  ? 6.173   10.325  0.099   1.00 19.57 ? 39  ALA A CB  1 
ATOM   272  N  N   . VAL A 1 41  ? 6.051   11.277  3.325   1.00 14.02 ? 40  VAL A N   1 
ATOM   273  C  CA  . VAL A 1 41  ? 5.382   12.131  4.296   1.00 15.73 ? 40  VAL A CA  1 
ATOM   274  C  C   . VAL A 1 41  ? 5.866   13.564  4.145   1.00 14.50 ? 40  VAL A C   1 
ATOM   275  O  O   . VAL A 1 41  ? 7.071   13.809  4.086   1.00 16.66 ? 40  VAL A O   1 
ATOM   276  C  CB  . VAL A 1 41  ? 5.655   11.651  5.736   1.00 15.07 ? 40  VAL A CB  1 
ATOM   277  C  CG1 . VAL A 1 41  ? 4.995   12.598  6.734   1.00 18.70 ? 40  VAL A CG1 1 
ATOM   278  C  CG2 . VAL A 1 41  ? 5.124   10.233  5.918   1.00 17.95 ? 40  VAL A CG2 1 
ATOM   279  N  N   . ASP A 1 42  ? 4.933   14.511  4.072   1.00 13.80 ? 41  ASP A N   1 
ATOM   280  C  CA  . ASP A 1 42  ? 5.321   15.910  3.924   1.00 15.78 ? 41  ASP A CA  1 
ATOM   281  C  C   . ASP A 1 42  ? 5.602   16.596  5.258   1.00 15.28 ? 41  ASP A C   1 
ATOM   282  O  O   . ASP A 1 42  ? 5.538   15.972  6.318   1.00 13.70 ? 41  ASP A O   1 
ATOM   283  C  CB  . ASP A 1 42  ? 4.275   16.703  3.119   1.00 18.81 ? 41  ASP A CB  1 
ATOM   284  C  CG  . ASP A 1 42  ? 2.910   16.757  3.787   1.00 21.96 ? 41  ASP A CG  1 
ATOM   285  O  OD1 . ASP A 1 42  ? 2.830   16.764  5.033   1.00 17.95 ? 41  ASP A OD1 1 
ATOM   286  O  OD2 . ASP A 1 42  ? 1.901   16.822  3.054   1.00 23.76 ? 41  ASP A OD2 1 
ATOM   287  N  N   . GLU A 1 43  ? 5.925   17.885  5.187   1.00 15.77 ? 42  GLU A N   1 
ATOM   288  C  CA  . GLU A 1 43  ? 6.258   18.697  6.350   1.00 17.74 ? 42  GLU A CA  1 
ATOM   289  C  C   . GLU A 1 43  ? 5.109   18.873  7.341   1.00 15.42 ? 42  GLU A C   1 
ATOM   290  O  O   . GLU A 1 43  ? 5.332   19.293  8.476   1.00 15.60 ? 42  GLU A O   1 
ATOM   291  C  CB  . GLU A 1 43  ? 6.746   20.075  5.891   1.00 22.52 ? 42  GLU A CB  1 
ATOM   292  C  CG  . GLU A 1 43  ? 7.891   20.042  4.887   1.00 29.64 ? 42  GLU A CG  1 
ATOM   293  C  CD  . GLU A 1 43  ? 7.526   19.343  3.586   1.00 33.05 ? 42  GLU A CD  1 
ATOM   294  O  OE1 . GLU A 1 43  ? 6.441   19.624  3.037   1.00 30.09 ? 42  GLU A OE1 1 
ATOM   295  O  OE2 . GLU A 1 43  ? 8.330   18.512  3.110   1.00 40.05 ? 42  GLU A OE2 1 
ATOM   296  N  N   . GLU A 1 44  ? 3.887   18.569  6.912   1.00 15.08 ? 43  GLU A N   1 
ATOM   297  C  CA  . GLU A 1 44  ? 2.722   18.688  7.788   1.00 15.29 ? 43  GLU A CA  1 
ATOM   298  C  C   . GLU A 1 44  ? 2.314   17.328  8.362   1.00 14.75 ? 43  GLU A C   1 
ATOM   299  O  O   . GLU A 1 44  ? 1.263   17.202  8.986   1.00 16.55 ? 43  GLU A O   1 
ATOM   300  C  CB  . GLU A 1 44  ? 1.540   19.309  7.037   1.00 19.95 ? 43  GLU A CB  1 
ATOM   301  C  CG  . GLU A 1 44  ? 1.819   20.695  6.483   1.00 21.68 ? 43  GLU A CG  1 
ATOM   302  C  CD  . GLU A 1 44  ? 0.587   21.325  5.860   1.00 26.60 ? 43  GLU A CD  1 
ATOM   303  O  OE1 . GLU A 1 44  ? -0.146  20.612  5.145   1.00 28.85 ? 43  GLU A OE1 1 
ATOM   304  O  OE2 . GLU A 1 44  ? 0.352   22.533  6.075   1.00 29.33 ? 43  GLU A OE2 1 
ATOM   305  N  N   . GLY A 1 45  ? 3.143   16.314  8.135   1.00 13.79 ? 44  GLY A N   1 
ATOM   306  C  CA  . GLY A 1 45  ? 2.875   14.988  8.668   1.00 15.85 ? 44  GLY A CA  1 
ATOM   307  C  C   . GLY A 1 45  ? 1.893   14.115  7.915   1.00 16.05 ? 44  GLY A C   1 
ATOM   308  O  O   . GLY A 1 45  ? 1.522   13.041  8.396   1.00 17.87 ? 44  GLY A O   1 
ATOM   309  N  N   . ASN A 1 46  ? 1.463   14.565  6.745   1.00 15.62 ? 45  ASN A N   1 
ATOM   310  C  CA  . ASN A 1 46  ? 0.522   13.791  5.954   1.00 16.54 ? 45  ASN A CA  1 
ATOM   311  C  C   . ASN A 1 46  ? 1.239   12.932  4.928   1.00 16.51 ? 45  ASN A C   1 
ATOM   312  O  O   . ASN A 1 46  ? 2.295   13.302  4.414   1.00 16.42 ? 45  ASN A O   1 
ATOM   313  C  CB  . ASN A 1 46  ? -0.492  14.723  5.305   1.00 15.90 ? 45  ASN A CB  1 
ATOM   314  C  CG  . ASN A 1 46  ? -1.422  15.340  6.329   1.00 17.99 ? 45  ASN A CG  1 
ATOM   315  O  OD1 . ASN A 1 46  ? -2.041  14.629  7.126   1.00 17.84 ? 45  ASN A OD1 1 
ATOM   316  N  ND2 . ASN A 1 46  ? -1.520  16.662  6.322   1.00 20.21 ? 45  ASN A ND2 1 
ATOM   317  N  N   . ALA A 1 47  ? 0.647   11.782  4.629   1.00 15.96 ? 46  ALA A N   1 
ATOM   318  C  CA  . ALA A 1 47  ? 1.271   10.834  3.726   1.00 15.37 ? 46  ALA A CA  1 
ATOM   319  C  C   . ALA A 1 47  ? 0.633   10.586  2.371   1.00 15.64 ? 46  ALA A C   1 
ATOM   320  O  O   . ALA A 1 47  ? -0.532  10.904  2.120   1.00 15.38 ? 46  ALA A O   1 
ATOM   321  C  CB  . ALA A 1 47  ? 1.422   9.500   4.448   1.00 18.06 ? 46  ALA A CB  1 
ATOM   322  N  N   . LEU A 1 48  ? 1.452   10.010  1.501   1.00 13.94 ? 47  LEU A N   1 
ATOM   323  C  CA  . LEU A 1 48  ? 1.060   9.601   0.161   1.00 13.43 ? 47  LEU A CA  1 
ATOM   324  C  C   . LEU A 1 48  ? 1.631   8.194   0.095   1.00 13.43 ? 47  LEU A C   1 
ATOM   325  O  O   . LEU A 1 48  ? 2.842   8.006   0.207   1.00 14.92 ? 47  LEU A O   1 
ATOM   326  C  CB  . LEU A 1 48  ? 1.712   10.481  -0.913  1.00 15.36 ? 47  LEU A CB  1 
ATOM   327  C  CG  . LEU A 1 48  ? 1.562   9.979   -2.355  1.00 19.58 ? 47  LEU A CG  1 
ATOM   328  C  CD1 . LEU A 1 48  ? 0.099   10.011  -2.763  1.00 23.09 ? 47  LEU A CD1 1 
ATOM   329  C  CD2 . LEU A 1 48  ? 2.391   10.849  -3.292  1.00 21.46 ? 47  LEU A CD2 1 
ATOM   330  N  N   . THR A 1 49  ? 0.767   7.198   -0.047  1.00 13.91 ? 48  THR A N   1 
ATOM   331  C  CA  . THR A 1 49  ? 1.233   5.819   -0.106  1.00 14.64 ? 48  THR A CA  1 
ATOM   332  C  C   . THR A 1 49  ? 1.909   5.583   -1.451  1.00 15.99 ? 48  THR A C   1 
ATOM   333  O  O   . THR A 1 49  ? 1.346   5.885   -2.500  1.00 20.31 ? 48  THR A O   1 
ATOM   334  C  CB  . THR A 1 49  ? 0.061   4.835   0.073   1.00 15.07 ? 48  THR A CB  1 
ATOM   335  O  OG1 . THR A 1 49  ? -0.585  5.100   1.324   1.00 22.21 ? 48  THR A OG1 1 
ATOM   336  C  CG2 . THR A 1 49  ? 0.564   3.395   0.072   1.00 21.33 ? 48  THR A CG2 1 
ATOM   337  N  N   . LEU A 1 50  ? 3.127   5.054   -1.409  1.00 15.85 ? 49  LEU A N   1 
ATOM   338  C  CA  . LEU A 1 50  ? 3.885   4.796   -2.627  1.00 15.58 ? 49  LEU A CA  1 
ATOM   339  C  C   . LEU A 1 50  ? 3.788   3.341   -3.065  1.00 17.14 ? 49  LEU A C   1 
ATOM   340  O  O   . LEU A 1 50  ? 3.758   3.049   -4.262  1.00 19.50 ? 49  LEU A O   1 
ATOM   341  C  CB  . LEU A 1 50  ? 5.356   5.172   -2.417  1.00 17.31 ? 49  LEU A CB  1 
ATOM   342  C  CG  . LEU A 1 50  ? 5.636   6.659   -2.177  1.00 15.09 ? 49  LEU A CG  1 
ATOM   343  C  CD1 . LEU A 1 50  ? 7.095   6.853   -1.796  1.00 15.67 ? 49  LEU A CD1 1 
ATOM   344  C  CD2 . LEU A 1 50  ? 5.292   7.463   -3.423  1.00 17.76 ? 49  LEU A CD2 1 
ATOM   345  N  N   . ARG A 1 51  ? 3.731   2.434   -2.096  1.00 17.03 ? 50  ARG A N   1 
ATOM   346  C  CA  . ARG A 1 51  ? 3.653   1.015   -2.399  1.00 18.52 ? 50  ARG A CA  1 
ATOM   347  C  C   . ARG A 1 51  ? 3.275   0.180   -1.181  1.00 20.24 ? 50  ARG A C   1 
ATOM   348  O  O   . ARG A 1 51  ? 3.617   0.521   -0.048  1.00 20.66 ? 50  ARG A O   1 
ATOM   349  C  CB  . ARG A 1 51  ? 5.007   0.545   -2.951  1.00 17.78 ? 50  ARG A CB  1 
ATOM   350  C  CG  . ARG A 1 51  ? 5.060   -0.910  -3.381  1.00 16.31 ? 50  ARG A CG  1 
ATOM   351  C  CD  . ARG A 1 51  ? 6.235   -1.147  -4.327  1.00 16.95 ? 50  ARG A CD  1 
ATOM   352  N  NE  . ARG A 1 51  ? 7.544   -1.140  -3.672  1.00 15.73 ? 50  ARG A NE  1 
ATOM   353  C  CZ  . ARG A 1 51  ? 8.116   -2.217  -3.141  1.00 15.03 ? 50  ARG A CZ  1 
ATOM   354  N  NH1 . ARG A 1 51  ? 7.489   -3.385  -3.179  1.00 16.39 ? 50  ARG A NH1 1 
ATOM   355  N  NH2 . ARG A 1 51  ? 9.328   -2.139  -2.604  1.00 13.71 ? 50  ARG A NH2 1 
ATOM   356  N  N   . LEU A 1 52  ? 2.540   -0.902  -1.417  1.00 16.61 ? 51  LEU A N   1 
ATOM   357  C  CA  . LEU A 1 52  ? 2.169   -1.813  -0.349  1.00 16.96 ? 51  LEU A CA  1 
ATOM   358  C  C   . LEU A 1 52  ? 2.985   -3.072  -0.615  1.00 17.84 ? 51  LEU A C   1 
ATOM   359  O  O   . LEU A 1 52  ? 3.051   -3.542  -1.751  1.00 17.94 ? 51  LEU A O   1 
ATOM   360  C  CB  . LEU A 1 52  ? 0.669   -2.135  -0.385  1.00 21.95 ? 51  LEU A CB  1 
ATOM   361  C  CG  . LEU A 1 52  ? -0.289  -0.972  -0.098  1.00 22.39 ? 51  LEU A CG  1 
ATOM   362  C  CD1 . LEU A 1 52  ? -1.714  -1.501  -0.037  1.00 26.93 ? 51  LEU A CD1 1 
ATOM   363  C  CD2 . LEU A 1 52  ? 0.077   -0.297  1.217   1.00 23.09 ? 51  LEU A CD2 1 
ATOM   364  N  N   . VAL A 1 53  ? 3.616   -3.603  0.423   1.00 16.22 ? 52  VAL A N   1 
ATOM   365  C  CA  . VAL A 1 53  ? 4.439   -4.799  0.282   1.00 15.07 ? 52  VAL A CA  1 
ATOM   366  C  C   . VAL A 1 53  ? 3.772   -5.963  1.007   1.00 15.86 ? 52  VAL A C   1 
ATOM   367  O  O   . VAL A 1 53  ? 3.578   -5.921  2.217   1.00 17.60 ? 52  VAL A O   1 
ATOM   368  C  CB  . VAL A 1 53  ? 5.858   -4.569  0.870   1.00 14.34 ? 52  VAL A CB  1 
ATOM   369  C  CG1 . VAL A 1 53  ? 6.796   -5.690  0.427   1.00 14.64 ? 52  VAL A CG1 1 
ATOM   370  C  CG2 . VAL A 1 53  ? 6.390   -3.215  0.434   1.00 15.41 ? 52  VAL A CG2 1 
ATOM   371  N  N   . ARG A 1 54  ? 3.412   -6.997  0.250   1.00 17.39 ? 53  ARG A N   1 
ATOM   372  C  CA  . ARG A 1 54  ? 2.756   -8.177  0.805   1.00 19.64 ? 53  ARG A CA  1 
ATOM   373  C  C   . ARG A 1 54  ? 3.782   -9.279  1.065   1.00 19.43 ? 53  ARG A C   1 
ATOM   374  O  O   . ARG A 1 54  ? 4.947   -9.149  0.688   1.00 18.62 ? 53  ARG A O   1 
ATOM   375  C  CB  . ARG A 1 54  ? 1.690   -8.674  -0.178  1.00 21.99 ? 53  ARG A CB  1 
ATOM   376  C  CG  . ARG A 1 54  ? 0.660   -7.611  -0.547  1.00 30.83 ? 53  ARG A CG  1 
ATOM   377  C  CD  . ARG A 1 54  ? -0.253  -8.078  -1.671  1.00 36.58 ? 53  ARG A CD  1 
ATOM   378  N  NE  . ARG A 1 54  ? -0.966  -9.304  -1.322  1.00 44.89 ? 53  ARG A NE  1 
ATOM   379  C  CZ  . ARG A 1 54  ? -1.860  -9.896  -2.107  1.00 47.28 ? 53  ARG A CZ  1 
ATOM   380  N  NH1 . ARG A 1 54  ? -2.156  -9.375  -3.291  1.00 48.16 ? 53  ARG A NH1 1 
ATOM   381  N  NH2 . ARG A 1 54  ? -2.459  -11.011 -1.709  1.00 48.62 ? 53  ARG A NH2 1 
ATOM   382  N  N   . PRO A 1 55  ? 3.367   -10.377 1.721   1.00 18.55 ? 54  PRO A N   1 
ATOM   383  C  CA  . PRO A 1 55  ? 4.313   -11.462 1.990   1.00 18.75 ? 54  PRO A CA  1 
ATOM   384  C  C   . PRO A 1 55  ? 5.030   -11.893 0.717   1.00 19.76 ? 54  PRO A C   1 
ATOM   385  O  O   . PRO A 1 55  ? 4.407   -12.070 -0.334  1.00 19.68 ? 54  PRO A O   1 
ATOM   386  C  CB  . PRO A 1 55  ? 3.422   -12.555 2.566   1.00 22.88 ? 54  PRO A CB  1 
ATOM   387  C  CG  . PRO A 1 55  ? 2.404   -11.761 3.316   1.00 20.83 ? 54  PRO A CG  1 
ATOM   388  C  CD  . PRO A 1 55  ? 2.060   -10.660 2.344   1.00 22.03 ? 54  PRO A CD  1 
ATOM   389  N  N   . GLY A 1 56  ? 6.346   -12.052 0.821   1.00 18.57 ? 55  GLY A N   1 
ATOM   390  C  CA  . GLY A 1 56  ? 7.142   -12.439 -0.325  1.00 17.34 ? 55  GLY A CA  1 
ATOM   391  C  C   . GLY A 1 56  ? 7.777   -11.232 -0.994  1.00 14.88 ? 55  GLY A C   1 
ATOM   392  O  O   . GLY A 1 56  ? 8.736   -11.366 -1.751  1.00 15.88 ? 55  GLY A O   1 
ATOM   393  N  N   . GLY A 1 57  ? 7.238   -10.052 -0.703  1.00 14.64 ? 56  GLY A N   1 
ATOM   394  C  CA  . GLY A 1 57  ? 7.748   -8.826  -1.286  1.00 13.01 ? 56  GLY A CA  1 
ATOM   395  C  C   . GLY A 1 57  ? 8.983   -8.298  -0.581  1.00 13.62 ? 56  GLY A C   1 
ATOM   396  O  O   . GLY A 1 57  ? 9.332   -8.741  0.515   1.00 13.43 ? 56  GLY A O   1 
ATOM   397  N  N   . PHE A 1 58  ? 9.633   -7.331  -1.217  1.00 11.96 ? 57  PHE A N   1 
ATOM   398  C  CA  . PHE A 1 58  ? 10.856  -6.726  -0.698  1.00 12.19 ? 57  PHE A CA  1 
ATOM   399  C  C   . PHE A 1 58  ? 10.754  -5.209  -0.585  1.00 13.67 ? 57  PHE A C   1 
ATOM   400  O  O   . PHE A 1 58  ? 10.002  -4.569  -1.317  1.00 14.60 ? 57  PHE A O   1 
ATOM   401  C  CB  . PHE A 1 58  ? 12.022  -7.014  -1.647  1.00 13.16 ? 57  PHE A CB  1 
ATOM   402  C  CG  . PHE A 1 58  ? 12.397  -8.462  -1.761  1.00 14.09 ? 57  PHE A CG  1 
ATOM   403  C  CD1 . PHE A 1 58  ? 13.500  -8.960  -1.074  1.00 15.06 ? 57  PHE A CD1 1 
ATOM   404  C  CD2 . PHE A 1 58  ? 11.680  -9.318  -2.589  1.00 12.53 ? 57  PHE A CD2 1 
ATOM   405  C  CE1 . PHE A 1 58  ? 13.888  -10.294 -1.217  1.00 15.69 ? 57  PHE A CE1 1 
ATOM   406  C  CE2 . PHE A 1 58  ? 12.058  -10.656 -2.739  1.00 12.82 ? 57  PHE A CE2 1 
ATOM   407  C  CZ  . PHE A 1 58  ? 13.161  -11.145 -2.055  1.00 14.44 ? 57  PHE A CZ  1 
ATOM   408  N  N   . PHE A 1 59  ? 11.531  -4.640  0.328   1.00 12.37 ? 58  PHE A N   1 
ATOM   409  C  CA  . PHE A 1 59  ? 11.607  -3.192  0.470   1.00 11.45 ? 58  PHE A CA  1 
ATOM   410  C  C   . PHE A 1 59  ? 12.919  -2.840  1.169   1.00 12.18 ? 58  PHE A C   1 
ATOM   411  O  O   . PHE A 1 59  ? 13.593  -3.722  1.705   1.00 12.97 ? 58  PHE A O   1 
ATOM   412  C  CB  . PHE A 1 59  ? 10.380  -2.626  1.209   1.00 13.44 ? 58  PHE A CB  1 
ATOM   413  C  CG  . PHE A 1 59  ? 10.308  -3.002  2.652   1.00 13.18 ? 58  PHE A CG  1 
ATOM   414  C  CD1 . PHE A 1 59  ? 10.840  -2.162  3.625   1.00 14.27 ? 58  PHE A CD1 1 
ATOM   415  C  CD2 . PHE A 1 59  ? 9.716   -4.198  3.042   1.00 12.32 ? 58  PHE A CD2 1 
ATOM   416  C  CE1 . PHE A 1 59  ? 10.781  -2.509  4.974   1.00 15.33 ? 58  PHE A CE1 1 
ATOM   417  C  CE2 . PHE A 1 59  ? 9.655   -4.554  4.388   1.00 15.44 ? 58  PHE A CE2 1 
ATOM   418  C  CZ  . PHE A 1 59  ? 10.190  -3.705  5.357   1.00 16.07 ? 58  PHE A CZ  1 
ATOM   419  N  N   . GLY A 1 60  ? 13.297  -1.567  1.121   1.00 12.27 ? 59  GLY A N   1 
ATOM   420  C  CA  . GLY A 1 60  ? 14.544  -1.137  1.730   1.00 12.49 ? 59  GLY A CA  1 
ATOM   421  C  C   . GLY A 1 60  ? 15.750  -1.520  0.884   1.00 11.93 ? 59  GLY A C   1 
ATOM   422  O  O   . GLY A 1 60  ? 16.887  -1.418  1.339   1.00 12.88 ? 59  GLY A O   1 
ATOM   423  N  N   . GLU A 1 61  ? 15.493  -1.945  -0.353  1.00 12.53 ? 60  GLU A N   1 
ATOM   424  C  CA  . GLU A 1 61  ? 16.538  -2.370  -1.277  1.00 15.27 ? 60  GLU A CA  1 
ATOM   425  C  C   . GLU A 1 61  ? 17.612  -1.312  -1.522  1.00 14.89 ? 60  GLU A C   1 
ATOM   426  O  O   . GLU A 1 61  ? 18.752  -1.648  -1.864  1.00 14.51 ? 60  GLU A O   1 
ATOM   427  C  CB  . GLU A 1 61  ? 15.918  -2.780  -2.622  1.00 17.02 ? 60  GLU A CB  1 
ATOM   428  C  CG  . GLU A 1 61  ? 15.203  -1.650  -3.370  1.00 19.90 ? 60  GLU A CG  1 
ATOM   429  C  CD  . GLU A 1 61  ? 13.736  -1.484  -2.997  1.00 21.96 ? 60  GLU A CD  1 
ATOM   430  O  OE1 . GLU A 1 61  ? 13.279  -2.073  -1.995  1.00 18.45 ? 60  GLU A OE1 1 
ATOM   431  O  OE2 . GLU A 1 61  ? 13.030  -0.742  -3.717  1.00 23.74 ? 60  GLU A OE2 1 
ATOM   432  N  N   . GLU A 1 62  ? 17.261  -0.041  -1.352  1.00 13.55 ? 61  GLU A N   1 
ATOM   433  C  CA  . GLU A 1 62  ? 18.235  1.017   -1.571  1.00 13.24 ? 61  GLU A CA  1 
ATOM   434  C  C   . GLU A 1 62  ? 19.468  0.875   -0.681  1.00 14.52 ? 61  GLU A C   1 
ATOM   435  O  O   . GLU A 1 62  ? 20.535  1.394   -1.009  1.00 16.92 ? 61  GLU A O   1 
ATOM   436  C  CB  . GLU A 1 62  ? 17.601  2.403   -1.374  1.00 16.48 ? 61  GLU A CB  1 
ATOM   437  C  CG  . GLU A 1 62  ? 17.011  2.680   -0.002  1.00 17.34 ? 61  GLU A CG  1 
ATOM   438  C  CD  . GLU A 1 62  ? 15.704  1.948   0.255   1.00 17.53 ? 61  GLU A CD  1 
ATOM   439  O  OE1 . GLU A 1 62  ? 15.027  1.536   -0.718  1.00 16.76 ? 61  GLU A OE1 1 
ATOM   440  O  OE2 . GLU A 1 62  ? 15.340  1.806   1.437   1.00 16.96 ? 61  GLU A OE2 1 
ATOM   441  N  N   . ALA A 1 63  ? 19.325  0.173   0.441   1.00 14.71 ? 62  ALA A N   1 
ATOM   442  C  CA  . ALA A 1 63  ? 20.445  -0.029  1.361   1.00 14.30 ? 62  ALA A CA  1 
ATOM   443  C  C   . ALA A 1 63  ? 21.523  -0.918  0.753   1.00 16.83 ? 62  ALA A C   1 
ATOM   444  O  O   . ALA A 1 63  ? 22.684  -0.868  1.158   1.00 17.73 ? 62  ALA A O   1 
ATOM   445  C  CB  . ALA A 1 63  ? 19.943  -0.645  2.668   1.00 16.73 ? 62  ALA A CB  1 
ATOM   446  N  N   . LEU A 1 64  ? 21.133  -1.738  -0.217  1.00 15.21 ? 63  LEU A N   1 
ATOM   447  C  CA  . LEU A 1 64  ? 22.071  -2.633  -0.885  1.00 17.41 ? 63  LEU A CA  1 
ATOM   448  C  C   . LEU A 1 64  ? 22.921  -1.877  -1.901  1.00 19.04 ? 63  LEU A C   1 
ATOM   449  O  O   . LEU A 1 64  ? 23.997  -2.345  -2.287  1.00 20.71 ? 63  LEU A O   1 
ATOM   450  C  CB  . LEU A 1 64  ? 21.307  -3.737  -1.628  1.00 17.15 ? 63  LEU A CB  1 
ATOM   451  C  CG  . LEU A 1 64  ? 20.518  -4.767  -0.815  1.00 18.83 ? 63  LEU A CG  1 
ATOM   452  C  CD1 . LEU A 1 64  ? 19.596  -5.564  -1.728  1.00 21.33 ? 63  LEU A CD1 1 
ATOM   453  C  CD2 . LEU A 1 64  ? 21.492  -5.695  -0.103  1.00 22.59 ? 63  LEU A CD2 1 
ATOM   454  N  N   . PHE A 1 65  ? 22.445  -0.704  -2.311  1.00 18.22 ? 64  PHE A N   1 
ATOM   455  C  CA  . PHE A 1 65  ? 23.114  0.086   -3.339  1.00 19.28 ? 64  PHE A CA  1 
ATOM   456  C  C   . PHE A 1 65  ? 23.548  1.503   -2.963  1.00 20.54 ? 64  PHE A C   1 
ATOM   457  O  O   . PHE A 1 65  ? 23.970  2.272   -3.829  1.00 22.78 ? 64  PHE A O   1 
ATOM   458  C  CB  . PHE A 1 65  ? 22.196  0.155   -4.563  1.00 17.67 ? 64  PHE A CB  1 
ATOM   459  C  CG  . PHE A 1 65  ? 21.557  -1.162  -4.908  1.00 16.69 ? 64  PHE A CG  1 
ATOM   460  C  CD1 . PHE A 1 65  ? 22.328  -2.220  -5.385  1.00 18.39 ? 64  PHE A CD1 1 
ATOM   461  C  CD2 . PHE A 1 65  ? 20.188  -1.352  -4.742  1.00 16.30 ? 64  PHE A CD2 1 
ATOM   462  C  CE1 . PHE A 1 65  ? 21.743  -3.449  -5.692  1.00 17.06 ? 64  PHE A CE1 1 
ATOM   463  C  CE2 . PHE A 1 65  ? 19.592  -2.581  -5.046  1.00 15.66 ? 64  PHE A CE2 1 
ATOM   464  C  CZ  . PHE A 1 65  ? 20.371  -3.629  -5.520  1.00 17.63 ? 64  PHE A CZ  1 
ATOM   465  N  N   . GLY A 1 66  ? 23.441  1.857   -1.688  1.00 21.02 ? 65  GLY A N   1 
ATOM   466  C  CA  . GLY A 1 66  ? 23.837  3.188   -1.263  1.00 21.53 ? 65  GLY A CA  1 
ATOM   467  C  C   . GLY A 1 66  ? 22.947  4.297   -1.802  1.00 20.36 ? 65  GLY A C   1 
ATOM   468  O  O   . GLY A 1 66  ? 23.354  5.458   -1.858  1.00 24.67 ? 65  GLY A O   1 
ATOM   469  N  N   . GLN A 1 67  ? 21.729  3.941   -2.195  1.00 18.79 ? 66  GLN A N   1 
ATOM   470  C  CA  . GLN A 1 67  ? 20.773  4.906   -2.733  1.00 17.37 ? 66  GLN A CA  1 
ATOM   471  C  C   . GLN A 1 67  ? 19.940  5.530   -1.620  1.00 16.94 ? 66  GLN A C   1 
ATOM   472  O  O   . GLN A 1 67  ? 19.604  4.871   -0.638  1.00 17.43 ? 66  GLN A O   1 
ATOM   473  C  CB  . GLN A 1 67  ? 19.846  4.213   -3.735  1.00 20.18 ? 66  GLN A CB  1 
ATOM   474  C  CG  . GLN A 1 67  ? 20.562  3.664   -4.964  1.00 22.72 ? 66  GLN A CG  1 
ATOM   475  C  CD  . GLN A 1 67  ? 19.737  2.638   -5.719  1.00 23.32 ? 66  GLN A CD  1 
ATOM   476  O  OE1 . GLN A 1 67  ? 20.118  2.196   -6.808  1.00 22.44 ? 66  GLN A OE1 1 
ATOM   477  N  NE2 . GLN A 1 67  ? 18.608  2.244   -5.141  1.00 19.95 ? 66  GLN A NE2 1 
ATOM   478  N  N   . GLU A 1 68  ? 19.598  6.802   -1.778  1.00 18.53 ? 67  GLU A N   1 
ATOM   479  C  CA  . GLU A 1 68  ? 18.796  7.483   -0.772  1.00 19.17 ? 67  GLU A CA  1 
ATOM   480  C  C   . GLU A 1 68  ? 17.399  6.872   -0.663  1.00 18.18 ? 67  GLU A C   1 
ATOM   481  O  O   . GLU A 1 68  ? 16.798  6.486   -1.664  1.00 19.02 ? 67  GLU A O   1 
ATOM   482  C  CB  . GLU A 1 68  ? 18.675  8.974   -1.106  1.00 23.73 ? 67  GLU A CB  1 
ATOM   483  C  CG  . GLU A 1 68  ? 17.700  9.725   -0.207  1.00 29.82 ? 67  GLU A CG  1 
ATOM   484  C  CD  . GLU A 1 68  ? 17.695  11.221  -0.457  1.00 37.81 ? 67  GLU A CD  1 
ATOM   485  O  OE1 . GLU A 1 68  ? 17.527  11.631  -1.627  1.00 39.93 ? 67  GLU A OE1 1 
ATOM   486  O  OE2 . GLU A 1 68  ? 17.855  11.987  0.519   1.00 39.53 ? 67  GLU A OE2 1 
ATOM   487  N  N   . ARG A 1 69  ? 16.894  6.780   0.564   1.00 16.83 ? 68  ARG A N   1 
ATOM   488  C  CA  . ARG A 1 69  ? 15.559  6.254   0.820   1.00 17.01 ? 68  ARG A CA  1 
ATOM   489  C  C   . ARG A 1 69  ? 14.642  7.476   0.877   1.00 18.39 ? 68  ARG A C   1 
ATOM   490  O  O   . ARG A 1 69  ? 14.827  8.360   1.714   1.00 17.04 ? 68  ARG A O   1 
ATOM   491  C  CB  . ARG A 1 69  ? 15.541  5.516   2.161   1.00 17.78 ? 68  ARG A CB  1 
ATOM   492  C  CG  . ARG A 1 69  ? 14.225  4.834   2.494   1.00 18.78 ? 68  ARG A CG  1 
ATOM   493  C  CD  . ARG A 1 69  ? 14.297  4.125   3.846   1.00 17.16 ? 68  ARG A CD  1 
ATOM   494  N  NE  . ARG A 1 69  ? 15.394  3.154   3.917   1.00 17.34 ? 68  ARG A NE  1 
ATOM   495  C  CZ  . ARG A 1 69  ? 16.457  3.279   4.708   1.00 19.67 ? 68  ARG A CZ  1 
ATOM   496  N  NH1 . ARG A 1 69  ? 16.581  4.332   5.503   1.00 23.31 ? 68  ARG A NH1 1 
ATOM   497  N  NH2 . ARG A 1 69  ? 17.404  2.347   4.705   1.00 19.75 ? 68  ARG A NH2 1 
ATOM   498  N  N   . ILE A 1 70  ? 13.667  7.548   -0.019  1.00 16.94 ? 69  ILE A N   1 
ATOM   499  C  CA  . ILE A 1 70  ? 12.776  8.698   -0.029  1.00 18.35 ? 69  ILE A CA  1 
ATOM   500  C  C   . ILE A 1 70  ? 11.433  8.396   0.614   1.00 19.65 ? 69  ILE A C   1 
ATOM   501  O  O   . ILE A 1 70  ? 10.470  9.140   0.429   1.00 25.83 ? 69  ILE A O   1 
ATOM   502  C  CB  . ILE A 1 70  ? 12.549  9.207   -1.471  1.00 21.44 ? 69  ILE A CB  1 
ATOM   503  C  CG1 . ILE A 1 70  ? 11.784  8.164   -2.291  1.00 23.56 ? 69  ILE A CG1 1 
ATOM   504  C  CG2 . ILE A 1 70  ? 13.887  9.500   -2.126  1.00 21.63 ? 69  ILE A CG2 1 
ATOM   505  C  CD1 . ILE A 1 70  ? 11.390  8.652   -3.673  1.00 25.10 ? 69  ILE A CD1 1 
ATOM   506  N  N   . TYR A 1 71  ? 11.380  7.323   1.397   1.00 16.85 ? 70  TYR A N   1 
ATOM   507  C  CA  . TYR A 1 71  ? 10.137  6.918   2.037   1.00 17.42 ? 70  TYR A CA  1 
ATOM   508  C  C   . TYR A 1 71  ? 10.282  6.362   3.450   1.00 18.23 ? 70  TYR A C   1 
ATOM   509  O  O   . TYR A 1 71  ? 11.381  6.028   3.898   1.00 16.24 ? 70  TYR A O   1 
ATOM   510  C  CB  . TYR A 1 71  ? 9.460   5.852   1.164   1.00 17.45 ? 70  TYR A CB  1 
ATOM   511  C  CG  . TYR A 1 71  ? 10.301  4.597   0.938   1.00 17.16 ? 70  TYR A CG  1 
ATOM   512  C  CD1 . TYR A 1 71  ? 10.345  3.573   1.889   1.00 15.30 ? 70  TYR A CD1 1 
ATOM   513  C  CD2 . TYR A 1 71  ? 11.026  4.428   -0.243  1.00 15.33 ? 70  TYR A CD2 1 
ATOM   514  C  CE1 . TYR A 1 71  ? 11.091  2.400   1.661   1.00 15.99 ? 70  TYR A CE1 1 
ATOM   515  C  CE2 . TYR A 1 71  ? 11.777  3.264   -0.478  1.00 17.27 ? 70  TYR A CE2 1 
ATOM   516  C  CZ  . TYR A 1 71  ? 11.799  2.256   0.472   1.00 16.55 ? 70  TYR A CZ  1 
ATOM   517  O  OH  . TYR A 1 71  ? 12.492  1.091   0.207   1.00 16.33 ? 70  TYR A OH  1 
ATOM   518  N  N   . PHE A 1 72  ? 9.151   6.289   4.147   1.00 17.66 ? 71  PHE A N   1 
ATOM   519  C  CA  . PHE A 1 72  ? 9.078   5.680   5.463   1.00 17.27 ? 71  PHE A CA  1 
ATOM   520  C  C   . PHE A 1 72  ? 8.543   4.280   5.154   1.00 17.36 ? 71  PHE A C   1 
ATOM   521  O  O   . PHE A 1 72  ? 7.746   4.114   4.227   1.00 17.89 ? 71  PHE A O   1 
ATOM   522  C  CB  . PHE A 1 72  ? 8.029   6.356   6.359   1.00 18.56 ? 71  PHE A CB  1 
ATOM   523  C  CG  . PHE A 1 72  ? 8.521   7.560   7.104   1.00 22.19 ? 71  PHE A CG  1 
ATOM   524  C  CD1 . PHE A 1 72  ? 8.520   8.812   6.509   1.00 21.44 ? 71  PHE A CD1 1 
ATOM   525  C  CD2 . PHE A 1 72  ? 8.953   7.440   8.422   1.00 22.76 ? 71  PHE A CD2 1 
ATOM   526  C  CE1 . PHE A 1 72  ? 8.937   9.940   7.218   1.00 22.76 ? 71  PHE A CE1 1 
ATOM   527  C  CE2 . PHE A 1 72  ? 9.371   8.559   9.140   1.00 22.88 ? 71  PHE A CE2 1 
ATOM   528  C  CZ  . PHE A 1 72  ? 9.362   9.810   8.536   1.00 23.65 ? 71  PHE A CZ  1 
ATOM   529  N  N   . ALA A 1 73  ? 8.989   3.283   5.907   1.00 16.64 ? 72  ALA A N   1 
ATOM   530  C  CA  . ALA A 1 73  ? 8.485   1.926   5.758   1.00 17.71 ? 72  ALA A CA  1 
ATOM   531  C  C   . ALA A 1 73  ? 7.763   1.690   7.084   1.00 20.68 ? 72  ALA A C   1 
ATOM   532  O  O   . ALA A 1 73  ? 8.393   1.640   8.139   1.00 22.12 ? 72  ALA A O   1 
ATOM   533  C  CB  . ALA A 1 73  ? 9.626   0.934   5.578   1.00 18.49 ? 72  ALA A CB  1 
ATOM   534  N  N   . GLU A 1 74  ? 6.439   1.579   7.024   1.00 21.07 ? 73  GLU A N   1 
ATOM   535  C  CA  . GLU A 1 74  ? 5.619   1.382   8.212   1.00 24.15 ? 73  GLU A CA  1 
ATOM   536  C  C   . GLU A 1 74  ? 4.900   0.039   8.206   1.00 24.77 ? 73  GLU A C   1 
ATOM   537  O  O   . GLU A 1 74  ? 4.494   -0.454  7.153   1.00 22.30 ? 73  GLU A O   1 
ATOM   538  C  CB  . GLU A 1 74  ? 4.587   2.510   8.307   1.00 27.49 ? 73  GLU A CB  1 
ATOM   539  C  CG  . GLU A 1 74  ? 3.519   2.306   9.370   1.00 37.04 ? 73  GLU A CG  1 
ATOM   540  C  CD  . GLU A 1 74  ? 2.402   3.326   9.273   1.00 41.38 ? 73  GLU A CD  1 
ATOM   541  O  OE1 . GLU A 1 74  ? 1.757   3.402   8.203   1.00 43.30 ? 73  GLU A OE1 1 
ATOM   542  O  OE2 . GLU A 1 74  ? 2.166   4.050   10.263  1.00 45.10 ? 73  GLU A OE2 1 
ATOM   543  N  N   . ALA A 1 75  ? 4.743   -0.551  9.388   1.00 24.52 ? 74  ALA A N   1 
ATOM   544  C  CA  . ALA A 1 75  ? 4.048   -1.825  9.512   1.00 24.46 ? 74  ALA A CA  1 
ATOM   545  C  C   . ALA A 1 75  ? 2.549   -1.541  9.503   1.00 27.07 ? 74  ALA A C   1 
ATOM   546  O  O   . ALA A 1 75  ? 2.016   -0.995  10.468  1.00 25.75 ? 74  ALA A O   1 
ATOM   547  C  CB  . ALA A 1 75  ? 4.446   -2.521  10.810  1.00 25.71 ? 74  ALA A CB  1 
ATOM   548  N  N   . ALA A 1 76  ? 1.876   -1.894  8.410   1.00 25.37 ? 75  ALA A N   1 
ATOM   549  C  CA  . ALA A 1 76  ? 0.434   -1.668  8.287   1.00 26.33 ? 75  ALA A CA  1 
ATOM   550  C  C   . ALA A 1 76  ? -0.322  -2.606  9.223   1.00 25.36 ? 75  ALA A C   1 
ATOM   551  O  O   . ALA A 1 76  ? -1.392  -2.273  9.736   1.00 28.12 ? 75  ALA A O   1 
ATOM   552  C  CB  . ALA A 1 76  ? -0.011  -1.888  6.843   1.00 24.82 ? 75  ALA A CB  1 
ATOM   553  N  N   . THR A 1 77  ? 0.245   -3.787  9.429   1.00 26.75 ? 76  THR A N   1 
ATOM   554  C  CA  . THR A 1 77  ? -0.319  -4.795  10.317  1.00 26.44 ? 76  THR A CA  1 
ATOM   555  C  C   . THR A 1 77  ? 0.892   -5.326  11.059  1.00 27.94 ? 76  THR A C   1 
ATOM   556  O  O   . THR A 1 77  ? 2.014   -4.874  10.811  1.00 27.35 ? 76  THR A O   1 
ATOM   557  C  CB  . THR A 1 77  ? -0.945  -5.975  9.532   1.00 25.07 ? 76  THR A CB  1 
ATOM   558  O  OG1 . THR A 1 77  ? 0.087   -6.693  8.840   1.00 24.30 ? 76  THR A OG1 1 
ATOM   559  C  CG2 . THR A 1 77  ? -1.970  -5.473  8.527   1.00 26.38 ? 76  THR A CG2 1 
ATOM   560  N  N   . ASP A 1 78  ? 0.687   -6.265  11.976  1.00 27.69 ? 77  ASP A N   1 
ATOM   561  C  CA  . ASP A 1 78  ? 1.823   -6.847  12.665  1.00 29.38 ? 77  ASP A CA  1 
ATOM   562  C  C   . ASP A 1 78  ? 2.581   -7.541  11.538  1.00 28.52 ? 77  ASP A C   1 
ATOM   563  O  O   . ASP A 1 78  ? 1.969   -8.153  10.660  1.00 26.66 ? 77  ASP A O   1 
ATOM   564  C  CB  . ASP A 1 78  ? 1.373   -7.868  13.715  1.00 33.49 ? 77  ASP A CB  1 
ATOM   565  C  CG  . ASP A 1 78  ? 0.634   -7.224  14.873  1.00 36.21 ? 77  ASP A CG  1 
ATOM   566  O  OD1 . ASP A 1 78  ? 1.095   -6.169  15.354  1.00 37.94 ? 77  ASP A OD1 1 
ATOM   567  O  OD2 . ASP A 1 78  ? -0.398  -7.776  15.311  1.00 39.67 ? 77  ASP A OD2 1 
ATOM   568  N  N   . VAL A 1 79  ? 3.902   -7.430  11.536  1.00 27.66 ? 78  VAL A N   1 
ATOM   569  C  CA  . VAL A 1 79  ? 4.682   -8.052  10.477  1.00 26.58 ? 78  VAL A CA  1 
ATOM   570  C  C   . VAL A 1 79  ? 5.868   -8.853  10.977  1.00 26.33 ? 78  VAL A C   1 
ATOM   571  O  O   . VAL A 1 79  ? 6.393   -8.610  12.063  1.00 27.16 ? 78  VAL A O   1 
ATOM   572  C  CB  . VAL A 1 79  ? 5.222   -6.995  9.480   1.00 24.40 ? 78  VAL A CB  1 
ATOM   573  C  CG1 . VAL A 1 79  ? 4.069   -6.276  8.799   1.00 26.09 ? 78  VAL A CG1 1 
ATOM   574  C  CG2 . VAL A 1 79  ? 6.115   -5.994  10.214  1.00 26.17 ? 78  VAL A CG2 1 
ATOM   575  N  N   . ARG A 1 80  ? 6.266   -9.831  10.175  1.00 25.06 ? 79  ARG A N   1 
ATOM   576  C  CA  . ARG A 1 80  ? 7.432   -10.644 10.470  1.00 25.87 ? 79  ARG A CA  1 
ATOM   577  C  C   . ARG A 1 80  ? 8.280   -10.487 9.215   1.00 25.06 ? 79  ARG A C   1 
ATOM   578  O  O   . ARG A 1 80  ? 7.839   -10.801 8.104   1.00 24.11 ? 79  ARG A O   1 
ATOM   579  C  CB  . ARG A 1 80  ? 7.068   -12.112 10.697  1.00 31.38 ? 79  ARG A CB  1 
ATOM   580  C  CG  . ARG A 1 80  ? 8.270   -12.935 11.143  1.00 38.11 ? 79  ARG A CG  1 
ATOM   581  C  CD  . ARG A 1 80  ? 7.914   -14.286 11.758  1.00 43.96 ? 79  ARG A CD  1 
ATOM   582  N  NE  . ARG A 1 80  ? 7.377   -15.235 10.788  1.00 48.95 ? 79  ARG A NE  1 
ATOM   583  C  CZ  . ARG A 1 80  ? 6.104   -15.280 10.410  1.00 51.89 ? 79  ARG A CZ  1 
ATOM   584  N  NH1 . ARG A 1 80  ? 5.226   -14.428 10.924  1.00 52.63 ? 79  ARG A NH1 1 
ATOM   585  N  NH2 . ARG A 1 80  ? 5.709   -16.181 9.520   1.00 52.37 ? 79  ARG A NH2 1 
ATOM   586  N  N   . LEU A 1 81  ? 9.492   -9.980  9.395   1.00 23.73 ? 80  LEU A N   1 
ATOM   587  C  CA  . LEU A 1 81  ? 10.389  -9.740  8.275   1.00 22.58 ? 80  LEU A CA  1 
ATOM   588  C  C   . LEU A 1 81  ? 11.645  -10.592 8.313   1.00 23.15 ? 80  LEU A C   1 
ATOM   589  O  O   . LEU A 1 81  ? 12.005  -11.160 9.345   1.00 26.69 ? 80  LEU A O   1 
ATOM   590  C  CB  . LEU A 1 81  ? 10.804  -8.269  8.258   1.00 22.46 ? 80  LEU A CB  1 
ATOM   591  C  CG  . LEU A 1 81  ? 9.702   -7.217  8.404   1.00 21.01 ? 80  LEU A CG  1 
ATOM   592  C  CD1 . LEU A 1 81  ? 10.339  -5.851  8.567   1.00 22.05 ? 80  LEU A CD1 1 
ATOM   593  C  CD2 . LEU A 1 81  ? 8.773   -7.247  7.189   1.00 20.68 ? 80  LEU A CD2 1 
ATOM   594  N  N   . GLU A 1 82  ? 12.308  -10.664 7.168   1.00 21.09 ? 81  GLU A N   1 
ATOM   595  C  CA  . GLU A 1 82  ? 13.550  -11.404 7.023   1.00 21.84 ? 81  GLU A CA  1 
ATOM   596  C  C   . GLU A 1 82  ? 14.588  -10.441 6.456   1.00 21.94 ? 81  GLU A C   1 
ATOM   597  O  O   . GLU A 1 82  ? 14.489  -10.019 5.304   1.00 21.32 ? 81  GLU A O   1 
ATOM   598  C  CB  . GLU A 1 82  ? 13.357  -12.583 6.068   1.00 27.55 ? 81  GLU A CB  1 
ATOM   599  C  CG  . GLU A 1 82  ? 14.641  -13.284 5.673   1.00 36.80 ? 81  GLU A CG  1 
ATOM   600  C  CD  . GLU A 1 82  ? 14.387  -14.522 4.838   1.00 42.38 ? 81  GLU A CD  1 
ATOM   601  O  OE1 . GLU A 1 82  ? 13.670  -14.418 3.820   1.00 44.22 ? 81  GLU A OE1 1 
ATOM   602  O  OE2 . GLU A 1 82  ? 14.905  -15.598 5.200   1.00 46.90 ? 81  GLU A OE2 1 
ATOM   603  N  N   . PRO A 1 83  ? 15.585  -10.055 7.267   1.00 19.93 ? 82  PRO A N   1 
ATOM   604  C  CA  . PRO A 1 83  ? 16.611  -9.132  6.770   1.00 19.32 ? 82  PRO A CA  1 
ATOM   605  C  C   . PRO A 1 83  ? 17.475  -9.808  5.708   1.00 20.09 ? 82  PRO A C   1 
ATOM   606  O  O   . PRO A 1 83  ? 17.856  -10.968 5.860   1.00 21.06 ? 82  PRO A O   1 
ATOM   607  C  CB  . PRO A 1 83  ? 17.420  -8.801  8.027   1.00 21.74 ? 82  PRO A CB  1 
ATOM   608  C  CG  . PRO A 1 83  ? 16.450  -9.052  9.156   1.00 24.59 ? 82  PRO A CG  1 
ATOM   609  C  CD  . PRO A 1 83  ? 15.753  -10.304 8.708   1.00 21.79 ? 82  PRO A CD  1 
ATOM   610  N  N   . LEU A 1 84  ? 17.781  -9.091  4.631   1.00 16.65 ? 83  LEU A N   1 
ATOM   611  C  CA  . LEU A 1 84  ? 18.624  -9.644  3.578   1.00 19.59 ? 83  LEU A CA  1 
ATOM   612  C  C   . LEU A 1 84  ? 20.088  -9.446  3.946   1.00 19.43 ? 83  LEU A C   1 
ATOM   613  O  O   . LEU A 1 84  ? 20.433  -8.489  4.638   1.00 20.52 ? 83  LEU A O   1 
ATOM   614  C  CB  . LEU A 1 84  ? 18.376  -8.936  2.241   1.00 19.75 ? 83  LEU A CB  1 
ATOM   615  C  CG  . LEU A 1 84  ? 17.177  -9.318  1.372   1.00 22.92 ? 83  LEU A CG  1 
ATOM   616  C  CD1 . LEU A 1 84  ? 15.882  -9.029  2.100   1.00 23.47 ? 83  LEU A CD1 1 
ATOM   617  C  CD2 . LEU A 1 84  ? 17.248  -8.538  0.071   1.00 22.38 ? 83  LEU A CD2 1 
ATOM   618  N  N   . PRO A 1 85  ? 20.967  -10.360 3.508   1.00 20.19 ? 84  PRO A N   1 
ATOM   619  C  CA  . PRO A 1 85  ? 22.388  -10.191 3.829   1.00 22.11 ? 84  PRO A CA  1 
ATOM   620  C  C   . PRO A 1 85  ? 22.872  -8.982  3.028   1.00 25.55 ? 84  PRO A C   1 
ATOM   621  O  O   . PRO A 1 85  ? 22.209  -8.568  2.075   1.00 26.02 ? 84  PRO A O   1 
ATOM   622  C  CB  . PRO A 1 85  ? 23.014  -11.489 3.325   1.00 23.93 ? 84  PRO A CB  1 
ATOM   623  C  CG  . PRO A 1 85  ? 21.901  -12.476 3.430   1.00 25.29 ? 84  PRO A CG  1 
ATOM   624  C  CD  . PRO A 1 85  ? 20.715  -11.687 2.926   1.00 22.63 ? 84  PRO A CD  1 
ATOM   625  N  N   . GLU A 1 86  ? 24.012  -8.408  3.398   1.00 27.15 ? 85  GLU A N   1 
ATOM   626  C  CA  . GLU A 1 86  ? 24.518  -7.257  2.662   1.00 28.46 ? 85  GLU A CA  1 
ATOM   627  C  C   . GLU A 1 86  ? 24.876  -7.655  1.238   1.00 27.11 ? 85  GLU A C   1 
ATOM   628  O  O   . GLU A 1 86  ? 24.857  -6.828  0.327   1.00 28.86 ? 85  GLU A O   1 
ATOM   629  C  CB  . GLU A 1 86  ? 25.737  -6.666  3.366   1.00 33.36 ? 85  GLU A CB  1 
ATOM   630  C  CG  . GLU A 1 86  ? 25.390  -5.950  4.654   1.00 42.37 ? 85  GLU A CG  1 
ATOM   631  C  CD  . GLU A 1 86  ? 26.580  -5.249  5.264   1.00 47.88 ? 85  GLU A CD  1 
ATOM   632  O  OE1 . GLU A 1 86  ? 26.382  -4.480  6.227   1.00 51.78 ? 85  GLU A OE1 1 
ATOM   633  O  OE2 . GLU A 1 86  ? 27.712  -5.468  4.782   1.00 51.63 ? 85  GLU A OE2 1 
ATOM   634  N  N   . ASN A 1 87  ? 25.195  -8.933  1.057   1.00 27.12 ? 86  ASN A N   1 
ATOM   635  C  CA  . ASN A 1 87  ? 25.548  -9.467  -0.248  1.00 23.80 ? 86  ASN A CA  1 
ATOM   636  C  C   . ASN A 1 87  ? 24.703  -10.700 -0.551  1.00 21.98 ? 86  ASN A C   1 
ATOM   637  O  O   . ASN A 1 87  ? 25.141  -11.839 -0.377  1.00 20.94 ? 86  ASN A O   1 
ATOM   638  C  CB  . ASN A 1 87  ? 27.035  -9.812  -0.278  1.00 26.91 ? 86  ASN A CB  1 
ATOM   639  C  CG  . ASN A 1 87  ? 27.910  -8.593  -0.068  1.00 29.33 ? 86  ASN A CG  1 
ATOM   640  O  OD1 . ASN A 1 87  ? 27.955  -7.698  -0.912  1.00 32.21 ? 86  ASN A OD1 1 
ATOM   641  N  ND2 . ASN A 1 87  ? 28.597  -8.542  1.067   1.00 30.49 ? 86  ASN A ND2 1 
ATOM   642  N  N   . PRO A 1 88  ? 23.461  -10.481 -1.007  1.00 20.99 ? 87  PRO A N   1 
ATOM   643  C  CA  . PRO A 1 88  ? 22.528  -11.560 -1.341  1.00 18.47 ? 87  PRO A CA  1 
ATOM   644  C  C   . PRO A 1 88  ? 23.125  -12.555 -2.323  1.00 17.33 ? 87  PRO A C   1 
ATOM   645  O  O   . PRO A 1 88  ? 23.830  -12.153 -3.256  1.00 17.90 ? 87  PRO A O   1 
ATOM   646  C  CB  . PRO A 1 88  ? 21.346  -10.811 -1.953  1.00 19.93 ? 87  PRO A CB  1 
ATOM   647  C  CG  . PRO A 1 88  ? 21.371  -9.496  -1.241  1.00 22.82 ? 87  PRO A CG  1 
ATOM   648  C  CD  . PRO A 1 88  ? 22.842  -9.162  -1.226  1.00 19.32 ? 87  PRO A CD  1 
ATOM   649  N  N   . ASP A 1 89  ? 22.854  -13.848 -2.127  1.00 15.43 ? 88  ASP A N   1 
ATOM   650  C  CA  . ASP A 1 89  ? 23.380  -14.829 -3.064  1.00 16.19 ? 88  ASP A CA  1 
ATOM   651  C  C   . ASP A 1 89  ? 22.592  -14.714 -4.365  1.00 15.84 ? 88  ASP A C   1 
ATOM   652  O  O   . ASP A 1 89  ? 21.609  -13.974 -4.432  1.00 15.62 ? 88  ASP A O   1 
ATOM   653  C  CB  . ASP A 1 89  ? 23.371  -16.270 -2.491  1.00 16.32 ? 88  ASP A CB  1 
ATOM   654  C  CG  . ASP A 1 89  ? 21.982  -16.847 -2.264  1.00 19.01 ? 88  ASP A CG  1 
ATOM   655  O  OD1 . ASP A 1 89  ? 21.002  -16.443 -2.924  1.00 18.56 ? 88  ASP A OD1 1 
ATOM   656  O  OD2 . ASP A 1 89  ? 21.895  -17.766 -1.419  1.00 21.01 ? 88  ASP A OD2 1 
ATOM   657  N  N   . PRO A 1 90  ? 23.015  -15.427 -5.420  1.00 15.81 ? 89  PRO A N   1 
ATOM   658  C  CA  . PRO A 1 90  ? 22.329  -15.364 -6.715  1.00 17.03 ? 89  PRO A CA  1 
ATOM   659  C  C   . PRO A 1 90  ? 20.825  -15.601 -6.731  1.00 18.24 ? 89  PRO A C   1 
ATOM   660  O  O   . PRO A 1 90  ? 20.089  -14.867 -7.391  1.00 15.86 ? 89  PRO A O   1 
ATOM   661  C  CB  . PRO A 1 90  ? 23.090  -16.388 -7.555  1.00 17.62 ? 89  PRO A CB  1 
ATOM   662  C  CG  . PRO A 1 90  ? 24.473  -16.309 -6.985  1.00 16.24 ? 89  PRO A CG  1 
ATOM   663  C  CD  . PRO A 1 90  ? 24.191  -16.313 -5.504  1.00 15.68 ? 89  PRO A CD  1 
ATOM   664  N  N   . GLU A 1 91  ? 20.372  -16.621 -6.011  1.00 15.09 ? 90  GLU A N   1 
ATOM   665  C  CA  . GLU A 1 91  ? 18.952  -16.954 -5.977  1.00 16.42 ? 90  GLU A CA  1 
ATOM   666  C  C   . GLU A 1 91  ? 18.111  -15.906 -5.254  1.00 16.35 ? 90  GLU A C   1 
ATOM   667  O  O   . GLU A 1 91  ? 16.974  -15.633 -5.650  1.00 15.27 ? 90  GLU A O   1 
ATOM   668  C  CB  . GLU A 1 91  ? 18.761  -18.328 -5.331  1.00 18.99 ? 90  GLU A CB  1 
ATOM   669  C  CG  . GLU A 1 91  ? 19.399  -19.485 -6.112  1.00 22.83 ? 90  GLU A CG  1 
ATOM   670  C  CD  . GLU A 1 91  ? 20.912  -19.359 -6.256  1.00 26.85 ? 90  GLU A CD  1 
ATOM   671  O  OE1 . GLU A 1 91  ? 21.600  -19.107 -5.240  1.00 25.00 ? 90  GLU A OE1 1 
ATOM   672  O  OE2 . GLU A 1 91  ? 21.416  -19.521 -7.390  1.00 33.82 ? 90  GLU A OE2 1 
ATOM   673  N  N   . LEU A 1 92  ? 18.657  -15.324 -4.194  1.00 14.50 ? 91  LEU A N   1 
ATOM   674  C  CA  . LEU A 1 92  ? 17.934  -14.293 -3.456  1.00 14.01 ? 91  LEU A CA  1 
ATOM   675  C  C   . LEU A 1 92  ? 17.893  -13.036 -4.315  1.00 15.96 ? 91  LEU A C   1 
ATOM   676  O  O   . LEU A 1 92  ? 16.876  -12.344 -4.383  1.00 15.97 ? 91  LEU A O   1 
ATOM   677  C  CB  . LEU A 1 92  ? 18.634  -13.986 -2.125  1.00 15.71 ? 91  LEU A CB  1 
ATOM   678  C  CG  . LEU A 1 92  ? 18.062  -12.831 -1.295  1.00 17.22 ? 91  LEU A CG  1 
ATOM   679  C  CD1 . LEU A 1 92  ? 16.584  -13.072 -1.013  1.00 17.08 ? 91  LEU A CD1 1 
ATOM   680  C  CD2 . LEU A 1 92  ? 18.839  -12.693 0.004   1.00 20.12 ? 91  LEU A CD2 1 
ATOM   681  N  N   . LEU A 1 93  ? 19.009  -12.754 -4.978  1.00 15.13 ? 92  LEU A N   1 
ATOM   682  C  CA  . LEU A 1 93  ? 19.105  -11.582 -5.837  1.00 16.70 ? 92  LEU A CA  1 
ATOM   683  C  C   . LEU A 1 93  ? 18.096  -11.662 -6.981  1.00 16.56 ? 92  LEU A C   1 
ATOM   684  O  O   . LEU A 1 93  ? 17.483  -10.658 -7.349  1.00 16.68 ? 92  LEU A O   1 
ATOM   685  C  CB  . LEU A 1 93  ? 20.522  -11.464 -6.394  1.00 18.61 ? 92  LEU A CB  1 
ATOM   686  C  CG  . LEU A 1 93  ? 20.897  -10.127 -7.022  1.00 24.25 ? 92  LEU A CG  1 
ATOM   687  C  CD1 . LEU A 1 93  ? 20.719  -9.011  -6.004  1.00 23.91 ? 92  LEU A CD1 1 
ATOM   688  C  CD2 . LEU A 1 93  ? 22.342  -10.189 -7.491  1.00 26.39 ? 92  LEU A CD2 1 
ATOM   689  N  N   . LYS A 1 94  ? 17.919  -12.856 -7.542  1.00 15.06 ? 93  LYS A N   1 
ATOM   690  C  CA  . LYS A 1 94  ? 16.973  -13.029 -8.637  1.00 16.51 ? 93  LYS A CA  1 
ATOM   691  C  C   . LYS A 1 94  ? 15.541  -12.794 -8.156  1.00 14.63 ? 93  LYS A C   1 
ATOM   692  O  O   . LYS A 1 94  ? 14.728  -12.215 -8.879  1.00 15.07 ? 93  LYS A O   1 
ATOM   693  C  CB  . LYS A 1 94  ? 17.096  -14.426 -9.251  1.00 18.57 ? 93  LYS A CB  1 
ATOM   694  C  CG  . LYS A 1 94  ? 16.288  -14.574 -10.531 1.00 24.55 ? 93  LYS A CG  1 
ATOM   695  C  CD  . LYS A 1 94  ? 16.474  -15.932 -11.176 1.00 27.79 ? 93  LYS A CD  1 
ATOM   696  C  CE  . LYS A 1 94  ? 15.680  -16.022 -12.471 1.00 32.47 ? 93  LYS A CE  1 
ATOM   697  N  NZ  . LYS A 1 94  ? 15.843  -17.337 -13.147 1.00 34.75 ? 93  LYS A NZ  1 
ATOM   698  N  N   . ASP A 1 95  ? 15.230  -13.246 -6.940  1.00 13.68 ? 94  ASP A N   1 
ATOM   699  C  CA  . ASP A 1 95  ? 13.893  -13.059 -6.387  1.00 13.73 ? 94  ASP A CA  1 
ATOM   700  C  C   . ASP A 1 95  ? 13.680  -11.563 -6.122  1.00 14.22 ? 94  ASP A C   1 
ATOM   701  O  O   . ASP A 1 95  ? 12.601  -11.020 -6.381  1.00 12.84 ? 94  ASP A O   1 
ATOM   702  C  CB  . ASP A 1 95  ? 13.741  -13.873 -5.095  1.00 13.00 ? 94  ASP A CB  1 
ATOM   703  C  CG  . ASP A 1 95  ? 12.305  -13.956 -4.625  1.00 15.35 ? 94  ASP A CG  1 
ATOM   704  O  OD1 . ASP A 1 95  ? 11.412  -14.121 -5.485  1.00 22.41 ? 94  ASP A OD1 1 
ATOM   705  O  OD2 . ASP A 1 95  ? 12.073  -13.872 -3.405  1.00 19.01 ? 94  ASP A OD2 1 
ATOM   706  N  N   . LEU A 1 96  ? 14.709  -10.894 -5.612  1.00 13.32 ? 95  LEU A N   1 
ATOM   707  C  CA  . LEU A 1 96  ? 14.615  -9.458  -5.367  1.00 12.28 ? 95  LEU A CA  1 
ATOM   708  C  C   . LEU A 1 96  ? 14.324  -8.748  -6.693  1.00 13.51 ? 95  LEU A C   1 
ATOM   709  O  O   . LEU A 1 96  ? 13.397  -7.945  -6.774  1.00 13.42 ? 95  LEU A O   1 
ATOM   710  C  CB  . LEU A 1 96  ? 15.924  -8.918  -4.778  1.00 14.51 ? 95  LEU A CB  1 
ATOM   711  C  CG  . LEU A 1 96  ? 16.038  -7.388  -4.712  1.00 12.17 ? 95  LEU A CG  1 
ATOM   712  C  CD1 . LEU A 1 96  ? 14.903  -6.819  -3.875  1.00 15.49 ? 95  LEU A CD1 1 
ATOM   713  C  CD2 . LEU A 1 96  ? 17.387  -6.993  -4.125  1.00 17.08 ? 95  LEU A CD2 1 
ATOM   714  N  N   . ALA A 1 97  ? 15.112  -9.053  -7.722  1.00 12.98 ? 96  ALA A N   1 
ATOM   715  C  CA  . ALA A 1 97  ? 14.931  -8.434  -9.041  1.00 11.49 ? 96  ALA A CA  1 
ATOM   716  C  C   . ALA A 1 97  ? 13.535  -8.698  -9.600  1.00 13.98 ? 96  ALA A C   1 
ATOM   717  O  O   . ALA A 1 97  ? 12.907  -7.803  -10.173 1.00 12.78 ? 96  ALA A O   1 
ATOM   718  C  CB  . ALA A 1 97  ? 15.991  -8.946  -10.022 1.00 12.89 ? 96  ALA A CB  1 
ATOM   719  N  N   . GLN A 1 98  ? 13.050  -9.925  -9.443  1.00 13.03 ? 97  GLN A N   1 
ATOM   720  C  CA  . GLN A 1 98  ? 11.722  -10.275 -9.931  1.00 12.75 ? 97  GLN A CA  1 
ATOM   721  C  C   . GLN A 1 98  ? 10.676  -9.375  -9.273  1.00 13.15 ? 97  GLN A C   1 
ATOM   722  O  O   . GLN A 1 98  ? 9.761   -8.876  -9.932  1.00 12.97 ? 97  GLN A O   1 
ATOM   723  C  CB  . GLN A 1 98  ? 11.406  -11.742 -9.615  1.00 14.18 ? 97  GLN A CB  1 
ATOM   724  C  CG  . GLN A 1 98  ? 10.001  -12.169 -10.008 1.00 17.12 ? 97  GLN A CG  1 
ATOM   725  C  CD  . GLN A 1 98  ? 9.631   -13.534 -9.458  1.00 23.51 ? 97  GLN A CD  1 
ATOM   726  O  OE1 . GLN A 1 98  ? 10.242  -14.542 -9.808  1.00 27.53 ? 97  GLN A OE1 1 
ATOM   727  N  NE2 . GLN A 1 98  ? 8.628   -13.568 -8.587  1.00 26.21 ? 97  GLN A NE2 1 
ATOM   728  N  N   . HIS A 1 99  ? 10.814  -9.163  -7.968  1.00 12.02 ? 98  HIS A N   1 
ATOM   729  C  CA  . HIS A 1 99  ? 9.861   -8.329  -7.258  1.00 13.16 ? 98  HIS A CA  1 
ATOM   730  C  C   . HIS A 1 99  ? 10.006  -6.842  -7.537  1.00 11.45 ? 98  HIS A C   1 
ATOM   731  O  O   . HIS A 1 99  ? 9.012   -6.112  -7.509  1.00 12.79 ? 98  HIS A O   1 
ATOM   732  C  CB  . HIS A 1 99  ? 9.924   -8.618  -5.757  1.00 12.33 ? 98  HIS A CB  1 
ATOM   733  C  CG  . HIS A 1 99  ? 9.222   -9.881  -5.371  1.00 13.96 ? 98  HIS A CG  1 
ATOM   734  N  ND1 . HIS A 1 99  ? 9.787   -11.129 -5.526  1.00 16.79 ? 98  HIS A ND1 1 
ATOM   735  C  CD2 . HIS A 1 99  ? 7.969   -10.092 -4.899  1.00 17.85 ? 98  HIS A CD2 1 
ATOM   736  C  CE1 . HIS A 1 99  ? 8.913   -12.054 -5.169  1.00 18.02 ? 98  HIS A CE1 1 
ATOM   737  N  NE2 . HIS A 1 99  ? 7.802   -11.451 -4.784  1.00 17.59 ? 98  HIS A NE2 1 
ATOM   738  N  N   . LEU A 1 100 ? 11.223  -6.381  -7.811  1.00 12.37 ? 99  LEU A N   1 
ATOM   739  C  CA  . LEU A 1 100 ? 11.413  -4.974  -8.126  1.00 11.12 ? 99  LEU A CA  1 
ATOM   740  C  C   . LEU A 1 100 ? 10.810  -4.731  -9.511  1.00 13.54 ? 99  LEU A C   1 
ATOM   741  O  O   . LEU A 1 100 ? 10.230  -3.680  -9.766  1.00 13.01 ? 99  LEU A O   1 
ATOM   742  C  CB  . LEU A 1 100 ? 12.900  -4.612  -8.106  1.00 13.00 ? 99  LEU A CB  1 
ATOM   743  C  CG  . LEU A 1 100 ? 13.539  -4.631  -6.716  1.00 14.00 ? 99  LEU A CG  1 
ATOM   744  C  CD1 . LEU A 1 100 ? 15.022  -4.316  -6.849  1.00 16.97 ? 99  LEU A CD1 1 
ATOM   745  C  CD2 . LEU A 1 100 ? 12.854  -3.615  -5.799  1.00 18.13 ? 99  LEU A CD2 1 
ATOM   746  N  N   . SER A 1 101 ? 10.947  -5.711  -10.399 1.00 12.37 ? 100 SER A N   1 
ATOM   747  C  CA  . SER A 1 101 ? 10.377  -5.603  -11.741 1.00 12.48 ? 100 SER A CA  1 
ATOM   748  C  C   . SER A 1 101 ? 8.853   -5.508  -11.638 1.00 12.79 ? 100 SER A C   1 
ATOM   749  O  O   . SER A 1 101 ? 8.228   -4.656  -12.277 1.00 14.02 ? 100 SER A O   1 
ATOM   750  C  CB  . SER A 1 101 ? 10.763  -6.821  -12.583 1.00 12.59 ? 100 SER A CB  1 
ATOM   751  O  OG  . SER A 1 101 ? 10.145  -6.767  -13.858 1.00 14.20 ? 100 SER A OG  1 
ATOM   752  N  N   . GLN A 1 102 ? 8.250   -6.379  -10.831 1.00 11.92 ? 101 GLN A N   1 
ATOM   753  C  CA  . GLN A 1 102 ? 6.802   -6.364  -10.644 1.00 12.97 ? 101 GLN A CA  1 
ATOM   754  C  C   . GLN A 1 102 ? 6.382   -5.045  -9.993  1.00 12.34 ? 101 GLN A C   1 
ATOM   755  O  O   . GLN A 1 102 ? 5.366   -4.452  -10.364 1.00 12.56 ? 101 GLN A O   1 
ATOM   756  C  CB  . GLN A 1 102 ? 6.376   -7.549  -9.764  1.00 15.51 ? 101 GLN A CB  1 
ATOM   757  C  CG  . GLN A 1 102 ? 4.883   -7.654  -9.509  1.00 20.61 ? 101 GLN A CG  1 
ATOM   758  C  CD  . GLN A 1 102 ? 4.074   -7.771  -10.789 1.00 27.22 ? 101 GLN A CD  1 
ATOM   759  O  OE1 . GLN A 1 102 ? 4.382   -8.583  -11.664 1.00 28.91 ? 101 GLN A OE1 1 
ATOM   760  N  NE2 . GLN A 1 102 ? 3.023   -6.961  -10.900 1.00 31.41 ? 101 GLN A NE2 1 
ATOM   761  N  N   . GLY A 1 103 ? 7.174   -4.580  -9.028  1.00 11.12 ? 102 GLY A N   1 
ATOM   762  C  CA  . GLY A 1 103 ? 6.858   -3.337  -8.349  1.00 12.06 ? 102 GLY A CA  1 
ATOM   763  C  C   . GLY A 1 103 ? 6.889   -2.150  -9.289  1.00 12.43 ? 102 GLY A C   1 
ATOM   764  O  O   . GLY A 1 103 ? 6.048   -1.258  -9.208  1.00 11.16 ? 102 GLY A O   1 
ATOM   765  N  N   . LEU A 1 104 ? 7.868   -2.137  -10.185 1.00 11.17 ? 103 LEU A N   1 
ATOM   766  C  CA  . LEU A 1 104 ? 7.989   -1.044  -11.134 1.00 11.89 ? 103 LEU A CA  1 
ATOM   767  C  C   . LEU A 1 104 ? 6.792   -1.055  -12.083 1.00 13.15 ? 103 LEU A C   1 
ATOM   768  O  O   . LEU A 1 104 ? 6.243   -0.005  -12.411 1.00 12.38 ? 103 LEU A O   1 
ATOM   769  C  CB  . LEU A 1 104 ? 9.313   -1.164  -11.902 1.00 12.08 ? 103 LEU A CB  1 
ATOM   770  C  CG  . LEU A 1 104 ? 9.720   -0.046  -12.865 1.00 15.17 ? 103 LEU A CG  1 
ATOM   771  C  CD1 . LEU A 1 104 ? 9.637   1.303   -12.166 1.00 14.77 ? 103 LEU A CD1 1 
ATOM   772  C  CD2 . LEU A 1 104 ? 11.138  -0.307  -13.371 1.00 16.90 ? 103 LEU A CD2 1 
ATOM   773  N  N   . ALA A 1 105 ? 6.374   -2.238  -12.520 1.00 12.69 ? 104 ALA A N   1 
ATOM   774  C  CA  . ALA A 1 105 ? 5.230   -2.327  -13.420 1.00 13.47 ? 104 ALA A CA  1 
ATOM   775  C  C   . ALA A 1 105 ? 3.966   -1.827  -12.722 1.00 13.02 ? 104 ALA A C   1 
ATOM   776  O  O   . ALA A 1 105 ? 3.126   -1.166  -13.337 1.00 14.56 ? 104 ALA A O   1 
ATOM   777  C  CB  . ALA A 1 105 ? 5.044   -3.760  -13.897 1.00 15.32 ? 104 ALA A CB  1 
ATOM   778  N  N   . GLU A 1 106 ? 3.834   -2.127  -11.434 1.00 13.67 ? 105 GLU A N   1 
ATOM   779  C  CA  . GLU A 1 106 ? 2.671   -1.674  -10.686 1.00 14.64 ? 105 GLU A CA  1 
ATOM   780  C  C   . GLU A 1 106 ? 2.716   -0.152  -10.493 1.00 12.32 ? 105 GLU A C   1 
ATOM   781  O  O   . GLU A 1 106 ? 1.678   0.513   -10.454 1.00 13.03 ? 105 GLU A O   1 
ATOM   782  C  CB  . GLU A 1 106 ? 2.585   -2.434  -9.359  1.00 18.51 ? 105 GLU A CB  1 
ATOM   783  C  CG  . GLU A 1 106 ? 2.259   -3.906  -9.604  1.00 21.76 ? 105 GLU A CG  1 
ATOM   784  C  CD  . GLU A 1 106 ? 2.141   -4.740  -8.343  1.00 28.30 ? 105 GLU A CD  1 
ATOM   785  O  OE1 . GLU A 1 106 ? 1.872   -5.956  -8.471  1.00 28.46 ? 105 GLU A OE1 1 
ATOM   786  O  OE2 . GLU A 1 106 ? 2.312   -4.194  -7.235  1.00 29.85 ? 105 GLU A OE2 1 
ATOM   787  N  N   . ALA A 1 107 ? 3.919   0.404   -10.404 1.00 11.72 ? 106 ALA A N   1 
ATOM   788  C  CA  . ALA A 1 107 ? 4.070   1.848   -10.275 1.00 11.15 ? 106 ALA A CA  1 
ATOM   789  C  C   . ALA A 1 107 ? 3.633   2.479   -11.611 1.00 12.56 ? 106 ALA A C   1 
ATOM   790  O  O   . ALA A 1 107 ? 3.007   3.538   -11.631 1.00 12.41 ? 106 ALA A O   1 
ATOM   791  C  CB  . ALA A 1 107 ? 5.525   2.200   -9.964  1.00 12.56 ? 106 ALA A CB  1 
ATOM   792  N  N   . TYR A 1 108 ? 3.968   1.824   -12.722 1.00 12.44 ? 107 TYR A N   1 
ATOM   793  C  CA  . TYR A 1 108 ? 3.572   2.304   -14.048 1.00 12.27 ? 107 TYR A CA  1 
ATOM   794  C  C   . TYR A 1 108 ? 2.046   2.404   -14.094 1.00 12.59 ? 107 TYR A C   1 
ATOM   795  O  O   . TYR A 1 108 ? 1.492   3.378   -14.609 1.00 11.81 ? 107 TYR A O   1 
ATOM   796  C  CB  . TYR A 1 108 ? 3.999   1.315   -15.142 1.00 13.92 ? 107 TYR A CB  1 
ATOM   797  C  CG  . TYR A 1 108 ? 5.485   1.211   -15.427 1.00 15.40 ? 107 TYR A CG  1 
ATOM   798  C  CD1 . TYR A 1 108 ? 5.999   0.095   -16.090 1.00 14.46 ? 107 TYR A CD1 1 
ATOM   799  C  CD2 . TYR A 1 108 ? 6.368   2.224   -15.064 1.00 14.14 ? 107 TYR A CD2 1 
ATOM   800  C  CE1 . TYR A 1 108 ? 7.359   -0.011  -16.388 1.00 14.02 ? 107 TYR A CE1 1 
ATOM   801  C  CE2 . TYR A 1 108 ? 7.734   2.129   -15.356 1.00 15.77 ? 107 TYR A CE2 1 
ATOM   802  C  CZ  . TYR A 1 108 ? 8.219   1.010   -16.017 1.00 15.88 ? 107 TYR A CZ  1 
ATOM   803  O  OH  . TYR A 1 108 ? 9.564   0.913   -16.297 1.00 18.15 ? 107 TYR A OH  1 
ATOM   804  N  N   . ARG A 1 109 ? 1.368   1.384   -13.569 1.00 13.38 ? 108 ARG A N   1 
ATOM   805  C  CA  . ARG A 1 109 ? -0.093  1.371   -13.573 1.00 14.02 ? 108 ARG A CA  1 
ATOM   806  C  C   . ARG A 1 109 ? -0.632  2.509   -12.720 1.00 14.02 ? 108 ARG A C   1 
ATOM   807  O  O   . ARG A 1 109 ? -1.621  3.152   -13.082 1.00 14.26 ? 108 ARG A O   1 
ATOM   808  C  CB  . ARG A 1 109 ? -0.618  0.026   -13.057 1.00 18.02 ? 108 ARG A CB  1 
ATOM   809  C  CG  . ARG A 1 109 ? -0.217  -1.168  -13.915 1.00 27.52 ? 108 ARG A CG  1 
ATOM   810  C  CD  . ARG A 1 109 ? -1.377  -1.695  -14.745 1.00 37.83 ? 108 ARG A CD  1 
ATOM   811  N  NE  . ARG A 1 109 ? -2.449  -2.229  -13.907 1.00 45.38 ? 108 ARG A NE  1 
ATOM   812  C  CZ  . ARG A 1 109 ? -3.489  -2.917  -14.368 1.00 47.92 ? 108 ARG A CZ  1 
ATOM   813  N  NH1 . ARG A 1 109 ? -3.603  -3.161  -15.667 1.00 49.65 ? 108 ARG A NH1 1 
ATOM   814  N  NH2 . ARG A 1 109 ? -4.417  -3.361  -13.530 1.00 48.79 ? 108 ARG A NH2 1 
ATOM   815  N  N   . ARG A 1 110 ? 0.021   2.772   -11.593 1.00 13.10 ? 109 ARG A N   1 
ATOM   816  C  CA  . ARG A 1 110 ? -0.430  3.860   -10.735 1.00 13.35 ? 109 ARG A CA  1 
ATOM   817  C  C   . ARG A 1 110 ? -0.273  5.197   -11.463 1.00 13.49 ? 109 ARG A C   1 
ATOM   818  O  O   . ARG A 1 110 ? -1.137  6.065   -11.377 1.00 15.32 ? 109 ARG A O   1 
ATOM   819  C  CB  . ARG A 1 110 ? 0.351   3.878   -9.426  1.00 15.51 ? 109 ARG A CB  1 
ATOM   820  C  CG  . ARG A 1 110 ? -0.130  4.966   -8.501  1.00 21.63 ? 109 ARG A CG  1 
ATOM   821  C  CD  . ARG A 1 110 ? 0.233   4.673   -7.076  1.00 29.65 ? 109 ARG A CD  1 
ATOM   822  N  NE  . ARG A 1 110 ? -0.335  5.670   -6.176  1.00 34.64 ? 109 ARG A NE  1 
ATOM   823  C  CZ  . ARG A 1 110 ? -0.200  5.631   -4.859  1.00 36.91 ? 109 ARG A CZ  1 
ATOM   824  N  NH1 . ARG A 1 110 ? 0.484   4.641   -4.305  1.00 41.33 ? 109 ARG A NH1 1 
ATOM   825  N  NH2 . ARG A 1 110 ? -0.740  6.577   -4.101  1.00 36.61 ? 109 ARG A NH2 1 
ATOM   826  N  N   . ILE A 1 111 ? 0.835   5.356   -12.182 1.00 12.95 ? 110 ILE A N   1 
ATOM   827  C  CA  . ILE A 1 111 ? 1.084   6.579   -12.940 1.00 13.52 ? 110 ILE A CA  1 
ATOM   828  C  C   . ILE A 1 111 ? -0.015  6.749   -13.993 1.00 13.01 ? 110 ILE A C   1 
ATOM   829  O  O   . ILE A 1 111 ? -0.539  7.850   -14.187 1.00 14.00 ? 110 ILE A O   1 
ATOM   830  C  CB  . ILE A 1 111 ? 2.480   6.529   -13.611 1.00 13.58 ? 110 ILE A CB  1 
ATOM   831  C  CG1 . ILE A 1 111 ? 3.569   6.638   -12.542 1.00 13.21 ? 110 ILE A CG1 1 
ATOM   832  C  CG2 . ILE A 1 111 ? 2.623   7.659   -14.622 1.00 13.91 ? 110 ILE A CG2 1 
ATOM   833  C  CD1 . ILE A 1 111 ? 4.971   6.296   -13.042 1.00 15.70 ? 110 ILE A CD1 1 
ATOM   834  N  N   . GLU A 1 112 ? -0.382  5.655   -14.655 1.00 12.01 ? 111 GLU A N   1 
ATOM   835  C  CA  . GLU A 1 112 ? -1.431  5.699   -15.665 1.00 14.67 ? 111 GLU A CA  1 
ATOM   836  C  C   . GLU A 1 112 ? -2.739  6.169   -15.038 1.00 15.36 ? 111 GLU A C   1 
ATOM   837  O  O   . GLU A 1 112 ? -3.433  7.024   -15.599 1.00 16.69 ? 111 GLU A O   1 
ATOM   838  C  CB  . GLU A 1 112 ? -1.615  4.316   -16.302 1.00 15.85 ? 111 GLU A CB  1 
ATOM   839  C  CG  . GLU A 1 112 ? -0.378  3.825   -17.048 1.00 18.88 ? 111 GLU A CG  1 
ATOM   840  C  CD  . GLU A 1 112 ? -0.521  2.413   -17.592 1.00 23.52 ? 111 GLU A CD  1 
ATOM   841  O  OE1 . GLU A 1 112 ? -1.440  1.684   -17.161 1.00 23.14 ? 111 GLU A OE1 1 
ATOM   842  O  OE2 . GLU A 1 112 ? 0.305   2.024   -18.445 1.00 23.77 ? 111 GLU A OE2 1 
ATOM   843  N  N   . ARG A 1 113 ? -3.072  5.632   -13.869 1.00 14.34 ? 112 ARG A N   1 
ATOM   844  C  CA  . ARG A 1 113 ? -4.308  6.019   -13.200 1.00 14.38 ? 112 ARG A CA  1 
ATOM   845  C  C   . ARG A 1 113 ? -4.312  7.492   -12.810 1.00 15.21 ? 112 ARG A C   1 
ATOM   846  O  O   . ARG A 1 113 ? -5.283  8.203   -13.067 1.00 16.55 ? 112 ARG A O   1 
ATOM   847  C  CB  . ARG A 1 113 ? -4.546  5.173   -11.942 1.00 15.31 ? 112 ARG A CB  1 
ATOM   848  C  CG  . ARG A 1 113 ? -4.794  3.696   -12.192 1.00 15.99 ? 112 ARG A CG  1 
ATOM   849  C  CD  . ARG A 1 113 ? -5.169  2.997   -10.888 1.00 18.46 ? 112 ARG A CD  1 
ATOM   850  N  NE  . ARG A 1 113 ? -5.321  1.551   -11.043 1.00 16.75 ? 112 ARG A NE  1 
ATOM   851  C  CZ  . ARG A 1 113 ? -6.354  0.949   -11.631 1.00 16.63 ? 112 ARG A CZ  1 
ATOM   852  N  NH1 . ARG A 1 113 ? -7.355  1.659   -12.132 1.00 15.59 ? 112 ARG A NH1 1 
ATOM   853  N  NH2 . ARG A 1 113 ? -6.385  -0.376  -11.717 1.00 20.64 ? 112 ARG A NH2 1 
ATOM   854  N  N   . LEU A 1 114 ? -3.238  7.949   -12.178 1.00 15.06 ? 113 LEU A N   1 
ATOM   855  C  CA  . LEU A 1 114 ? -3.156  9.346   -11.759 1.00 15.64 ? 113 LEU A CA  1 
ATOM   856  C  C   . LEU A 1 114 ? -3.252  10.311  -12.936 1.00 19.14 ? 113 LEU A C   1 
ATOM   857  O  O   . LEU A 1 114 ? -3.817  11.400  -12.816 1.00 21.25 ? 113 LEU A O   1 
ATOM   858  C  CB  . LEU A 1 114 ? -1.854  9.591   -10.993 1.00 16.34 ? 113 LEU A CB  1 
ATOM   859  C  CG  . LEU A 1 114 ? -1.807  9.083   -9.548  1.00 17.29 ? 113 LEU A CG  1 
ATOM   860  C  CD1 . LEU A 1 114 ? -0.372  9.116   -9.031  1.00 18.84 ? 113 LEU A CD1 1 
ATOM   861  C  CD2 . LEU A 1 114 ? -2.711  9.946   -8.678  1.00 18.32 ? 113 LEU A CD2 1 
ATOM   862  N  N   . ALA A 1 115 ? -2.713  9.910   -14.078 1.00 18.07 ? 114 ALA A N   1 
ATOM   863  C  CA  . ALA A 1 115 ? -2.732  10.768  -15.255 1.00 18.93 ? 114 ALA A CA  1 
ATOM   864  C  C   . ALA A 1 115 ? -4.006  10.710  -16.099 1.00 19.98 ? 114 ALA A C   1 
ATOM   865  O  O   . ALA A 1 115 ? -4.323  11.672  -16.805 1.00 22.78 ? 114 ALA A O   1 
ATOM   866  C  CB  . ALA A 1 115 ? -1.522  10.450  -16.141 1.00 18.08 ? 114 ALA A CB  1 
ATOM   867  N  N   . THR A 1 116 ? -4.752  9.612   -16.022 1.00 18.91 ? 115 THR A N   1 
ATOM   868  C  CA  . THR A 1 116 ? -5.935  9.470   -16.871 1.00 20.07 ? 115 THR A CA  1 
ATOM   869  C  C   . THR A 1 116 ? -7.255  9.068   -16.229 1.00 20.58 ? 115 THR A C   1 
ATOM   870  O  O   . THR A 1 116 ? -8.293  9.097   -16.892 1.00 21.99 ? 115 THR A O   1 
ATOM   871  C  CB  . THR A 1 116 ? -5.680  8.422   -17.964 1.00 21.95 ? 115 THR A CB  1 
ATOM   872  O  OG1 . THR A 1 116 ? -5.607  7.121   -17.357 1.00 22.47 ? 115 THR A OG1 1 
ATOM   873  C  CG2 . THR A 1 116 ? -4.374  8.701   -18.688 1.00 21.51 ? 115 THR A CG2 1 
ATOM   874  N  N   . GLN A 1 117 ? -7.237  8.700   -14.956 1.00 17.46 ? 116 GLN A N   1 
ATOM   875  C  CA  . GLN A 1 117 ? -8.455  8.224   -14.324 1.00 16.48 ? 116 GLN A CA  1 
ATOM   876  C  C   . GLN A 1 117 ? -9.063  9.153   -13.282 1.00 14.07 ? 116 GLN A C   1 
ATOM   877  O  O   . GLN A 1 117 ? -8.354  9.731   -12.458 1.00 15.70 ? 116 GLN A O   1 
ATOM   878  C  CB  . GLN A 1 117 ? -8.166  6.847   -13.717 1.00 15.02 ? 116 GLN A CB  1 
ATOM   879  C  CG  . GLN A 1 117 ? -9.371  6.103   -13.200 1.00 15.89 ? 116 GLN A CG  1 
ATOM   880  C  CD  . GLN A 1 117 ? -9.025  4.687   -12.783 1.00 15.27 ? 116 GLN A CD  1 
ATOM   881  O  OE1 . GLN A 1 117 ? -8.038  4.460   -12.082 1.00 16.62 ? 116 GLN A OE1 1 
ATOM   882  N  NE2 . GLN A 1 117 ? -9.842  3.730   -13.200 1.00 15.53 ? 116 GLN A NE2 1 
ATOM   883  N  N   . ARG A 1 118 ? -10.386 9.294   -13.327 1.00 16.35 ? 117 ARG A N   1 
ATOM   884  C  CA  . ARG A 1 118 ? -11.087 10.144  -12.368 1.00 15.42 ? 117 ARG A CA  1 
ATOM   885  C  C   . ARG A 1 118 ? -10.937 9.579   -10.958 1.00 13.88 ? 117 ARG A C   1 
ATOM   886  O  O   . ARG A 1 118 ? -10.789 8.371   -10.778 1.00 13.69 ? 117 ARG A O   1 
ATOM   887  C  CB  . ARG A 1 118 ? -12.567 10.267  -12.744 1.00 21.37 ? 117 ARG A CB  1 
ATOM   888  C  CG  . ARG A 1 118 ? -12.804 11.047  -14.030 1.00 27.62 ? 117 ARG A CG  1 
ATOM   889  C  CD  . ARG A 1 118 ? -14.285 11.266  -14.300 1.00 37.58 ? 117 ARG A CD  1 
ATOM   890  N  NE  . ARG A 1 118 ? -14.508 11.946  -15.574 1.00 44.42 ? 117 ARG A NE  1 
ATOM   891  C  CZ  . ARG A 1 118 ? -15.705 12.241  -16.072 1.00 48.63 ? 117 ARG A CZ  1 
ATOM   892  N  NH1 . ARG A 1 118 ? -15.803 12.861  -17.241 1.00 49.88 ? 117 ARG A NH1 1 
ATOM   893  N  NH2 . ARG A 1 118 ? -16.805 11.916  -15.404 1.00 50.49 ? 117 ARG A NH2 1 
ATOM   894  N  N   . LEU A 1 119 ? -10.970 10.458  -9.960  1.00 14.65 ? 118 LEU A N   1 
ATOM   895  C  CA  . LEU A 1 119 ? -10.806 10.044  -8.569  1.00 14.26 ? 118 LEU A CA  1 
ATOM   896  C  C   . LEU A 1 119 ? -11.769 8.943   -8.127  1.00 13.02 ? 118 LEU A C   1 
ATOM   897  O  O   . LEU A 1 119 ? -11.369 7.984   -7.471  1.00 12.75 ? 118 LEU A O   1 
ATOM   898  C  CB  . LEU A 1 119 ? -10.952 11.252  -7.641  1.00 16.49 ? 118 LEU A CB  1 
ATOM   899  C  CG  . LEU A 1 119 ? -10.773 10.960  -6.150  1.00 18.09 ? 118 LEU A CG  1 
ATOM   900  C  CD1 . LEU A 1 119 ? -9.387  10.374  -5.883  1.00 18.58 ? 118 LEU A CD1 1 
ATOM   901  C  CD2 . LEU A 1 119 ? -10.967 12.244  -5.372  1.00 21.78 ? 118 LEU A CD2 1 
ATOM   902  N  N   . LYS A 1 120 ? -13.043 9.085   -8.465  1.00 13.89 ? 119 LYS A N   1 
ATOM   903  C  CA  . LYS A 1 120 ? -14.017 8.074   -8.081  1.00 13.11 ? 119 LYS A CA  1 
ATOM   904  C  C   . LYS A 1 120 ? -13.578 6.698   -8.560  1.00 13.86 ? 119 LYS A C   1 
ATOM   905  O  O   . LYS A 1 120 ? -13.656 5.717   -7.817  1.00 12.73 ? 119 LYS A O   1 
ATOM   906  C  CB  . LYS A 1 120 ? -15.385 8.407   -8.677  1.00 16.54 ? 119 LYS A CB  1 
ATOM   907  C  CG  . LYS A 1 120 ? -16.482 7.425   -8.314  1.00 17.77 ? 119 LYS A CG  1 
ATOM   908  C  CD  . LYS A 1 120 ? -17.801 7.869   -8.931  1.00 19.88 ? 119 LYS A CD  1 
ATOM   909  C  CE  . LYS A 1 120 ? -18.948 6.979   -8.503  1.00 17.79 ? 119 LYS A CE  1 
ATOM   910  N  NZ  . LYS A 1 120 ? -20.231 7.457   -9.089  1.00 17.26 ? 119 LYS A NZ  1 
ATOM   911  N  N   . ASN A 1 121 ? -13.119 6.631   -9.804  1.00 13.06 ? 120 ASN A N   1 
ATOM   912  C  CA  . ASN A 1 121 ? -12.677 5.369   -10.383 1.00 13.02 ? 120 ASN A CA  1 
ATOM   913  C  C   . ASN A 1 121 ? -11.381 4.887   -9.748  1.00 12.31 ? 120 ASN A C   1 
ATOM   914  O  O   . ASN A 1 121 ? -11.200 3.685   -9.537  1.00 12.90 ? 120 ASN A O   1 
ATOM   915  C  CB  . ASN A 1 121 ? -12.532 5.521   -11.899 1.00 12.67 ? 120 ASN A CB  1 
ATOM   916  C  CG  . ASN A 1 121 ? -13.852 5.863   -12.569 1.00 15.49 ? 120 ASN A CG  1 
ATOM   917  O  OD1 . ASN A 1 121 ? -14.499 5.010   -13.184 1.00 19.62 ? 120 ASN A OD1 1 
ATOM   918  N  ND2 . ASN A 1 121 ? -14.268 7.112   -12.431 1.00 15.77 ? 120 ASN A ND2 1 
ATOM   919  N  N   . ARG A 1 122 ? -10.489 5.817   -9.424  1.00 13.34 ? 121 ARG A N   1 
ATOM   920  C  CA  . ARG A 1 122 ? -9.242  5.443   -8.775  1.00 13.72 ? 121 ARG A CA  1 
ATOM   921  C  C   . ARG A 1 122 ? -9.535  4.926   -7.367  1.00 12.16 ? 121 ARG A C   1 
ATOM   922  O  O   . ARG A 1 122 ? -8.854  4.030   -6.885  1.00 12.87 ? 121 ARG A O   1 
ATOM   923  C  CB  . ARG A 1 122 ? -8.278  6.633   -8.719  1.00 16.13 ? 121 ARG A CB  1 
ATOM   924  C  CG  . ARG A 1 122 ? -7.735  7.003   -10.093 1.00 16.75 ? 121 ARG A CG  1 
ATOM   925  C  CD  . ARG A 1 122 ? -6.514  7.902   -10.027 1.00 21.87 ? 121 ARG A CD  1 
ATOM   926  N  NE  . ARG A 1 122 ? -6.823  9.255   -9.579  1.00 27.89 ? 121 ARG A NE  1 
ATOM   927  C  CZ  . ARG A 1 122 ? -6.475  9.746   -8.397  1.00 24.25 ? 121 ARG A CZ  1 
ATOM   928  N  NH1 . ARG A 1 122 ? -5.803  8.994   -7.541  1.00 31.25 ? 121 ARG A NH1 1 
ATOM   929  N  NH2 . ARG A 1 122 ? -6.801  10.988  -8.072  1.00 27.53 ? 121 ARG A NH2 1 
HETATM 930  N  N   . MSE A 1 123 ? -10.549 5.486   -6.707  1.00 13.45 ? 122 MSE A N   1 
HETATM 931  C  CA  . MSE A 1 123 ? -10.898 5.036   -5.360  1.00 13.73 ? 122 MSE A CA  1 
HETATM 932  C  C   . MSE A 1 123 ? -11.430 3.603   -5.414  1.00 11.34 ? 122 MSE A C   1 
HETATM 933  O  O   . MSE A 1 123 ? -11.136 2.793   -4.535  1.00 13.22 ? 122 MSE A O   1 
HETATM 934  C  CB  . MSE A 1 123 ? -11.952 5.965   -4.743  1.00 14.61 ? 122 MSE A CB  1 
HETATM 935  C  CG  . MSE A 1 123 ? -12.426 5.550   -3.338  1.00 15.37 ? 122 MSE A CG  1 
HETATM 936  SE SE  . MSE A 1 123 ? -11.027 5.431   -2.056  1.00 18.96 ? 122 MSE A SE  1 
HETATM 937  C  CE  . MSE A 1 123 ? -10.618 7.225   -1.922  1.00 16.40 ? 122 MSE A CE  1 
ATOM   938  N  N   . ALA A 1 124 ? -12.227 3.302   -6.434  1.00 12.98 ? 123 ALA A N   1 
ATOM   939  C  CA  . ALA A 1 124 ? -12.767 1.959   -6.603  1.00 10.68 ? 123 ALA A CA  1 
ATOM   940  C  C   . ALA A 1 124 ? -11.600 0.991   -6.738  1.00 12.70 ? 123 ALA A C   1 
ATOM   941  O  O   . ALA A 1 124 ? -11.596 -0.084  -6.140  1.00 12.80 ? 123 ALA A O   1 
ATOM   942  C  CB  . ALA A 1 124 ? -13.657 1.899   -7.858  1.00 13.68 ? 123 ALA A CB  1 
ATOM   943  N  N   . ALA A 1 125 ? -10.604 1.373   -7.530  1.00 12.45 ? 124 ALA A N   1 
ATOM   944  C  CA  . ALA A 1 125 ? -9.436  0.517   -7.714  1.00 12.87 ? 124 ALA A CA  1 
ATOM   945  C  C   . ALA A 1 125 ? -8.678  0.359   -6.400  1.00 14.10 ? 124 ALA A C   1 
ATOM   946  O  O   . ALA A 1 125 ? -8.251  -0.739  -6.048  1.00 14.57 ? 124 ALA A O   1 
ATOM   947  C  CB  . ALA A 1 125 ? -8.514  1.099   -8.788  1.00 13.70 ? 124 ALA A CB  1 
ATOM   948  N  N   . ALA A 1 126 ? -8.520  1.460   -5.671  1.00 13.36 ? 125 ALA A N   1 
ATOM   949  C  CA  . ALA A 1 126 ? -7.809  1.431   -4.395  1.00 13.77 ? 125 ALA A CA  1 
ATOM   950  C  C   . ALA A 1 126 ? -8.514  0.516   -3.394  1.00 14.92 ? 125 ALA A C   1 
ATOM   951  O  O   . ALA A 1 126 ? -7.864  -0.225  -2.655  1.00 15.07 ? 125 ALA A O   1 
ATOM   952  C  CB  . ALA A 1 126 ? -7.700  2.841   -3.826  1.00 13.84 ? 125 ALA A CB  1 
ATOM   953  N  N   . LEU A 1 127 ? -9.841  0.572   -3.367  1.00 13.51 ? 126 LEU A N   1 
ATOM   954  C  CA  . LEU A 1 127 ? -10.606 -0.270  -2.449  1.00 13.34 ? 126 LEU A CA  1 
ATOM   955  C  C   . LEU A 1 127 ? -10.435 -1.742  -2.794  1.00 13.67 ? 126 LEU A C   1 
ATOM   956  O  O   . LEU A 1 127 ? -10.265 -2.574  -1.907  1.00 15.26 ? 126 LEU A O   1 
ATOM   957  C  CB  . LEU A 1 127 ? -12.092 0.103   -2.471  1.00 13.22 ? 126 LEU A CB  1 
ATOM   958  C  CG  . LEU A 1 127 ? -12.439 1.479   -1.891  1.00 13.13 ? 126 LEU A CG  1 
ATOM   959  C  CD1 . LEU A 1 127 ? -13.892 1.807   -2.194  1.00 13.43 ? 126 LEU A CD1 1 
ATOM   960  C  CD2 . LEU A 1 127 ? -12.182 1.491   -0.391  1.00 13.24 ? 126 LEU A CD2 1 
ATOM   961  N  N   . LEU A 1 128 ? -10.464 -2.066  -4.083  1.00 14.21 ? 127 LEU A N   1 
ATOM   962  C  CA  . LEU A 1 128 ? -10.300 -3.455  -4.491  1.00 15.02 ? 127 LEU A CA  1 
ATOM   963  C  C   . LEU A 1 128 ? -8.884  -3.933  -4.183  1.00 15.27 ? 127 LEU A C   1 
ATOM   964  O  O   . LEU A 1 128 ? -8.696  -5.060  -3.729  1.00 17.85 ? 127 LEU A O   1 
ATOM   965  C  CB  . LEU A 1 128 ? -10.620 -3.616  -5.981  1.00 17.24 ? 127 LEU A CB  1 
ATOM   966  C  CG  . LEU A 1 128 ? -12.093 -3.367  -6.339  1.00 15.56 ? 127 LEU A CG  1 
ATOM   967  C  CD1 . LEU A 1 128 ? -12.280 -3.456  -7.846  1.00 17.92 ? 127 LEU A CD1 1 
ATOM   968  C  CD2 . LEU A 1 128 ? -12.986 -4.380  -5.621  1.00 17.94 ? 127 LEU A CD2 1 
ATOM   969  N  N   . GLU A 1 129 ? -7.893  -3.076  -4.409  1.00 15.17 ? 128 GLU A N   1 
ATOM   970  C  CA  . GLU A 1 129 ? -6.505  -3.442  -4.129  1.00 17.82 ? 128 GLU A CA  1 
ATOM   971  C  C   . GLU A 1 129 ? -6.340  -3.763  -2.644  1.00 18.18 ? 128 GLU A C   1 
ATOM   972  O  O   . GLU A 1 129 ? -5.760  -4.787  -2.278  1.00 18.27 ? 128 GLU A O   1 
ATOM   973  C  CB  . GLU A 1 129 ? -5.561  -2.303  -4.525  1.00 22.28 ? 128 GLU A CB  1 
ATOM   974  C  CG  . GLU A 1 129 ? -4.087  -2.602  -4.273  1.00 33.28 ? 128 GLU A CG  1 
ATOM   975  C  CD  . GLU A 1 129 ? -3.171  -1.479  -4.729  1.00 40.78 ? 128 GLU A CD  1 
ATOM   976  O  OE1 . GLU A 1 129 ? -3.175  -1.159  -5.937  1.00 45.31 ? 128 GLU A OE1 1 
ATOM   977  O  OE2 . GLU A 1 129 ? -2.445  -0.916  -3.882  1.00 45.67 ? 128 GLU A OE2 1 
ATOM   978  N  N   . LEU A 1 130 ? -6.855  -2.887  -1.789  1.00 16.17 ? 129 LEU A N   1 
ATOM   979  C  CA  . LEU A 1 130 ? -6.760  -3.092  -0.348  1.00 18.36 ? 129 LEU A CA  1 
ATOM   980  C  C   . LEU A 1 130 ? -7.515  -4.336  0.119   1.00 19.96 ? 129 LEU A C   1 
ATOM   981  O  O   . LEU A 1 130 ? -7.149  -4.944  1.126   1.00 19.51 ? 129 LEU A O   1 
ATOM   982  C  CB  . LEU A 1 130 ? -7.283  -1.855  0.393   1.00 21.19 ? 129 LEU A CB  1 
ATOM   983  C  CG  . LEU A 1 130 ? -6.421  -0.593  0.285   1.00 23.20 ? 129 LEU A CG  1 
ATOM   984  C  CD1 . LEU A 1 130 ? -7.173  0.605   0.842   1.00 26.56 ? 129 LEU A CD1 1 
ATOM   985  C  CD2 . LEU A 1 130 ? -5.115  -0.800  1.040   1.00 25.27 ? 129 LEU A CD2 1 
ATOM   986  N  N   . SER A 1 131 ? -8.560  -4.720  -0.612  1.00 19.25 ? 130 SER A N   1 
ATOM   987  C  CA  . SER A 1 131 ? -9.360  -5.888  -0.246  1.00 21.33 ? 130 SER A CA  1 
ATOM   988  C  C   . SER A 1 131 ? -8.584  -7.188  -0.386  1.00 23.05 ? 130 SER A C   1 
ATOM   989  O  O   . SER A 1 131 ? -9.013  -8.230  0.104   1.00 23.43 ? 130 SER A O   1 
ATOM   990  C  CB  . SER A 1 131 ? -10.631 -5.968  -1.103  1.00 23.18 ? 130 SER A CB  1 
ATOM   991  O  OG  . SER A 1 131 ? -10.344 -6.367  -2.434  1.00 28.54 ? 130 SER A OG  1 
ATOM   992  N  N   . GLU A 1 132 ? -7.443  -7.120  -1.062  1.00 21.08 ? 131 GLU A N   1 
ATOM   993  C  CA  . GLU A 1 132 ? -6.605  -8.293  -1.269  1.00 25.02 ? 131 GLU A CA  1 
ATOM   994  C  C   . GLU A 1 132 ? -5.459  -8.335  -0.265  1.00 26.56 ? 131 GLU A C   1 
ATOM   995  O  O   . GLU A 1 132 ? -4.483  -9.056  -0.466  1.00 31.05 ? 131 GLU A O   1 
ATOM   996  C  CB  . GLU A 1 132 ? -6.027  -8.282  -2.684  1.00 28.85 ? 131 GLU A CB  1 
ATOM   997  C  CG  . GLU A 1 132 ? -7.066  -8.294  -3.790  1.00 36.64 ? 131 GLU A CG  1 
ATOM   998  C  CD  . GLU A 1 132 ? -6.439  -8.312  -5.171  1.00 42.35 ? 131 GLU A CD  1 
ATOM   999  O  OE1 . GLU A 1 132 ? -5.700  -7.361  -5.503  1.00 46.32 ? 131 GLU A OE1 1 
ATOM   1000 O  OE2 . GLU A 1 132 ? -6.681  -9.278  -5.923  1.00 46.32 ? 131 GLU A OE2 1 
ATOM   1001 N  N   . THR A 1 133 ? -5.577  -7.562  0.810   1.00 24.70 ? 132 THR A N   1 
ATOM   1002 C  CA  . THR A 1 133 ? -4.533  -7.520  1.833   1.00 21.76 ? 132 THR A CA  1 
ATOM   1003 C  C   . THR A 1 133 ? -5.106  -7.876  3.199   1.00 22.11 ? 132 THR A C   1 
ATOM   1004 O  O   . THR A 1 133 ? -6.320  -7.946  3.370   1.00 19.63 ? 132 THR A O   1 
ATOM   1005 C  CB  . THR A 1 133 ? -3.901  -6.112  1.940   1.00 22.68 ? 132 THR A CB  1 
ATOM   1006 O  OG1 . THR A 1 133 ? -4.838  -5.212  2.542   1.00 20.35 ? 132 THR A OG1 1 
ATOM   1007 C  CG2 . THR A 1 133 ? -3.512  -5.589  0.567   1.00 23.01 ? 132 THR A CG2 1 
ATOM   1008 N  N   . PRO A 1 134 ? -4.232  -8.111  4.195   1.00 21.16 ? 133 PRO A N   1 
ATOM   1009 C  CA  . PRO A 1 134 ? -4.709  -8.453  5.537   1.00 23.16 ? 133 PRO A CA  1 
ATOM   1010 C  C   . PRO A 1 134 ? -5.466  -7.319  6.231   1.00 23.03 ? 133 PRO A C   1 
ATOM   1011 O  O   . PRO A 1 134 ? -5.905  -7.466  7.372   1.00 24.62 ? 133 PRO A O   1 
ATOM   1012 C  CB  . PRO A 1 134 ? -3.428  -8.851  6.274   1.00 24.94 ? 133 PRO A CB  1 
ATOM   1013 C  CG  . PRO A 1 134 ? -2.362  -8.087  5.557   1.00 24.71 ? 133 PRO A CG  1 
ATOM   1014 C  CD  . PRO A 1 134 ? -2.767  -8.235  4.114   1.00 24.89 ? 133 PRO A CD  1 
ATOM   1015 N  N   . LEU A 1 135 ? -5.614  -6.186  5.547   1.00 20.59 ? 134 LEU A N   1 
ATOM   1016 C  CA  . LEU A 1 135 ? -6.353  -5.059  6.113   1.00 20.12 ? 134 LEU A CA  1 
ATOM   1017 C  C   . LEU A 1 135 ? -7.841  -5.302  5.903   1.00 18.14 ? 134 LEU A C   1 
ATOM   1018 O  O   . LEU A 1 135 ? -8.684  -4.548  6.390   1.00 18.95 ? 134 LEU A O   1 
ATOM   1019 C  CB  . LEU A 1 135 ? -5.953  -3.741  5.435   1.00 18.89 ? 134 LEU A CB  1 
ATOM   1020 C  CG  . LEU A 1 135 ? -4.594  -3.155  5.821   1.00 18.71 ? 134 LEU A CG  1 
ATOM   1021 C  CD1 . LEU A 1 135 ? -4.303  -1.932  4.969   1.00 20.86 ? 134 LEU A CD1 1 
ATOM   1022 C  CD2 . LEU A 1 135 ? -4.594  -2.790  7.295   1.00 23.16 ? 134 LEU A CD2 1 
ATOM   1023 N  N   . ALA A 1 136 ? -8.161  -6.365  5.175   1.00 19.31 ? 135 ALA A N   1 
ATOM   1024 C  CA  . ALA A 1 136 ? -9.553  -6.692  4.909   1.00 17.98 ? 135 ALA A CA  1 
ATOM   1025 C  C   . ALA A 1 136 ? -9.898  -8.122  5.291   1.00 17.92 ? 135 ALA A C   1 
ATOM   1026 O  O   . ALA A 1 136 ? -9.025  -8.980  5.419   1.00 18.36 ? 135 ALA A O   1 
ATOM   1027 C  CB  . ALA A 1 136 ? -9.858  -6.480  3.436   1.00 20.81 ? 135 ALA A CB  1 
ATOM   1028 N  N   . HIS A 1 137 ? -11.188 -8.355  5.489   1.00 18.08 ? 136 HIS A N   1 
ATOM   1029 C  CA  . HIS A 1 137 ? -11.708 -9.681  5.796   1.00 17.52 ? 136 HIS A CA  1 
ATOM   1030 C  C   . HIS A 1 137 ? -13.182 -9.597  5.434   1.00 18.84 ? 136 HIS A C   1 
ATOM   1031 O  O   . HIS A 1 137 ? -13.566 -8.683  4.708   1.00 18.68 ? 136 HIS A O   1 
ATOM   1032 C  CB  . HIS A 1 137 ? -11.449 -10.069 7.269   1.00 19.32 ? 136 HIS A CB  1 
ATOM   1033 C  CG  . HIS A 1 137 ? -12.355 -9.422  8.271   1.00 20.94 ? 136 HIS A CG  1 
ATOM   1034 N  ND1 . HIS A 1 137 ? -12.841 -8.141  8.133   1.00 25.14 ? 136 HIS A ND1 1 
ATOM   1035 C  CD2 . HIS A 1 137 ? -12.803 -9.867  9.471   1.00 20.63 ? 136 HIS A CD2 1 
ATOM   1036 C  CE1 . HIS A 1 137 ? -13.548 -7.823  9.202   1.00 23.98 ? 136 HIS A CE1 1 
ATOM   1037 N  NE2 . HIS A 1 137 ? -13.541 -8.853  10.030  1.00 28.31 ? 136 HIS A NE2 1 
ATOM   1038 N  N   . GLU A 1 138 ? -14.010 -10.532 5.884   1.00 18.61 ? 137 GLU A N   1 
ATOM   1039 C  CA  . GLU A 1 138 ? -15.420 -10.454 5.526   1.00 18.72 ? 137 GLU A CA  1 
ATOM   1040 C  C   . GLU A 1 138 ? -16.347 -10.439 6.730   1.00 20.81 ? 137 GLU A C   1 
ATOM   1041 O  O   . GLU A 1 138 ? -16.078 -11.079 7.743   1.00 20.97 ? 137 GLU A O   1 
ATOM   1042 C  CB  . GLU A 1 138 ? -15.798 -11.607 4.586   1.00 22.61 ? 137 GLU A CB  1 
ATOM   1043 C  CG  . GLU A 1 138 ? -15.943 -12.969 5.251   1.00 27.34 ? 137 GLU A CG  1 
ATOM   1044 C  CD  . GLU A 1 138 ? -17.394 -13.403 5.388   1.00 30.68 ? 137 GLU A CD  1 
ATOM   1045 O  OE1 . GLU A 1 138 ? -18.162 -12.714 6.096   1.00 33.55 ? 137 GLU A OE1 1 
ATOM   1046 O  OE2 . GLU A 1 138 ? -17.765 -14.436 4.784   1.00 24.49 ? 137 GLU A OE2 1 
ATOM   1047 N  N   . GLU A 1 139 ? -17.428 -9.675  6.605   1.00 20.30 ? 138 GLU A N   1 
ATOM   1048 C  CA  . GLU A 1 139 ? -18.441 -9.555  7.646   1.00 21.21 ? 138 GLU A CA  1 
ATOM   1049 C  C   . GLU A 1 139 ? -19.793 -9.566  6.947   1.00 22.78 ? 138 GLU A C   1 
ATOM   1050 O  O   . GLU A 1 139 ? -20.005 -8.821  5.991   1.00 21.32 ? 138 GLU A O   1 
ATOM   1051 C  CB  . GLU A 1 139 ? -18.277 -8.242  8.413   1.00 22.40 ? 138 GLU A CB  1 
ATOM   1052 C  CG  . GLU A 1 139 ? -17.000 -8.139  9.221   1.00 22.94 ? 138 GLU A CG  1 
ATOM   1053 C  CD  . GLU A 1 139 ? -16.895 -6.825  9.972   1.00 25.40 ? 138 GLU A CD  1 
ATOM   1054 O  OE1 . GLU A 1 139 ? -17.948 -6.286  10.373  1.00 30.20 ? 138 GLU A OE1 1 
ATOM   1055 O  OE2 . GLU A 1 139 ? -15.763 -6.338  10.172  1.00 27.01 ? 138 GLU A OE2 1 
ATOM   1056 N  N   . GLU A 1 140 ? -20.700 -10.416 7.414   1.00 25.43 ? 139 GLU A N   1 
ATOM   1057 C  CA  . GLU A 1 140 ? -22.033 -10.509 6.825   1.00 27.89 ? 139 GLU A CA  1 
ATOM   1058 C  C   . GLU A 1 140 ? -21.952 -10.894 5.349   1.00 26.11 ? 139 GLU A C   1 
ATOM   1059 O  O   . GLU A 1 140 ? -22.815 -10.519 4.552   1.00 25.24 ? 139 GLU A O   1 
ATOM   1060 C  CB  . GLU A 1 140 ? -22.756 -9.167  6.952   1.00 36.45 ? 139 GLU A CB  1 
ATOM   1061 C  CG  . GLU A 1 140 ? -22.574 -8.482  8.293   1.00 48.26 ? 139 GLU A CG  1 
ATOM   1062 C  CD  . GLU A 1 140 ? -23.252 -7.128  8.343   1.00 55.64 ? 139 GLU A CD  1 
ATOM   1063 O  OE1 . GLU A 1 140 ? -24.501 -7.088  8.334   1.00 60.59 ? 139 GLU A OE1 1 
ATOM   1064 O  OE2 . GLU A 1 140 ? -22.536 -6.105  8.380   1.00 58.97 ? 139 GLU A OE2 1 
ATOM   1065 N  N   . GLY A 1 141 ? -20.907 -11.633 4.991   1.00 23.28 ? 140 GLY A N   1 
ATOM   1066 C  CA  . GLY A 1 141 ? -20.734 -12.063 3.614   1.00 20.38 ? 140 GLY A CA  1 
ATOM   1067 C  C   . GLY A 1 141 ? -20.189 -11.001 2.672   1.00 20.93 ? 140 GLY A C   1 
ATOM   1068 O  O   . GLY A 1 141 ? -20.146 -11.205 1.461   1.00 22.67 ? 140 GLY A O   1 
ATOM   1069 N  N   . LYS A 1 142 ? -19.768 -9.865  3.218   1.00 19.44 ? 141 LYS A N   1 
ATOM   1070 C  CA  . LYS A 1 142 ? -19.230 -8.786  2.397   1.00 18.55 ? 141 LYS A CA  1 
ATOM   1071 C  C   . LYS A 1 142 ? -17.833 -8.410  2.855   1.00 16.83 ? 141 LYS A C   1 
ATOM   1072 O  O   . LYS A 1 142 ? -17.527 -8.473  4.047   1.00 18.82 ? 141 LYS A O   1 
ATOM   1073 C  CB  . LYS A 1 142 ? -20.126 -7.551  2.490   1.00 19.40 ? 141 LYS A CB  1 
ATOM   1074 C  CG  . LYS A 1 142 ? -21.534 -7.749  1.956   1.00 20.94 ? 141 LYS A CG  1 
ATOM   1075 C  CD  . LYS A 1 142 ? -21.528 -7.960  0.457   1.00 25.07 ? 141 LYS A CD  1 
ATOM   1076 C  CE  . LYS A 1 142 ? -22.946 -8.033  -0.092  1.00 27.81 ? 141 LYS A CE  1 
ATOM   1077 N  NZ  . LYS A 1 142 ? -22.968 -8.109  -1.580  1.00 31.69 ? 141 LYS A NZ  1 
ATOM   1078 N  N   . VAL A 1 143 ? -16.987 -8.015  1.908   1.00 16.14 ? 142 VAL A N   1 
ATOM   1079 C  CA  . VAL A 1 143 ? -15.632 -7.611  2.243   1.00 15.82 ? 142 VAL A CA  1 
ATOM   1080 C  C   . VAL A 1 143 ? -15.697 -6.340  3.080   1.00 15.12 ? 142 VAL A C   1 
ATOM   1081 O  O   . VAL A 1 143 ? -16.452 -5.421  2.765   1.00 15.96 ? 142 VAL A O   1 
ATOM   1082 C  CB  . VAL A 1 143 ? -14.800 -7.313  0.979   1.00 17.50 ? 142 VAL A CB  1 
ATOM   1083 C  CG1 . VAL A 1 143 ? -13.421 -6.783  1.375   1.00 19.57 ? 142 VAL A CG1 1 
ATOM   1084 C  CG2 . VAL A 1 143 ? -14.677 -8.574  0.129   1.00 19.54 ? 142 VAL A CG2 1 
ATOM   1085 N  N   . VAL A 1 144 ? -14.929 -6.307  4.163   1.00 15.39 ? 143 VAL A N   1 
ATOM   1086 C  CA  . VAL A 1 144 ? -14.875 -5.135  5.026   1.00 15.49 ? 143 VAL A CA  1 
ATOM   1087 C  C   . VAL A 1 144 ? -13.414 -4.745  5.150   1.00 16.21 ? 143 VAL A C   1 
ATOM   1088 O  O   . VAL A 1 144 ? -12.577 -5.554  5.552   1.00 17.47 ? 143 VAL A O   1 
ATOM   1089 C  CB  . VAL A 1 144 ? -15.452 -5.411  6.434   1.00 17.01 ? 143 VAL A CB  1 
ATOM   1090 C  CG1 . VAL A 1 144 ? -15.224 -4.204  7.334   1.00 19.89 ? 143 VAL A CG1 1 
ATOM   1091 C  CG2 . VAL A 1 144 ? -16.945 -5.705  6.338   1.00 17.50 ? 143 VAL A CG2 1 
ATOM   1092 N  N   . LEU A 1 145 ? -13.113 -3.505  4.779   1.00 15.82 ? 144 LEU A N   1 
ATOM   1093 C  CA  . LEU A 1 145 ? -11.757 -2.981  4.830   1.00 16.45 ? 144 LEU A CA  1 
ATOM   1094 C  C   . LEU A 1 145 ? -11.570 -2.067  6.026   1.00 16.43 ? 144 LEU A C   1 
ATOM   1095 O  O   . LEU A 1 145 ? -12.422 -1.225  6.305   1.00 16.29 ? 144 LEU A O   1 
ATOM   1096 C  CB  . LEU A 1 145 ? -11.447 -2.151  3.582   1.00 20.17 ? 144 LEU A CB  1 
ATOM   1097 C  CG  . LEU A 1 145 ? -11.646 -2.700  2.177   1.00 24.35 ? 144 LEU A CG  1 
ATOM   1098 C  CD1 . LEU A 1 145 ? -11.362 -1.588  1.178   1.00 26.66 ? 144 LEU A CD1 1 
ATOM   1099 C  CD2 . LEU A 1 145 ? -10.730 -3.880  1.944   1.00 26.59 ? 144 LEU A CD2 1 
ATOM   1100 N  N   . LYS A 1 146 ? -10.451 -2.234  6.722   1.00 17.29 ? 145 LYS A N   1 
ATOM   1101 C  CA  . LYS A 1 146 ? -10.121 -1.373  7.845   1.00 20.24 ? 145 LYS A CA  1 
ATOM   1102 C  C   . LYS A 1 146 ? -9.306  -0.236  7.241   1.00 19.44 ? 145 LYS A C   1 
ATOM   1103 O  O   . LYS A 1 146 ? -8.144  -0.421  6.872   1.00 20.74 ? 145 LYS A O   1 
ATOM   1104 C  CB  . LYS A 1 146 ? -9.269  -2.121  8.872   1.00 24.74 ? 145 LYS A CB  1 
ATOM   1105 C  CG  . LYS A 1 146 ? -8.705  -1.228  9.974   1.00 31.61 ? 145 LYS A CG  1 
ATOM   1106 C  CD  . LYS A 1 146 ? -7.806  -2.012  10.923  1.00 35.13 ? 145 LYS A CD  1 
ATOM   1107 C  CE  . LYS A 1 146 ? -7.270  -1.136  12.051  1.00 39.07 ? 145 LYS A CE  1 
ATOM   1108 N  NZ  . LYS A 1 146 ? -6.388  -0.039  11.560  1.00 40.85 ? 145 LYS A NZ  1 
ATOM   1109 N  N   . ALA A 1 147 ? -9.918  0.937   7.118   1.00 18.52 ? 146 ALA A N   1 
ATOM   1110 C  CA  . ALA A 1 147 ? -9.232  2.084   6.542   1.00 18.61 ? 146 ALA A CA  1 
ATOM   1111 C  C   . ALA A 1 147 ? -9.999  3.366   6.813   1.00 19.72 ? 146 ALA A C   1 
ATOM   1112 O  O   . ALA A 1 147 ? -11.176 3.481   6.466   1.00 21.60 ? 146 ALA A O   1 
ATOM   1113 C  CB  . ALA A 1 147 ? -9.064  1.891   5.040   1.00 21.05 ? 146 ALA A CB  1 
ATOM   1114 N  N   . THR A 1 148 ? -9.324  4.330   7.431   1.00 18.09 ? 147 THR A N   1 
ATOM   1115 C  CA  . THR A 1 148 ? -9.939  5.614   7.736   1.00 16.72 ? 147 THR A CA  1 
ATOM   1116 C  C   . THR A 1 148 ? -9.931  6.451   6.463   1.00 16.05 ? 147 THR A C   1 
ATOM   1117 O  O   . THR A 1 148 ? -9.252  6.109   5.491   1.00 16.86 ? 147 THR A O   1 
ATOM   1118 C  CB  . THR A 1 148 ? -9.149  6.374   8.817   1.00 17.97 ? 147 THR A CB  1 
ATOM   1119 O  OG1 . THR A 1 148 ? -7.864  6.739   8.299   1.00 20.79 ? 147 THR A OG1 1 
ATOM   1120 C  CG2 . THR A 1 148 ? -8.965  5.503   10.052  1.00 20.98 ? 147 THR A CG2 1 
ATOM   1121 N  N   . HIS A 1 149 ? -10.685 7.542   6.452   1.00 17.63 ? 148 HIS A N   1 
ATOM   1122 C  CA  . HIS A 1 149 ? -10.713 8.384   5.267   1.00 16.04 ? 148 HIS A CA  1 
ATOM   1123 C  C   . HIS A 1 149 ? -9.352  9.011   5.004   1.00 16.84 ? 148 HIS A C   1 
ATOM   1124 O  O   . HIS A 1 149 ? -8.980  9.239   3.857   1.00 16.57 ? 148 HIS A O   1 
ATOM   1125 C  CB  . HIS A 1 149 ? -11.798 9.458   5.392   1.00 16.20 ? 148 HIS A CB  1 
ATOM   1126 C  CG  . HIS A 1 149 ? -13.182 8.922   5.201   1.00 17.81 ? 148 HIS A CG  1 
ATOM   1127 N  ND1 . HIS A 1 149 ? -14.253 9.722   4.864   1.00 19.34 ? 148 HIS A ND1 1 
ATOM   1128 C  CD2 . HIS A 1 149 ? -13.662 7.658   5.271   1.00 17.03 ? 148 HIS A CD2 1 
ATOM   1129 C  CE1 . HIS A 1 149 ? -15.333 8.971   4.730   1.00 18.84 ? 148 HIS A CE1 1 
ATOM   1130 N  NE2 . HIS A 1 149 ? -15.000 7.715   4.972   1.00 19.57 ? 148 HIS A NE2 1 
ATOM   1131 N  N   . ASP A 1 150 ? -8.603  9.281   6.069   1.00 18.36 ? 149 ASP A N   1 
ATOM   1132 C  CA  . ASP A 1 150 ? -7.276  9.855   5.900   1.00 19.78 ? 149 ASP A CA  1 
ATOM   1133 C  C   . ASP A 1 150 ? -6.351  8.823   5.252   1.00 17.66 ? 149 ASP A C   1 
ATOM   1134 O  O   . ASP A 1 150 ? -5.498  9.165   4.433   1.00 18.49 ? 149 ASP A O   1 
ATOM   1135 C  CB  . ASP A 1 150 ? -6.711  10.312  7.247   1.00 22.16 ? 149 ASP A CB  1 
ATOM   1136 C  CG  . ASP A 1 150 ? -7.453  11.513  7.813   1.00 24.86 ? 149 ASP A CG  1 
ATOM   1137 O  OD1 . ASP A 1 150 ? -7.711  12.465  7.049   1.00 25.98 ? 149 ASP A OD1 1 
ATOM   1138 O  OD2 . ASP A 1 150 ? -7.771  11.510  9.022   1.00 31.03 ? 149 ASP A OD2 1 
ATOM   1139 N  N   . GLU A 1 151 ? -6.521  7.557   5.616   1.00 17.22 ? 150 GLU A N   1 
ATOM   1140 C  CA  . GLU A 1 151 ? -5.692  6.516   5.026   1.00 17.37 ? 150 GLU A CA  1 
ATOM   1141 C  C   . GLU A 1 151 ? -6.074  6.324   3.564   1.00 15.87 ? 150 GLU A C   1 
ATOM   1142 O  O   . GLU A 1 151 ? -5.213  6.085   2.724   1.00 16.79 ? 150 GLU A O   1 
ATOM   1143 C  CB  . GLU A 1 151 ? -5.838  5.204   5.796   1.00 17.38 ? 150 GLU A CB  1 
ATOM   1144 C  CG  . GLU A 1 151 ? -5.318  5.301   7.224   1.00 22.17 ? 150 GLU A CG  1 
ATOM   1145 C  CD  . GLU A 1 151 ? -5.414  3.998   7.981   1.00 22.99 ? 150 GLU A CD  1 
ATOM   1146 O  OE1 . GLU A 1 151 ? -6.497  3.373   7.966   1.00 23.56 ? 150 GLU A OE1 1 
ATOM   1147 O  OE2 . GLU A 1 151 ? -4.405  3.600   8.603   1.00 27.11 ? 150 GLU A OE2 1 
ATOM   1148 N  N   . LEU A 1 152 ? -7.363  6.445   3.251   1.00 14.89 ? 151 LEU A N   1 
ATOM   1149 C  CA  . LEU A 1 152 ? -7.796  6.290   1.871   1.00 14.34 ? 151 LEU A CA  1 
ATOM   1150 C  C   . LEU A 1 152 ? -7.268  7.445   1.027   1.00 14.22 ? 151 LEU A C   1 
ATOM   1151 O  O   . LEU A 1 152 ? -6.937  7.266   -0.142  1.00 15.95 ? 151 LEU A O   1 
ATOM   1152 C  CB  . LEU A 1 152 ? -9.326  6.223   1.789   1.00 15.52 ? 151 LEU A CB  1 
ATOM   1153 C  CG  . LEU A 1 152 ? -9.951  4.962   2.394   1.00 17.43 ? 151 LEU A CG  1 
ATOM   1154 C  CD1 . LEU A 1 152 ? -11.467 5.092   2.383   1.00 20.16 ? 151 LEU A CD1 1 
ATOM   1155 C  CD2 . LEU A 1 152 ? -9.510  3.728   1.613   1.00 16.33 ? 151 LEU A CD2 1 
ATOM   1156 N  N   . ALA A 1 153 ? -7.194  8.628   1.631   1.00 15.84 ? 152 ALA A N   1 
ATOM   1157 C  CA  . ALA A 1 153 ? -6.687  9.811   0.948   1.00 14.83 ? 152 ALA A CA  1 
ATOM   1158 C  C   . ALA A 1 153 ? -5.223  9.571   0.591   1.00 15.42 ? 152 ALA A C   1 
ATOM   1159 O  O   . ALA A 1 153 ? -4.784  9.907   -0.505  1.00 16.59 ? 152 ALA A O   1 
ATOM   1160 C  CB  . ALA A 1 153 ? -6.817  11.030  1.846   1.00 16.94 ? 152 ALA A CB  1 
ATOM   1161 N  N   . ALA A 1 154 ? -4.476  8.986   1.521   1.00 16.22 ? 153 ALA A N   1 
ATOM   1162 C  CA  . ALA A 1 154 ? -3.069  8.690   1.276   1.00 17.09 ? 153 ALA A CA  1 
ATOM   1163 C  C   . ALA A 1 154 ? -2.927  7.619   0.195   1.00 18.51 ? 153 ALA A C   1 
ATOM   1164 O  O   . ALA A 1 154 ? -1.979  7.639   -0.590  1.00 19.12 ? 153 ALA A O   1 
ATOM   1165 C  CB  . ALA A 1 154 ? -2.397  8.232   2.566   1.00 19.98 ? 153 ALA A CB  1 
ATOM   1166 N  N   . ALA A 1 155 ? -3.886  6.695   0.149   1.00 15.92 ? 154 ALA A N   1 
ATOM   1167 C  CA  . ALA A 1 155 ? -3.880  5.609   -0.831  1.00 18.57 ? 154 ALA A CA  1 
ATOM   1168 C  C   . ALA A 1 155 ? -4.072  6.086   -2.277  1.00 20.60 ? 154 ALA A C   1 
ATOM   1169 O  O   . ALA A 1 155 ? -3.438  5.564   -3.196  1.00 21.33 ? 154 ALA A O   1 
ATOM   1170 C  CB  . ALA A 1 155 ? -4.958  4.588   -0.477  1.00 20.59 ? 154 ALA A CB  1 
ATOM   1171 N  N   . VAL A 1 156 ? -4.949  7.065   -2.484  1.00 20.35 ? 155 VAL A N   1 
ATOM   1172 C  CA  . VAL A 1 156 ? -5.197  7.584   -3.829  1.00 20.88 ? 155 VAL A CA  1 
ATOM   1173 C  C   . VAL A 1 156 ? -4.528  8.929   -4.102  1.00 22.42 ? 155 VAL A C   1 
ATOM   1174 O  O   . VAL A 1 156 ? -4.749  9.541   -5.148  1.00 25.07 ? 155 VAL A O   1 
ATOM   1175 C  CB  . VAL A 1 156 ? -6.707  7.725   -4.116  1.00 22.13 ? 155 VAL A CB  1 
ATOM   1176 C  CG1 . VAL A 1 156 ? -7.366  6.364   -4.087  1.00 21.54 ? 155 VAL A CG1 1 
ATOM   1177 C  CG2 . VAL A 1 156 ? -7.350  8.660   -3.101  1.00 17.41 ? 155 VAL A CG2 1 
ATOM   1178 N  N   . GLY A 1 157 ? -3.711  9.386   -3.161  1.00 23.24 ? 156 GLY A N   1 
ATOM   1179 C  CA  . GLY A 1 157 ? -3.024  10.652  -3.337  1.00 24.09 ? 156 GLY A CA  1 
ATOM   1180 C  C   . GLY A 1 157 ? -3.938  11.858  -3.428  1.00 26.51 ? 156 GLY A C   1 
ATOM   1181 O  O   . GLY A 1 157 ? -3.745  12.732  -4.278  1.00 30.34 ? 156 GLY A O   1 
ATOM   1182 N  N   . SER A 1 158 ? -4.938  11.909  -2.557  1.00 23.25 ? 157 SER A N   1 
ATOM   1183 C  CA  . SER A 1 158 ? -5.875  13.027  -2.532  1.00 21.27 ? 157 SER A CA  1 
ATOM   1184 C  C   . SER A 1 158 ? -5.882  13.603  -1.121  1.00 20.96 ? 157 SER A C   1 
ATOM   1185 O  O   . SER A 1 158 ? -4.949  13.376  -0.349  1.00 23.42 ? 157 SER A O   1 
ATOM   1186 C  CB  . SER A 1 158 ? -7.280  12.552  -2.915  1.00 22.52 ? 157 SER A CB  1 
ATOM   1187 O  OG  . SER A 1 158 ? -8.188  13.640  -3.005  1.00 27.34 ? 157 SER A OG  1 
ATOM   1188 N  N   . VAL A 1 159 ? -6.924  14.360  -0.790  1.00 21.20 ? 158 VAL A N   1 
ATOM   1189 C  CA  . VAL A 1 159 ? -7.047  14.945  0.540   1.00 19.60 ? 158 VAL A CA  1 
ATOM   1190 C  C   . VAL A 1 159 ? -8.348  14.472  1.174   1.00 17.97 ? 158 VAL A C   1 
ATOM   1191 O  O   . VAL A 1 159 ? -9.269  14.052  0.474   1.00 17.12 ? 158 VAL A O   1 
ATOM   1192 C  CB  . VAL A 1 159 ? -7.023  16.489  0.491   1.00 20.31 ? 158 VAL A CB  1 
ATOM   1193 C  CG1 . VAL A 1 159 ? -5.617  16.973  0.145   1.00 23.33 ? 158 VAL A CG1 1 
ATOM   1194 C  CG2 . VAL A 1 159 ? -8.023  16.993  -0.532  1.00 21.32 ? 158 VAL A CG2 1 
ATOM   1195 N  N   . ARG A 1 160 ? -8.413  14.542  2.499   1.00 16.57 ? 159 ARG A N   1 
ATOM   1196 C  CA  . ARG A 1 160 ? -9.583  14.084  3.239   1.00 16.85 ? 159 ARG A CA  1 
ATOM   1197 C  C   . ARG A 1 160 ? -10.943 14.517  2.694   1.00 17.05 ? 159 ARG A C   1 
ATOM   1198 O  O   . ARG A 1 160 ? -11.830 13.682  2.497   1.00 16.20 ? 159 ARG A O   1 
ATOM   1199 C  CB  . ARG A 1 160 ? -9.486  14.521  4.700   1.00 18.98 ? 159 ARG A CB  1 
ATOM   1200 C  CG  . ARG A 1 160 ? -10.694 14.097  5.527   1.00 21.81 ? 159 ARG A CG  1 
ATOM   1201 C  CD  . ARG A 1 160 ? -10.694 14.748  6.898   1.00 27.48 ? 159 ARG A CD  1 
ATOM   1202 N  NE  . ARG A 1 160 ? -9.569  14.316  7.719   1.00 28.95 ? 159 ARG A NE  1 
ATOM   1203 C  CZ  . ARG A 1 160 ? -9.359  14.728  8.965   1.00 35.29 ? 159 ARG A CZ  1 
ATOM   1204 N  NH1 . ARG A 1 160 ? -10.202 15.584  9.529   1.00 36.64 ? 159 ARG A NH1 1 
ATOM   1205 N  NH2 . ARG A 1 160 ? -8.315  14.281  9.649   1.00 36.42 ? 159 ARG A NH2 1 
ATOM   1206 N  N   . GLU A 1 161 ? -11.118 15.812  2.454   1.00 17.79 ? 160 GLU A N   1 
ATOM   1207 C  CA  . GLU A 1 161 ? -12.406 16.303  1.970   1.00 17.69 ? 160 GLU A CA  1 
ATOM   1208 C  C   . GLU A 1 161 ? -12.889 15.694  0.663   1.00 17.38 ? 160 GLU A C   1 
ATOM   1209 O  O   . GLU A 1 161 ? -14.055 15.310  0.544   1.00 16.99 ? 160 GLU A O   1 
ATOM   1210 C  CB  . GLU A 1 161 ? -12.389 17.824  1.816   1.00 22.03 ? 160 GLU A CB  1 
ATOM   1211 C  CG  . GLU A 1 161 ? -13.719 18.361  1.309   1.00 26.84 ? 160 GLU A CG  1 
ATOM   1212 C  CD  . GLU A 1 161 ? -13.774 19.868  1.250   1.00 32.96 ? 160 GLU A CD  1 
ATOM   1213 O  OE1 . GLU A 1 161 ? -14.855 20.401  0.927   1.00 32.07 ? 160 GLU A OE1 1 
ATOM   1214 O  OE2 . GLU A 1 161 ? -12.743 20.518  1.525   1.00 34.45 ? 160 GLU A OE2 1 
ATOM   1215 N  N   . THR A 1 162 ? -11.999 15.620  -0.318  1.00 17.80 ? 161 THR A N   1 
ATOM   1216 C  CA  . THR A 1 162 ? -12.358 15.081  -1.618  1.00 19.13 ? 161 THR A CA  1 
ATOM   1217 C  C   . THR A 1 162 ? -12.683 13.597  -1.514  1.00 18.36 ? 161 THR A C   1 
ATOM   1218 O  O   . THR A 1 162 ? -13.595 13.099  -2.173  1.00 18.16 ? 161 THR A O   1 
ATOM   1219 C  CB  . THR A 1 162 ? -11.221 15.300  -2.622  1.00 21.63 ? 161 THR A CB  1 
ATOM   1220 O  OG1 . THR A 1 162 ? -10.792 16.665  -2.553  1.00 26.58 ? 161 THR A OG1 1 
ATOM   1221 C  CG2 . THR A 1 162 ? -11.701 15.015  -4.023  1.00 24.88 ? 161 THR A CG2 1 
ATOM   1222 N  N   . VAL A 1 163 ? -11.939 12.895  -0.673  1.00 15.91 ? 162 VAL A N   1 
ATOM   1223 C  CA  . VAL A 1 163 ? -12.170 11.471  -0.469  1.00 15.61 ? 162 VAL A CA  1 
ATOM   1224 C  C   . VAL A 1 163 ? -13.520 11.247  0.211   1.00 14.60 ? 162 VAL A C   1 
ATOM   1225 O  O   . VAL A 1 163 ? -14.279 10.348  -0.161  1.00 14.02 ? 162 VAL A O   1 
ATOM   1226 C  CB  . VAL A 1 163 ? -11.053 10.864  0.399   1.00 18.57 ? 162 VAL A CB  1 
ATOM   1227 C  CG1 . VAL A 1 163 ? -11.430 9.456   0.845   1.00 21.06 ? 162 VAL A CG1 1 
ATOM   1228 C  CG2 . VAL A 1 163 ? -9.755  10.843  -0.398  1.00 22.22 ? 162 VAL A CG2 1 
ATOM   1229 N  N   . THR A 1 164 ? -13.819 12.068  1.212   1.00 14.11 ? 163 THR A N   1 
ATOM   1230 C  CA  . THR A 1 164 ? -15.077 11.954  1.937   1.00 13.60 ? 163 THR A CA  1 
ATOM   1231 C  C   . THR A 1 164 ? -16.262 12.107  0.982   1.00 13.77 ? 163 THR A C   1 
ATOM   1232 O  O   . THR A 1 164 ? -17.260 11.390  1.089   1.00 13.13 ? 163 THR A O   1 
ATOM   1233 C  CB  . THR A 1 164 ? -15.156 13.019  3.054   1.00 15.01 ? 163 THR A CB  1 
ATOM   1234 O  OG1 . THR A 1 164 ? -14.078 12.816  3.974   1.00 16.80 ? 163 THR A OG1 1 
ATOM   1235 C  CG2 . THR A 1 164 ? -16.470 12.914  3.812   1.00 16.74 ? 163 THR A CG2 1 
ATOM   1236 N  N   . LYS A 1 165 ? -16.154 13.035  0.039   1.00 13.44 ? 164 LYS A N   1 
ATOM   1237 C  CA  . LYS A 1 165 ? -17.238 13.247  -0.910  1.00 13.54 ? 164 LYS A CA  1 
ATOM   1238 C  C   . LYS A 1 165 ? -17.388 12.075  -1.870  1.00 12.49 ? 164 LYS A C   1 
ATOM   1239 O  O   . LYS A 1 165 ? -18.509 11.677  -2.194  1.00 13.28 ? 164 LYS A O   1 
ATOM   1240 C  CB  . LYS A 1 165 ? -17.004 14.535  -1.700  1.00 16.24 ? 164 LYS A CB  1 
ATOM   1241 C  CG  . LYS A 1 165 ? -17.113 15.794  -0.857  1.00 19.45 ? 164 LYS A CG  1 
ATOM   1242 C  CD  . LYS A 1 165 ? -16.809 17.025  -1.692  1.00 23.92 ? 164 LYS A CD  1 
ATOM   1243 C  CE  . LYS A 1 165 ? -16.932 18.293  -0.871  1.00 27.64 ? 164 LYS A CE  1 
ATOM   1244 N  NZ  . LYS A 1 165 ? -16.661 19.504  -1.699  1.00 30.34 ? 164 LYS A NZ  1 
ATOM   1245 N  N   . VAL A 1 166 ? -16.266 11.522  -2.327  1.00 11.92 ? 165 VAL A N   1 
ATOM   1246 C  CA  . VAL A 1 166 ? -16.317 10.390  -3.250  1.00 13.31 ? 165 VAL A CA  1 
ATOM   1247 C  C   . VAL A 1 166 ? -16.891 9.159   -2.546  1.00 11.35 ? 165 VAL A C   1 
ATOM   1248 O  O   . VAL A 1 166 ? -17.703 8.425   -3.120  1.00 13.47 ? 165 VAL A O   1 
ATOM   1249 C  CB  . VAL A 1 166 ? -14.908 10.054  -3.810  1.00 15.19 ? 165 VAL A CB  1 
ATOM   1250 C  CG1 . VAL A 1 166 ? -14.909 8.672   -4.456  1.00 19.55 ? 165 VAL A CG1 1 
ATOM   1251 C  CG2 . VAL A 1 166 ? -14.499 11.105  -4.832  1.00 19.35 ? 165 VAL A CG2 1 
ATOM   1252 N  N   . ILE A 1 167 ? -16.465 8.934   -1.307  1.00 12.19 ? 166 ILE A N   1 
ATOM   1253 C  CA  . ILE A 1 167 ? -16.957 7.793   -0.538  1.00 11.06 ? 166 ILE A CA  1 
ATOM   1254 C  C   . ILE A 1 167 ? -18.460 7.946   -0.310  1.00 10.76 ? 166 ILE A C   1 
ATOM   1255 O  O   . ILE A 1 167 ? -19.205 6.974   -0.393  1.00 11.98 ? 166 ILE A O   1 
ATOM   1256 C  CB  . ILE A 1 167 ? -16.215 7.674   0.823   1.00 10.64 ? 166 ILE A CB  1 
ATOM   1257 C  CG1 . ILE A 1 167 ? -14.783 7.172   0.592   1.00 13.03 ? 166 ILE A CG1 1 
ATOM   1258 C  CG2 . ILE A 1 167 ? -16.965 6.728   1.764   1.00 12.48 ? 166 ILE A CG2 1 
ATOM   1259 C  CD1 . ILE A 1 167 ? -14.706 5.817   -0.086  1.00 18.29 ? 166 ILE A CD1 1 
ATOM   1260 N  N   . GLY A 1 168 ? -18.907 9.170   -0.040  1.00 11.22 ? 167 GLY A N   1 
ATOM   1261 C  CA  . GLY A 1 168 ? -20.325 9.408   0.175   1.00 11.26 ? 167 GLY A CA  1 
ATOM   1262 C  C   . GLY A 1 168 ? -21.146 9.079   -1.057  1.00 11.14 ? 167 GLY A C   1 
ATOM   1263 O  O   . GLY A 1 168 ? -22.231 8.498   -0.950  1.00 12.47 ? 167 GLY A O   1 
ATOM   1264 N  N   . GLU A 1 169 ? -20.641 9.448   -2.231  1.00 12.08 ? 168 GLU A N   1 
ATOM   1265 C  CA  . GLU A 1 169 ? -21.349 9.158   -3.472  1.00 12.23 ? 168 GLU A CA  1 
ATOM   1266 C  C   . GLU A 1 169 ? -21.384 7.656   -3.750  1.00 13.64 ? 168 GLU A C   1 
ATOM   1267 O  O   . GLU A 1 169 ? -22.419 7.115   -4.139  1.00 12.93 ? 168 GLU A O   1 
ATOM   1268 C  CB  . GLU A 1 169 ? -20.702 9.891   -4.650  1.00 16.34 ? 168 GLU A CB  1 
ATOM   1269 C  CG  . GLU A 1 169 ? -21.383 9.595   -5.978  1.00 17.60 ? 168 GLU A CG  1 
ATOM   1270 C  CD  . GLU A 1 169 ? -20.935 10.516  -7.093  1.00 22.43 ? 168 GLU A CD  1 
ATOM   1271 O  OE1 . GLU A 1 169 ? -21.272 11.720  -7.043  1.00 26.54 ? 168 GLU A OE1 1 
ATOM   1272 O  OE2 . GLU A 1 169 ? -20.249 10.040  -8.018  1.00 22.73 ? 168 GLU A OE2 1 
ATOM   1273 N  N   . LEU A 1 170 ? -20.255 6.980   -3.550  1.00 12.13 ? 169 LEU A N   1 
ATOM   1274 C  CA  . LEU A 1 170 ? -20.211 5.538   -3.764  1.00 11.35 ? 169 LEU A CA  1 
ATOM   1275 C  C   . LEU A 1 170 ? -21.194 4.852   -2.825  1.00 10.89 ? 169 LEU A C   1 
ATOM   1276 O  O   . LEU A 1 170 ? -21.799 3.844   -3.182  1.00 11.60 ? 169 LEU A O   1 
ATOM   1277 C  CB  . LEU A 1 170 ? -18.800 4.999   -3.508  1.00 11.25 ? 169 LEU A CB  1 
ATOM   1278 C  CG  . LEU A 1 170 ? -17.762 5.320   -4.583  1.00 10.74 ? 169 LEU A CG  1 
ATOM   1279 C  CD1 . LEU A 1 170 ? -16.365 4.995   -4.064  1.00 14.17 ? 169 LEU A CD1 1 
ATOM   1280 C  CD2 . LEU A 1 170 ? -18.066 4.524   -5.840  1.00 13.24 ? 169 LEU A CD2 1 
ATOM   1281 N  N   . ALA A 1 171 ? -21.353 5.402   -1.624  1.00 11.34 ? 170 ALA A N   1 
ATOM   1282 C  CA  . ALA A 1 171 ? -22.270 4.829   -0.649  1.00 10.45 ? 170 ALA A CA  1 
ATOM   1283 C  C   . ALA A 1 171 ? -23.712 5.054   -1.078  1.00 11.97 ? 170 ALA A C   1 
ATOM   1284 O  O   . ALA A 1 171 ? -24.515 4.125   -1.085  1.00 13.41 ? 170 ALA A O   1 
ATOM   1285 C  CB  . ALA A 1 171 ? -22.032 5.439   0.724   1.00 11.89 ? 170 ALA A CB  1 
ATOM   1286 N  N   . ARG A 1 172 ? -24.036 6.287   -1.447  1.00 13.13 ? 171 ARG A N   1 
ATOM   1287 C  CA  . ARG A 1 172 ? -25.399 6.590   -1.864  1.00 12.92 ? 171 ARG A CA  1 
ATOM   1288 C  C   . ARG A 1 172 ? -25.822 5.783   -3.076  1.00 14.27 ? 171 ARG A C   1 
ATOM   1289 O  O   . ARG A 1 172 ? -26.997 5.444   -3.219  1.00 15.44 ? 171 ARG A O   1 
ATOM   1290 C  CB  . ARG A 1 172 ? -25.558 8.080   -2.157  1.00 14.02 ? 171 ARG A CB  1 
ATOM   1291 C  CG  . ARG A 1 172 ? -25.620 8.933   -0.907  1.00 13.50 ? 171 ARG A CG  1 
ATOM   1292 C  CD  . ARG A 1 172 ? -25.994 10.361  -1.264  1.00 15.35 ? 171 ARG A CD  1 
ATOM   1293 N  NE  . ARG A 1 172 ? -24.972 11.017  -2.075  1.00 17.55 ? 171 ARG A NE  1 
ATOM   1294 C  CZ  . ARG A 1 172 ? -23.848 11.533  -1.583  1.00 17.72 ? 171 ARG A CZ  1 
ATOM   1295 N  NH1 . ARG A 1 172 ? -23.601 11.470  -0.281  1.00 17.09 ? 171 ARG A NH1 1 
ATOM   1296 N  NH2 . ARG A 1 172 ? -22.976 12.117  -2.395  1.00 19.78 ? 171 ARG A NH2 1 
ATOM   1297 N  N   . GLU A 1 173 ? -24.872 5.468   -3.950  1.00 12.69 ? 172 GLU A N   1 
ATOM   1298 C  CA  . GLU A 1 173 ? -25.193 4.695   -5.140  1.00 13.83 ? 172 GLU A CA  1 
ATOM   1299 C  C   . GLU A 1 173 ? -25.273 3.195   -4.862  1.00 14.65 ? 172 GLU A C   1 
ATOM   1300 O  O   . GLU A 1 173 ? -25.726 2.424   -5.710  1.00 15.81 ? 172 GLU A O   1 
ATOM   1301 C  CB  . GLU A 1 173 ? -24.180 5.007   -6.243  1.00 13.75 ? 172 GLU A CB  1 
ATOM   1302 C  CG  . GLU A 1 173 ? -24.185 6.489   -6.607  1.00 15.99 ? 172 GLU A CG  1 
ATOM   1303 C  CD  . GLU A 1 173 ? -23.167 6.860   -7.660  1.00 18.74 ? 172 GLU A CD  1 
ATOM   1304 O  OE1 . GLU A 1 173 ? -22.098 6.212   -7.727  1.00 18.78 ? 172 GLU A OE1 1 
ATOM   1305 O  OE2 . GLU A 1 173 ? -23.431 7.821   -8.413  1.00 21.10 ? 172 GLU A OE2 1 
ATOM   1306 N  N   . GLY A 1 174 ? -24.843 2.785   -3.671  1.00 13.52 ? 173 GLY A N   1 
ATOM   1307 C  CA  . GLY A 1 174 ? -24.917 1.380   -3.310  1.00 12.67 ? 173 GLY A CA  1 
ATOM   1308 C  C   . GLY A 1 174 ? -23.701 0.506   -3.551  1.00 12.63 ? 173 GLY A C   1 
ATOM   1309 O  O   . GLY A 1 174 ? -23.802 -0.712  -3.444  1.00 14.27 ? 173 GLY A O   1 
ATOM   1310 N  N   . TYR A 1 175 ? -22.552 1.098   -3.871  1.00 11.20 ? 174 TYR A N   1 
ATOM   1311 C  CA  . TYR A 1 175 ? -21.344 0.304   -4.093  1.00 12.55 ? 174 TYR A CA  1 
ATOM   1312 C  C   . TYR A 1 175 ? -20.739 -0.157  -2.776  1.00 12.99 ? 174 TYR A C   1 
ATOM   1313 O  O   . TYR A 1 175 ? -20.172 -1.249  -2.689  1.00 13.65 ? 174 TYR A O   1 
ATOM   1314 C  CB  . TYR A 1 175 ? -20.270 1.127   -4.806  1.00 12.25 ? 174 TYR A CB  1 
ATOM   1315 C  CG  . TYR A 1 175 ? -20.530 1.408   -6.257  1.00 12.18 ? 174 TYR A CG  1 
ATOM   1316 C  CD1 . TYR A 1 175 ? -20.167 0.488   -7.243  1.00 13.99 ? 174 TYR A CD1 1 
ATOM   1317 C  CD2 . TYR A 1 175 ? -21.093 2.616   -6.655  1.00 12.19 ? 174 TYR A CD2 1 
ATOM   1318 C  CE1 . TYR A 1 175 ? -20.352 0.773   -8.591  1.00 14.73 ? 174 TYR A CE1 1 
ATOM   1319 C  CE2 . TYR A 1 175 ? -21.280 2.911   -7.998  1.00 12.50 ? 174 TYR A CE2 1 
ATOM   1320 C  CZ  . TYR A 1 175 ? -20.907 1.989   -8.958  1.00 14.71 ? 174 TYR A CZ  1 
ATOM   1321 O  OH  . TYR A 1 175 ? -21.075 2.289   -10.288 1.00 16.57 ? 174 TYR A OH  1 
ATOM   1322 N  N   . ILE A 1 176 ? -20.853 0.698   -1.767  1.00 12.39 ? 175 ILE A N   1 
ATOM   1323 C  CA  . ILE A 1 176 ? -20.269 0.454   -0.457  1.00 12.13 ? 175 ILE A CA  1 
ATOM   1324 C  C   . ILE A 1 176 ? -21.114 1.025   0.674   1.00 12.85 ? 175 ILE A C   1 
ATOM   1325 O  O   . ILE A 1 176 ? -22.114 1.714   0.451   1.00 13.32 ? 175 ILE A O   1 
ATOM   1326 C  CB  . ILE A 1 176 ? -18.897 1.180   -0.331  1.00 11.87 ? 175 ILE A CB  1 
ATOM   1327 C  CG1 . ILE A 1 176 ? -19.121 2.701   -0.424  1.00 12.96 ? 175 ILE A CG1 1 
ATOM   1328 C  CG2 . ILE A 1 176 ? -17.950 0.746   -1.445  1.00 12.01 ? 175 ILE A CG2 1 
ATOM   1329 C  CD1 . ILE A 1 176 ? -17.863 3.558   -0.268  1.00 12.25 ? 175 ILE A CD1 1 
ATOM   1330 N  N   . ARG A 1 177 ? -20.673 0.721   1.888   1.00 14.69 ? 176 ARG A N   1 
ATOM   1331 C  CA  . ARG A 1 177 ? -21.235 1.265   3.111   1.00 15.26 ? 176 ARG A CA  1 
ATOM   1332 C  C   . ARG A 1 177 ? -19.976 1.771   3.802   1.00 14.38 ? 176 ARG A C   1 
ATOM   1333 O  O   . ARG A 1 177 ? -18.913 1.154   3.681   1.00 15.70 ? 176 ARG A O   1 
ATOM   1334 C  CB  . ARG A 1 177 ? -21.936 0.201   3.958   1.00 19.85 ? 176 ARG A CB  1 
ATOM   1335 C  CG  . ARG A 1 177 ? -23.369 -0.034  3.519   1.00 22.68 ? 176 ARG A CG  1 
ATOM   1336 C  CD  . ARG A 1 177 ? -24.158 -0.800  4.566   1.00 27.42 ? 176 ARG A CD  1 
ATOM   1337 N  NE  . ARG A 1 177 ? -25.577 -0.843  4.229   1.00 32.75 ? 176 ARG A NE  1 
ATOM   1338 C  CZ  . ARG A 1 177 ? -26.520 -1.333  5.027   1.00 37.61 ? 176 ARG A CZ  1 
ATOM   1339 N  NH1 . ARG A 1 177 ? -26.196 -1.827  6.216   1.00 38.93 ? 176 ARG A NH1 1 
ATOM   1340 N  NH2 . ARG A 1 177 ? -27.790 -1.322  4.639   1.00 39.03 ? 176 ARG A NH2 1 
ATOM   1341 N  N   . SER A 1 178 ? -20.079 2.896   4.501   1.00 14.57 ? 177 SER A N   1 
ATOM   1342 C  CA  . SER A 1 178 ? -18.920 3.481   5.166   1.00 15.55 ? 177 SER A CA  1 
ATOM   1343 C  C   . SER A 1 178 ? -19.213 3.928   6.592   1.00 14.79 ? 177 SER A C   1 
ATOM   1344 O  O   . SER A 1 178 ? -20.253 4.533   6.858   1.00 16.25 ? 177 SER A O   1 
ATOM   1345 C  CB  . SER A 1 178 ? -18.420 4.679   4.353   1.00 17.06 ? 177 SER A CB  1 
ATOM   1346 O  OG  . SER A 1 178 ? -17.438 5.418   5.059   1.00 17.59 ? 177 SER A OG  1 
ATOM   1347 N  N   . GLY A 1 179 ? -18.292 3.635   7.505   1.00 18.03 ? 178 GLY A N   1 
ATOM   1348 C  CA  . GLY A 1 179 ? -18.480 4.040   8.885   1.00 20.25 ? 178 GLY A CA  1 
ATOM   1349 C  C   . GLY A 1 179 ? -17.494 3.419   9.854   1.00 21.76 ? 178 GLY A C   1 
ATOM   1350 O  O   . GLY A 1 179 ? -16.951 2.348   9.604   1.00 21.98 ? 178 GLY A O   1 
ATOM   1351 N  N   . TYR A 1 180 ? -17.257 4.113   10.962  1.00 25.38 ? 179 TYR A N   1 
ATOM   1352 C  CA  . TYR A 1 180 ? -16.361 3.640   12.011  1.00 26.87 ? 179 TYR A CA  1 
ATOM   1353 C  C   . TYR A 1 180 ? -14.978 3.203   11.532  1.00 24.80 ? 179 TYR A C   1 
ATOM   1354 O  O   . TYR A 1 180 ? -14.447 2.200   12.009  1.00 26.64 ? 179 TYR A O   1 
ATOM   1355 C  CB  . TYR A 1 180 ? -17.016 2.480   12.769  1.00 33.50 ? 179 TYR A CB  1 
ATOM   1356 C  CG  . TYR A 1 180 ? -18.410 2.776   13.280  1.00 40.63 ? 179 TYR A CG  1 
ATOM   1357 C  CD1 . TYR A 1 180 ? -19.496 2.847   12.406  1.00 44.15 ? 179 TYR A CD1 1 
ATOM   1358 C  CD2 . TYR A 1 180 ? -18.643 2.990   14.638  1.00 44.92 ? 179 TYR A CD2 1 
ATOM   1359 C  CE1 . TYR A 1 180 ? -20.779 3.123   12.872  1.00 48.23 ? 179 TYR A CE1 1 
ATOM   1360 C  CE2 . TYR A 1 180 ? -19.922 3.267   15.115  1.00 48.15 ? 179 TYR A CE2 1 
ATOM   1361 C  CZ  . TYR A 1 180 ? -20.984 3.331   14.228  1.00 49.03 ? 179 TYR A CZ  1 
ATOM   1362 O  OH  . TYR A 1 180 ? -22.249 3.600   14.697  1.00 51.79 ? 179 TYR A OH  1 
ATOM   1363 N  N   . GLY A 1 181 ? -14.395 3.952   10.602  1.00 23.18 ? 180 GLY A N   1 
ATOM   1364 C  CA  . GLY A 1 181 ? -13.074 3.610   10.099  1.00 20.32 ? 180 GLY A CA  1 
ATOM   1365 C  C   . GLY A 1 181 ? -13.034 2.365   9.234   1.00 18.02 ? 180 GLY A C   1 
ATOM   1366 O  O   . GLY A 1 181 ? -11.975 1.773   9.028   1.00 20.13 ? 180 GLY A O   1 
ATOM   1367 N  N   . LYS A 1 182 ? -14.192 1.962   8.726   1.00 17.85 ? 181 LYS A N   1 
ATOM   1368 C  CA  . LYS A 1 182 ? -14.281 0.784   7.875   1.00 17.15 ? 181 LYS A CA  1 
ATOM   1369 C  C   . LYS A 1 182 ? -15.085 1.066   6.612   1.00 15.01 ? 181 LYS A C   1 
ATOM   1370 O  O   . LYS A 1 182 ? -15.903 1.990   6.570   1.00 17.24 ? 181 LYS A O   1 
ATOM   1371 C  CB  . LYS A 1 182 ? -14.955 -0.363  8.628   1.00 18.95 ? 181 LYS A CB  1 
ATOM   1372 C  CG  . LYS A 1 182 ? -14.235 -0.801  9.885   1.00 23.26 ? 181 LYS A CG  1 
ATOM   1373 C  CD  . LYS A 1 182 ? -15.083 -1.795  10.659  1.00 27.94 ? 181 LYS A CD  1 
ATOM   1374 C  CE  . LYS A 1 182 ? -14.421 -2.183  11.969  1.00 32.61 ? 181 LYS A CE  1 
ATOM   1375 N  NZ  . LYS A 1 182 ? -15.312 -3.042  12.792  1.00 36.58 ? 181 LYS A NZ  1 
ATOM   1376 N  N   . ILE A 1 183 ? -14.836 0.260   5.587   1.00 14.49 ? 182 ILE A N   1 
ATOM   1377 C  CA  . ILE A 1 183 ? -15.553 0.356   4.324   1.00 13.46 ? 182 ILE A CA  1 
ATOM   1378 C  C   . ILE A 1 183 ? -16.051 -1.042  3.992   1.00 14.56 ? 182 ILE A C   1 
ATOM   1379 O  O   . ILE A 1 183 ? -15.263 -1.990  3.943   1.00 14.62 ? 182 ILE A O   1 
ATOM   1380 C  CB  . ILE A 1 183 ? -14.647 0.819   3.160   1.00 13.34 ? 182 ILE A CB  1 
ATOM   1381 C  CG1 . ILE A 1 183 ? -14.025 2.183   3.480   1.00 13.37 ? 182 ILE A CG1 1 
ATOM   1382 C  CG2 . ILE A 1 183 ? -15.466 0.881   1.869   1.00 14.58 ? 182 ILE A CG2 1 
ATOM   1383 C  CD1 . ILE A 1 183 ? -15.019 3.316   3.581   1.00 15.67 ? 182 ILE A CD1 1 
ATOM   1384 N  N   . GLN A 1 184 ? -17.354 -1.184  3.788   1.00 12.41 ? 183 GLN A N   1 
ATOM   1385 C  CA  . GLN A 1 184 ? -17.907 -2.484  3.434   1.00 13.24 ? 183 GLN A CA  1 
ATOM   1386 C  C   . GLN A 1 184 ? -18.222 -2.459  1.943   1.00 12.76 ? 183 GLN A C   1 
ATOM   1387 O  O   . GLN A 1 184 ? -18.950 -1.583  1.470   1.00 13.25 ? 183 GLN A O   1 
ATOM   1388 C  CB  . GLN A 1 184 ? -19.175 -2.774  4.239   1.00 16.81 ? 183 GLN A CB  1 
ATOM   1389 C  CG  . GLN A 1 184 ? -19.746 -4.156  3.964   1.00 17.14 ? 183 GLN A CG  1 
ATOM   1390 C  CD  . GLN A 1 184 ? -20.892 -4.498  4.891   1.00 20.73 ? 183 GLN A CD  1 
ATOM   1391 O  OE1 . GLN A 1 184 ? -21.865 -3.754  4.988   1.00 21.63 ? 183 GLN A OE1 1 
ATOM   1392 N  NE2 . GLN A 1 184 ? -20.782 -5.630  5.577   1.00 20.46 ? 183 GLN A NE2 1 
ATOM   1393 N  N   . LEU A 1 185 ? -17.664 -3.405  1.196   1.00 14.26 ? 184 LEU A N   1 
ATOM   1394 C  CA  . LEU A 1 185 ? -17.902 -3.455  -0.242  1.00 12.12 ? 184 LEU A CA  1 
ATOM   1395 C  C   . LEU A 1 185 ? -19.159 -4.258  -0.538  1.00 16.24 ? 184 LEU A C   1 
ATOM   1396 O  O   . LEU A 1 185 ? -19.233 -5.446  -0.216  1.00 18.25 ? 184 LEU A O   1 
ATOM   1397 C  CB  . LEU A 1 185 ? -16.702 -4.082  -0.956  1.00 15.56 ? 184 LEU A CB  1 
ATOM   1398 C  CG  . LEU A 1 185 ? -15.326 -3.534  -0.582  1.00 12.95 ? 184 LEU A CG  1 
ATOM   1399 C  CD1 . LEU A 1 185 ? -14.297 -4.123  -1.530  1.00 13.98 ? 184 LEU A CD1 1 
ATOM   1400 C  CD2 . LEU A 1 185 ? -15.313 -2.012  -0.665  1.00 15.33 ? 184 LEU A CD2 1 
ATOM   1401 N  N   . LEU A 1 186 ? -20.143 -3.607  -1.151  1.00 14.35 ? 185 LEU A N   1 
ATOM   1402 C  CA  . LEU A 1 186 ? -21.407 -4.269  -1.472  1.00 15.29 ? 185 LEU A CA  1 
ATOM   1403 C  C   . LEU A 1 186 ? -21.481 -4.810  -2.896  1.00 16.85 ? 185 LEU A C   1 
ATOM   1404 O  O   . LEU A 1 186 ? -22.011 -5.902  -3.118  1.00 18.98 ? 185 LEU A O   1 
ATOM   1405 C  CB  . LEU A 1 186 ? -22.571 -3.305  -1.254  1.00 14.86 ? 185 LEU A CB  1 
ATOM   1406 C  CG  . LEU A 1 186 ? -22.689 -2.705  0.144   1.00 17.18 ? 185 LEU A CG  1 
ATOM   1407 C  CD1 . LEU A 1 186 ? -23.877 -1.757  0.196   1.00 19.25 ? 185 LEU A CD1 1 
ATOM   1408 C  CD2 . LEU A 1 186 ? -22.847 -3.822  1.167   1.00 17.82 ? 185 LEU A CD2 1 
ATOM   1409 N  N   . ASP A 1 187 ? -20.960 -4.043  -3.852  1.00 15.19 ? 186 ASP A N   1 
ATOM   1410 C  CA  . ASP A 1 187 ? -20.994 -4.426  -5.263  1.00 14.23 ? 186 ASP A CA  1 
ATOM   1411 C  C   . ASP A 1 187 ? -19.585 -4.544  -5.852  1.00 14.44 ? 186 ASP A C   1 
ATOM   1412 O  O   . ASP A 1 187 ? -19.049 -3.598  -6.432  1.00 14.63 ? 186 ASP A O   1 
ATOM   1413 C  CB  . ASP A 1 187 ? -21.824 -3.399  -6.043  1.00 15.22 ? 186 ASP A CB  1 
ATOM   1414 C  CG  . ASP A 1 187 ? -21.995 -3.764  -7.501  1.00 16.89 ? 186 ASP A CG  1 
ATOM   1415 O  OD1 . ASP A 1 187 ? -21.548 -4.861  -7.898  1.00 18.58 ? 186 ASP A OD1 1 
ATOM   1416 O  OD2 . ASP A 1 187 ? -22.582 -2.951  -8.251  1.00 19.33 ? 186 ASP A OD2 1 
ATOM   1417 N  N   . LEU A 1 188 ? -18.990 -5.722  -5.706  1.00 15.85 ? 187 LEU A N   1 
ATOM   1418 C  CA  . LEU A 1 188 ? -17.644 -5.953  -6.214  1.00 15.53 ? 187 LEU A CA  1 
ATOM   1419 C  C   . LEU A 1 188 ? -17.546 -5.846  -7.736  1.00 14.94 ? 187 LEU A C   1 
ATOM   1420 O  O   . LEU A 1 188 ? -16.579 -5.292  -8.261  1.00 16.00 ? 187 LEU A O   1 
ATOM   1421 C  CB  . LEU A 1 188 ? -17.132 -7.321  -5.749  1.00 18.78 ? 187 LEU A CB  1 
ATOM   1422 C  CG  . LEU A 1 188 ? -16.892 -7.463  -4.241  1.00 18.56 ? 187 LEU A CG  1 
ATOM   1423 C  CD1 . LEU A 1 188 ? -16.457 -8.888  -3.936  1.00 22.08 ? 187 LEU A CD1 1 
ATOM   1424 C  CD2 . LEU A 1 188 ? -15.831 -6.472  -3.774  1.00 21.68 ? 187 LEU A CD2 1 
ATOM   1425 N  N   . LYS A 1 189 ? -18.542 -6.370  -8.446  1.00 16.43 ? 188 LYS A N   1 
ATOM   1426 C  CA  . LYS A 1 189 ? -18.516 -6.303  -9.903  1.00 18.66 ? 188 LYS A CA  1 
ATOM   1427 C  C   . LYS A 1 189 ? -18.609 -4.847  -10.356 1.00 17.02 ? 188 LYS A C   1 
ATOM   1428 O  O   . LYS A 1 189 ? -17.919 -4.436  -11.287 1.00 17.97 ? 188 LYS A O   1 
ATOM   1429 C  CB  . LYS A 1 189 ? -19.665 -7.113  -10.506 1.00 22.71 ? 188 LYS A CB  1 
ATOM   1430 C  CG  . LYS A 1 189 ? -19.534 -7.298  -12.011 1.00 29.10 ? 188 LYS A CG  1 
ATOM   1431 C  CD  . LYS A 1 189 ? -20.551 -8.290  -12.559 1.00 35.12 ? 188 LYS A CD  1 
ATOM   1432 C  CE  . LYS A 1 189 ? -21.917 -7.657  -12.736 1.00 38.05 ? 188 LYS A CE  1 
ATOM   1433 N  NZ  . LYS A 1 189 ? -21.888 -6.583  -13.771 1.00 40.12 ? 188 LYS A NZ  1 
ATOM   1434 N  N   . GLY A 1 190 ? -19.457 -4.075  -9.680  1.00 16.98 ? 189 GLY A N   1 
ATOM   1435 C  CA  . GLY A 1 190 ? -19.625 -2.671  -10.012 1.00 15.15 ? 189 GLY A CA  1 
ATOM   1436 C  C   . GLY A 1 190 ? -18.358 -1.879  -9.750  1.00 13.63 ? 189 GLY A C   1 
ATOM   1437 O  O   . GLY A 1 190 ? -17.991 -0.999  -10.521 1.00 13.53 ? 189 GLY A O   1 
ATOM   1438 N  N   . LEU A 1 191 ? -17.685 -2.184  -8.646  1.00 15.03 ? 190 LEU A N   1 
ATOM   1439 C  CA  . LEU A 1 191 ? -16.449 -1.488  -8.315  1.00 14.18 ? 190 LEU A CA  1 
ATOM   1440 C  C   . LEU A 1 191 ? -15.374 -1.825  -9.341  1.00 14.24 ? 190 LEU A C   1 
ATOM   1441 O  O   . LEU A 1 191 ? -14.590 -0.963  -9.735  1.00 14.32 ? 190 LEU A O   1 
ATOM   1442 C  CB  . LEU A 1 191 ? -15.982 -1.871  -6.905  1.00 14.15 ? 190 LEU A CB  1 
ATOM   1443 C  CG  . LEU A 1 191 ? -16.797 -1.297  -5.743  1.00 13.88 ? 190 LEU A CG  1 
ATOM   1444 C  CD1 . LEU A 1 191 ? -16.377 -1.971  -4.446  1.00 14.43 ? 190 LEU A CD1 1 
ATOM   1445 C  CD2 . LEU A 1 191 ? -16.597 0.216   -5.668  1.00 13.82 ? 190 LEU A CD2 1 
ATOM   1446 N  N   . LYS A 1 192 ? -15.351 -3.079  -9.784  1.00 15.11 ? 191 LYS A N   1 
ATOM   1447 C  CA  . LYS A 1 192 ? -14.370 -3.501  -10.773 1.00 17.14 ? 191 LYS A CA  1 
ATOM   1448 C  C   . LYS A 1 192 ? -14.587 -2.738  -12.077 1.00 16.49 ? 191 LYS A C   1 
ATOM   1449 O  O   . LYS A 1 192 ? -13.629 -2.329  -12.730 1.00 16.63 ? 191 LYS A O   1 
ATOM   1450 C  CB  . LYS A 1 192 ? -14.477 -5.009  -11.023 1.00 18.50 ? 191 LYS A CB  1 
ATOM   1451 C  CG  . LYS A 1 192 ? -13.490 -5.526  -12.057 1.00 24.59 ? 191 LYS A CG  1 
ATOM   1452 C  CD  . LYS A 1 192 ? -13.638 -7.022  -12.284 1.00 31.80 ? 191 LYS A CD  1 
ATOM   1453 C  CE  . LYS A 1 192 ? -12.692 -7.499  -13.381 1.00 35.01 ? 191 LYS A CE  1 
ATOM   1454 N  NZ  . LYS A 1 192 ? -12.814 -8.957  -13.657 1.00 40.17 ? 191 LYS A NZ  1 
ATOM   1455 N  N   . GLU A 1 193 ? -15.850 -2.538  -12.447 1.00 16.94 ? 192 GLU A N   1 
ATOM   1456 C  CA  . GLU A 1 193 ? -16.167 -1.812  -13.669 1.00 17.69 ? 192 GLU A CA  1 
ATOM   1457 C  C   . GLU A 1 193 ? -15.682 -0.365  -13.584 1.00 17.68 ? 192 GLU A C   1 
ATOM   1458 O  O   . GLU A 1 193 ? -15.190 0.188   -14.564 1.00 19.52 ? 192 GLU A O   1 
ATOM   1459 C  CB  . GLU A 1 193 ? -17.670 -1.880  -13.936 1.00 20.56 ? 192 GLU A CB  1 
ATOM   1460 C  CG  . GLU A 1 193 ? -18.139 -3.300  -14.236 1.00 30.17 ? 192 GLU A CG  1 
ATOM   1461 C  CD  . GLU A 1 193 ? -19.647 -3.435  -14.293 1.00 34.69 ? 192 GLU A CD  1 
ATOM   1462 O  OE1 . GLU A 1 193 ? -20.126 -4.547  -14.608 1.00 39.83 ? 192 GLU A OE1 1 
ATOM   1463 O  OE2 . GLU A 1 193 ? -20.350 -2.441  -14.018 1.00 39.24 ? 192 GLU A OE2 1 
ATOM   1464 N  N   . LEU A 1 194 ? -15.806 0.243   -12.407 1.00 15.66 ? 193 LEU A N   1 
ATOM   1465 C  CA  . LEU A 1 194 ? -15.335 1.611   -12.224 1.00 16.07 ? 193 LEU A CA  1 
ATOM   1466 C  C   . LEU A 1 194 ? -13.811 1.632   -12.291 1.00 14.08 ? 193 LEU A C   1 
ATOM   1467 O  O   . LEU A 1 194 ? -13.211 2.505   -12.918 1.00 15.43 ? 193 LEU A O   1 
ATOM   1468 C  CB  . LEU A 1 194 ? -15.765 2.156   -10.860 1.00 16.21 ? 193 LEU A CB  1 
ATOM   1469 C  CG  . LEU A 1 194 ? -17.225 2.540   -10.619 1.00 15.08 ? 193 LEU A CG  1 
ATOM   1470 C  CD1 . LEU A 1 194 ? -17.381 3.018   -9.182  1.00 13.06 ? 193 LEU A CD1 1 
ATOM   1471 C  CD2 . LEU A 1 194 ? -17.646 3.641   -11.579 1.00 16.75 ? 193 LEU A CD2 1 
ATOM   1472 N  N   . ALA A 1 195 ? -13.192 0.663   -11.623 1.00 14.47 ? 194 ALA A N   1 
ATOM   1473 C  CA  . ALA A 1 195 ? -11.739 0.564   -11.574 1.00 16.05 ? 194 ALA A CA  1 
ATOM   1474 C  C   . ALA A 1 195 ? -11.084 0.374   -12.938 1.00 16.43 ? 194 ALA A C   1 
ATOM   1475 O  O   . ALA A 1 195 ? -9.935  0.759   -13.131 1.00 16.98 ? 194 ALA A O   1 
ATOM   1476 C  CB  . ALA A 1 195 ? -11.332 -0.578  -10.655 1.00 16.49 ? 194 ALA A CB  1 
ATOM   1477 N  N   . GLU A 1 196 ? -11.811 -0.223  -13.875 1.00 18.82 ? 195 GLU A N   1 
ATOM   1478 C  CA  . GLU A 1 196 ? -11.267 -0.472  -15.207 1.00 20.79 ? 195 GLU A CA  1 
ATOM   1479 C  C   . GLU A 1 196 ? -11.617 0.600   -16.233 1.00 22.70 ? 195 GLU A C   1 
ATOM   1480 O  O   . GLU A 1 196 ? -11.264 0.478   -17.410 1.00 24.05 ? 195 GLU A O   1 
ATOM   1481 C  CB  . GLU A 1 196 ? -11.740 -1.840  -15.696 1.00 23.99 ? 195 GLU A CB  1 
ATOM   1482 C  CG  . GLU A 1 196 ? -11.210 -2.985  -14.851 1.00 30.12 ? 195 GLU A CG  1 
ATOM   1483 C  CD  . GLU A 1 196 ? -11.810 -4.327  -15.221 1.00 34.48 ? 195 GLU A CD  1 
ATOM   1484 O  OE1 . GLU A 1 196 ? -11.325 -5.351  -14.701 1.00 37.93 ? 195 GLU A OE1 1 
ATOM   1485 O  OE2 . GLU A 1 196 ? -12.767 -4.359  -16.023 1.00 36.18 ? 195 GLU A OE2 1 
ATOM   1486 N  N   . SER A 1 197 ? -12.292 1.651   -15.781 1.00 21.26 ? 196 SER A N   1 
ATOM   1487 C  CA  . SER A 1 197 ? -12.705 2.748   -16.650 1.00 20.98 ? 196 SER A CA  1 
ATOM   1488 C  C   . SER A 1 197 ? -12.068 4.074   -16.244 1.00 19.98 ? 196 SER A C   1 
ATOM   1489 O  O   . SER A 1 197 ? -11.861 4.332   -15.059 1.00 18.52 ? 196 SER A O   1 
ATOM   1490 C  CB  . SER A 1 197 ? -14.227 2.889   -16.602 1.00 23.49 ? 196 SER A CB  1 
ATOM   1491 O  OG  . SER A 1 197 ? -14.651 4.094   -17.218 1.00 26.74 ? 196 SER A OG  1 
ATOM   1492 N  N   . ARG A 1 198 ? -11.763 4.922   -17.222 1.00 20.19 ? 197 ARG A N   1 
ATOM   1493 C  CA  . ARG A 1 198 ? -11.169 6.223   -16.927 1.00 21.30 ? 197 ARG A CA  1 
ATOM   1494 C  C   . ARG A 1 198 ? -12.178 7.124   -16.221 1.00 22.44 ? 197 ARG A C   1 
ATOM   1495 O  O   . ARG A 1 198 ? -11.802 8.044   -15.497 1.00 22.70 ? 197 ARG A O   1 
ATOM   1496 C  CB  . ARG A 1 198 ? -10.694 6.907   -18.211 1.00 24.85 ? 197 ARG A CB  1 
ATOM   1497 C  CG  . ARG A 1 198 ? -9.468  6.273   -18.831 1.00 26.40 ? 197 ARG A CG  1 
ATOM   1498 C  CD  . ARG A 1 198 ? -8.972  7.097   -20.009 1.00 31.03 ? 197 ARG A CD  1 
ATOM   1499 N  NE  . ARG A 1 198 ? -7.783  6.516   -20.625 1.00 35.37 ? 197 ARG A NE  1 
ATOM   1500 C  CZ  . ARG A 1 198 ? -7.077  7.103   -21.587 1.00 38.41 ? 197 ARG A CZ  1 
ATOM   1501 N  NH1 . ARG A 1 198 ? -7.441  8.292   -22.047 1.00 40.08 ? 197 ARG A NH1 1 
ATOM   1502 N  NH2 . ARG A 1 198 ? -6.008  6.500   -22.091 1.00 38.90 ? 197 ARG A NH2 1 
ATOM   1503 N  N   . GLY A 1 199 ? -13.460 6.852   -16.442 1.00 23.64 ? 198 GLY A N   1 
ATOM   1504 C  CA  . GLY A 1 199 ? -14.506 7.642   -15.820 1.00 28.10 ? 198 GLY A CA  1 
ATOM   1505 C  C   . GLY A 1 199 ? -15.036 8.732   -16.731 1.00 32.27 ? 198 GLY A C   1 
ATOM   1506 O  O   . GLY A 1 199 ? -14.500 8.893   -17.848 1.00 35.51 ? 198 GLY A O   1 
HETATM 1507 C  C1  . MPD B 2 .   ? -7.198  2.584   -18.202 1.00 42.47 ? 301 MPD A C1  1 
HETATM 1508 C  C2  . MPD B 2 .   ? -7.300  2.663   -16.672 1.00 43.68 ? 301 MPD A C2  1 
HETATM 1509 O  O2  . MPD B 2 .   ? -6.604  3.824   -16.203 1.00 43.29 ? 301 MPD A O2  1 
HETATM 1510 C  CM  . MPD B 2 .   ? -8.767  2.760   -16.270 1.00 42.43 ? 301 MPD A CM  1 
HETATM 1511 C  C3  . MPD B 2 .   ? -6.702  1.388   -16.027 1.00 45.18 ? 301 MPD A C3  1 
HETATM 1512 C  C4  . MPD B 2 .   ? -5.208  1.184   -16.369 1.00 48.16 ? 301 MPD A C4  1 
HETATM 1513 O  O4  . MPD B 2 .   ? -4.429  2.296   -15.917 1.00 50.08 ? 301 MPD A O4  1 
HETATM 1514 C  C5  . MPD B 2 .   ? -4.703  -0.090  -15.703 1.00 48.59 ? 301 MPD A C5  1 
HETATM 1515 C  C1  . MPD C 2 .   ? -19.764 0.115   7.286   1.00 47.89 ? 302 MPD A C1  1 
HETATM 1516 C  C2  . MPD C 2 .   ? -19.917 -0.184  8.784   1.00 47.94 ? 302 MPD A C2  1 
HETATM 1517 O  O2  . MPD C 2 .   ? -18.661 0.017   9.442   1.00 46.32 ? 302 MPD A O2  1 
HETATM 1518 C  CM  . MPD C 2 .   ? -20.957 0.759   9.381   1.00 48.21 ? 302 MPD A CM  1 
HETATM 1519 C  C3  . MPD C 2 .   ? -20.407 -1.640  8.997   1.00 48.34 ? 302 MPD A C3  1 
HETATM 1520 C  C4  . MPD C 2 .   ? -19.430 -2.694  8.435   1.00 48.30 ? 302 MPD A C4  1 
HETATM 1521 O  O4  . MPD C 2 .   ? -18.156 -2.579  9.074   1.00 51.39 ? 302 MPD A O4  1 
HETATM 1522 C  C5  . MPD C 2 .   ? -19.990 -4.094  8.677   1.00 48.64 ? 302 MPD A C5  1 
HETATM 1523 C  C1  . MPD D 2 .   ? -19.925 12.670  2.937   1.00 50.72 ? 303 MPD A C1  1 
HETATM 1524 C  C2  . MPD D 2 .   ? -21.269 13.221  2.446   1.00 51.44 ? 303 MPD A C2  1 
HETATM 1525 O  O2  . MPD D 2 .   ? -21.217 13.409  1.030   1.00 50.31 ? 303 MPD A O2  1 
HETATM 1526 C  CM  . MPD D 2 .   ? -22.367 12.221  2.785   1.00 51.37 ? 303 MPD A CM  1 
HETATM 1527 C  C3  . MPD D 2 .   ? -21.595 14.562  3.153   1.00 52.19 ? 303 MPD A C3  1 
HETATM 1528 C  C4  . MPD D 2 .   ? -20.546 15.664  2.876   1.00 52.99 ? 303 MPD A C4  1 
HETATM 1529 O  O4  . MPD D 2 .   ? -20.472 15.936  1.474   1.00 53.76 ? 303 MPD A O4  1 
HETATM 1530 C  C5  . MPD D 2 .   ? -20.938 16.943  3.618   1.00 52.50 ? 303 MPD A C5  1 
HETATM 1531 O  O   . HOH E 3 .   ? 7.708   -6.451  -3.477  1.00 15.63 ? 304 HOH A O   1 
HETATM 1532 O  O   . HOH E 3 .   ? -24.852 1.966   0.516   1.00 16.96 ? 305 HOH A O   1 
HETATM 1533 O  O   . HOH E 3 .   ? 4.606   -7.158  -2.560  1.00 16.21 ? 306 HOH A O   1 
HETATM 1534 O  O   . HOH E 3 .   ? 14.375  3.041   -2.883  1.00 16.13 ? 307 HOH A O   1 
HETATM 1535 O  O   . HOH E 3 .   ? 20.494  -15.957 -10.058 1.00 19.42 ? 308 HOH A O   1 
HETATM 1536 O  O   . HOH E 3 .   ? -13.797 -12.514 8.007   1.00 16.89 ? 309 HOH A O   1 
HETATM 1537 O  O   . HOH E 3 .   ? 10.898  0.379   -2.511  1.00 19.46 ? 310 HOH A O   1 
HETATM 1538 O  O   . HOH E 3 .   ? 16.903  -0.332  3.971   1.00 14.64 ? 311 HOH A O   1 
HETATM 1539 O  O   . HOH E 3 .   ? -20.004 0.536   -11.948 1.00 16.40 ? 312 HOH A O   1 
HETATM 1540 O  O   . HOH E 3 .   ? 14.026  5.652   -2.151  1.00 18.49 ? 313 HOH A O   1 
HETATM 1541 O  O   . HOH E 3 .   ? 15.882  3.721   8.899   1.00 20.38 ? 314 HOH A O   1 
HETATM 1542 O  O   . HOH E 3 .   ? 23.051  1.666   9.862   1.00 22.04 ? 315 HOH A O   1 
HETATM 1543 O  O   . HOH E 3 .   ? 4.735   -0.402  -6.978  1.00 17.61 ? 316 HOH A O   1 
HETATM 1544 O  O   . HOH E 3 .   ? 9.837   -13.822 -2.096  1.00 20.15 ? 317 HOH A O   1 
HETATM 1545 O  O   . HOH E 3 .   ? -14.378 11.627  -9.534  1.00 20.31 ? 318 HOH A O   1 
HETATM 1546 O  O   . HOH E 3 .   ? -0.404  18.058  4.152   1.00 22.77 ? 319 HOH A O   1 
HETATM 1547 O  O   . HOH E 3 .   ? -18.077 -7.914  -0.711  1.00 21.71 ? 320 HOH A O   1 
HETATM 1548 O  O   . HOH E 3 .   ? 19.231  -16.306 0.888   1.00 29.27 ? 321 HOH A O   1 
HETATM 1549 O  O   . HOH E 3 .   ? -10.954 13.340  -10.878 1.00 25.84 ? 322 HOH A O   1 
HETATM 1550 O  O   . HOH E 3 .   ? 20.241  -5.888  3.241   1.00 24.47 ? 323 HOH A O   1 
HETATM 1551 O  O   . HOH E 3 .   ? 13.217  1.597   -4.915  1.00 20.13 ? 324 HOH A O   1 
HETATM 1552 O  O   . HOH E 3 .   ? 15.038  11.066  1.695   1.00 28.64 ? 325 HOH A O   1 
HETATM 1553 O  O   . HOH E 3 .   ? -9.919  2.028   10.891  1.00 26.89 ? 326 HOH A O   1 
HETATM 1554 O  O   . HOH E 3 .   ? 15.391  -17.287 -7.125  1.00 23.96 ? 327 HOH A O   1 
HETATM 1555 O  O   . HOH E 3 .   ? -9.789  9.769   9.008   1.00 29.09 ? 328 HOH A O   1 
HETATM 1556 O  O   . HOH E 3 .   ? -14.984 6.005   8.710   1.00 24.89 ? 329 HOH A O   1 
HETATM 1557 O  O   . HOH E 3 .   ? 3.056   1.741   -6.626  1.00 25.87 ? 330 HOH A O   1 
HETATM 1558 O  O   . HOH E 3 .   ? -4.303  11.543  5.018   1.00 24.23 ? 331 HOH A O   1 
HETATM 1559 O  O   . HOH E 3 .   ? 13.318  3.568   15.312  1.00 28.49 ? 332 HOH A O   1 
HETATM 1560 O  O   . HOH E 3 .   ? 26.987  -5.252  8.856   1.00 24.28 ? 333 HOH A O   1 
HETATM 1561 O  O   . HOH E 3 .   ? -6.058  3.765   -7.431  1.00 25.47 ? 334 HOH A O   1 
HETATM 1562 O  O   . HOH E 3 .   ? 16.369  3.941   -4.769  1.00 22.11 ? 335 HOH A O   1 
HETATM 1563 O  O   . HOH E 3 .   ? -9.203  17.995  3.014   1.00 25.75 ? 336 HOH A O   1 
HETATM 1564 O  O   . HOH E 3 .   ? 16.843  6.755   -4.395  1.00 24.60 ? 337 HOH A O   1 
HETATM 1565 O  O   . HOH E 3 .   ? 28.018  -3.159  7.339   1.00 24.91 ? 338 HOH A O   1 
HETATM 1566 O  O   . HOH E 3 .   ? 4.785   -4.300  -3.700  1.00 23.53 ? 339 HOH A O   1 
HETATM 1567 O  O   . HOH E 3 .   ? -2.941  4.719   3.016   1.00 26.00 ? 340 HOH A O   1 
HETATM 1568 O  O   . HOH E 3 .   ? -13.259 4.985   6.435   1.00 31.07 ? 341 HOH A O   1 
HETATM 1569 O  O   . HOH E 3 .   ? -12.557 7.536   8.769   1.00 25.29 ? 342 HOH A O   1 
HETATM 1570 O  O   . HOH E 3 .   ? -20.529 -8.046  -4.523  1.00 24.94 ? 343 HOH A O   1 
HETATM 1571 O  O   . HOH E 3 .   ? -23.227 -6.246  -9.486  1.00 29.60 ? 344 HOH A O   1 
HETATM 1572 O  O   . HOH E 3 .   ? -6.128  7.575   9.979   1.00 25.80 ? 345 HOH A O   1 
HETATM 1573 O  O   . HOH E 3 .   ? -16.751 8.271   -12.663 1.00 29.85 ? 346 HOH A O   1 
HETATM 1574 O  O   . HOH E 3 .   ? 22.346  -4.192  3.201   1.00 29.39 ? 347 HOH A O   1 
HETATM 1575 O  O   . HOH E 3 .   ? -17.044 5.394   -14.935 1.00 30.53 ? 348 HOH A O   1 
HETATM 1576 O  O   . HOH E 3 .   ? 1.373   -1.432  -3.975  1.00 24.74 ? 349 HOH A O   1 
HETATM 1577 O  O   . HOH E 3 .   ? 20.733  8.253   -4.040  1.00 26.48 ? 350 HOH A O   1 
HETATM 1578 O  O   . HOH E 3 .   ? -2.563  12.354  3.112   1.00 28.50 ? 351 HOH A O   1 
HETATM 1579 O  O   . HOH E 3 .   ? 18.069  -2.393  8.855   1.00 35.01 ? 352 HOH A O   1 
HETATM 1580 O  O   . HOH E 3 .   ? 0.059   -0.072  -19.938 1.00 27.42 ? 353 HOH A O   1 
HETATM 1581 O  O   . HOH E 3 .   ? 0.972   23.677  8.226   1.00 29.92 ? 354 HOH A O   1 
HETATM 1582 O  O   . HOH E 3 .   ? -2.868  1.378   -9.334  1.00 29.35 ? 355 HOH A O   1 
HETATM 1583 O  O   . HOH E 3 .   ? -26.002 -2.201  -2.973  1.00 23.45 ? 356 HOH A O   1 
HETATM 1584 O  O   . HOH E 3 .   ? 25.205  -13.590 1.747   1.00 40.37 ? 357 HOH A O   1 
HETATM 1585 O  O   . HOH E 3 .   ? -20.638 13.361  -1.567  1.00 25.49 ? 358 HOH A O   1 
HETATM 1586 O  O   . HOH E 3 .   ? 3.478   -2.597  -5.903  1.00 25.54 ? 359 HOH A O   1 
HETATM 1587 O  O   . HOH E 3 .   ? 21.230  -8.939  7.309   1.00 31.94 ? 360 HOH A O   1 
HETATM 1588 O  O   . HOH E 3 .   ? -4.426  14.953  8.309   1.00 28.34 ? 361 HOH A O   1 
HETATM 1589 O  O   . HOH E 3 .   ? -5.858  15.106  3.819   1.00 26.53 ? 362 HOH A O   1 
HETATM 1590 O  O   . HOH E 3 .   ? -5.722  13.396  5.871   1.00 32.74 ? 363 HOH A O   1 
HETATM 1591 O  O   . HOH E 3 .   ? 0.298   -12.612 6.119   1.00 32.28 ? 364 HOH A O   1 
HETATM 1592 O  O   . HOH E 3 .   ? -2.634  2.139   2.041   1.00 41.10 ? 365 HOH A O   1 
HETATM 1593 O  O   . HOH E 3 .   ? 0.505   6.184   3.410   1.00 33.18 ? 366 HOH A O   1 
HETATM 1594 O  O   . HOH E 3 .   ? -20.357 -8.443  -7.374  1.00 29.00 ? 367 HOH A O   1 
HETATM 1595 O  O   . HOH E 3 .   ? 24.798  -7.474  11.250  1.00 35.61 ? 368 HOH A O   1 
HETATM 1596 O  O   . HOH E 3 .   ? 24.031  4.481   2.221   1.00 38.26 ? 369 HOH A O   1 
HETATM 1597 O  O   . HOH E 3 .   ? 1.767   -12.380 -0.990  1.00 33.22 ? 370 HOH A O   1 
HETATM 1598 O  O   . HOH E 3 .   ? 24.430  -3.054  2.154   1.00 32.43 ? 371 HOH A O   1 
HETATM 1599 O  O   . HOH E 3 .   ? 4.578   -9.544  14.610  1.00 44.37 ? 372 HOH A O   1 
HETATM 1600 O  O   . HOH E 3 .   ? -9.098  17.722  -4.236  1.00 39.25 ? 373 HOH A O   1 
HETATM 1601 O  O   . HOH E 3 .   ? -7.324  2.132   10.226  1.00 31.00 ? 374 HOH A O   1 
HETATM 1602 O  O   . HOH E 3 .   ? 23.504  -18.502 0.520   1.00 37.84 ? 375 HOH A O   1 
HETATM 1603 O  O   . HOH E 3 .   ? -19.741 6.965   -12.091 1.00 26.68 ? 376 HOH A O   1 
HETATM 1604 O  O   . HOH E 3 .   ? -8.571  -2.077  -12.968 1.00 29.89 ? 377 HOH A O   1 
HETATM 1605 O  O   . HOH E 3 .   ? -28.987 6.163   -1.531  1.00 27.22 ? 378 HOH A O   1 
HETATM 1606 O  O   . HOH E 3 .   ? 26.709  -10.263 3.150   1.00 30.45 ? 379 HOH A O   1 
HETATM 1607 O  O   . HOH E 3 .   ? -19.231 11.152  -10.207 1.00 32.36 ? 380 HOH A O   1 
HETATM 1608 O  O   . HOH E 3 .   ? -1.478  10.589  6.352   1.00 34.79 ? 381 HOH A O   1 
HETATM 1609 O  O   . HOH E 3 .   ? 25.122  -9.151  6.021   1.00 25.13 ? 382 HOH A O   1 
HETATM 1610 O  O   . HOH E 3 .   ? -18.580 19.741  -3.512  1.00 41.56 ? 383 HOH A O   1 
HETATM 1611 O  O   . HOH E 3 .   ? -1.002  -5.060  16.857  1.00 43.67 ? 384 HOH A O   1 
HETATM 1612 O  O   . HOH E 3 .   ? -15.660 4.555   6.743   1.00 35.67 ? 385 HOH A O   1 
HETATM 1613 O  O   . HOH E 3 .   ? -27.854 3.483   -7.247  1.00 29.78 ? 386 HOH A O   1 
HETATM 1614 O  O   . HOH E 3 .   ? -3.675  14.706  2.356   1.00 32.35 ? 387 HOH A O   1 
HETATM 1615 O  O   . HOH E 3 .   ? 24.987  -12.926 -5.731  1.00 24.23 ? 388 HOH A O   1 
HETATM 1616 O  O   . HOH E 3 .   ? -3.180  12.262  7.376   1.00 34.41 ? 389 HOH A O   1 
HETATM 1617 O  O   . HOH E 3 .   ? -22.798 9.132   -10.503 1.00 29.06 ? 390 HOH A O   1 
HETATM 1618 O  O   . HOH E 3 .   ? 16.535  -5.499  11.518  1.00 42.18 ? 391 HOH A O   1 
HETATM 1619 O  O   . HOH E 3 .   ? -11.776 16.173  12.271  1.00 38.01 ? 392 HOH A O   1 
HETATM 1620 O  O   . HOH E 3 .   ? 5.204   -11.739 -3.305  1.00 48.70 ? 393 HOH A O   1 
HETATM 1621 O  O   . HOH E 3 .   ? 14.719  -1.685  10.822  1.00 34.31 ? 394 HOH A O   1 
HETATM 1622 O  O   . HOH E 3 .   ? -17.339 22.482  -2.818  1.00 40.31 ? 395 HOH A O   1 
HETATM 1623 O  O   . HOH E 3 .   ? -25.852 10.859  -4.951  1.00 38.89 ? 396 HOH A O   1 
HETATM 1624 O  O   . HOH E 3 .   ? 20.274  4.470   9.542   1.00 38.89 ? 397 HOH A O   1 
HETATM 1625 O  O   . HOH E 3 .   ? -0.765  23.998  4.057   1.00 44.82 ? 398 HOH A O   1 
HETATM 1626 O  O   . HOH E 3 .   ? 2.385   -15.141 5.312   1.00 35.75 ? 399 HOH A O   1 
HETATM 1627 O  O   . HOH E 3 .   ? 1.023   -4.696  -3.582  1.00 41.57 ? 400 HOH A O   1 
HETATM 1628 O  O   . HOH E 3 .   ? 11.596  -4.530  16.182  1.00 45.31 ? 401 HOH A O   1 
HETATM 1629 O  O   . HOH E 3 .   ? -14.745 14.471  -4.487  1.00 34.20 ? 402 HOH A O   1 
HETATM 1630 O  O   . HOH E 3 .   ? -15.092 -0.966  -17.081 1.00 30.95 ? 403 HOH A O   1 
HETATM 1631 O  O   . HOH E 3 .   ? -17.579 -4.030  11.726  1.00 39.46 ? 404 HOH A O   1 
HETATM 1632 O  O   . HOH E 3 .   ? 6.774   -10.839 -8.132  1.00 32.82 ? 405 HOH A O   1 
HETATM 1633 O  O   . HOH E 3 .   ? -0.708  -0.244  -9.256  1.00 23.06 ? 406 HOH A O   1 
HETATM 1634 O  O   . HOH E 3 .   ? -4.532  6.424   -7.362  1.00 19.44 ? 407 HOH A O   1 
HETATM 1635 O  O   . HOH E 3 .   ? -10.643 3.871   12.815  1.00 36.54 ? 408 HOH A O   1 
HETATM 1636 O  O   . HOH E 3 .   ? -2.438  17.390  2.400   1.00 27.91 ? 409 HOH A O   1 
HETATM 1637 O  O   . HOH E 3 .   ? 26.913  -7.767  7.670   1.00 36.94 ? 410 HOH A O   1 
HETATM 1638 O  O   . HOH E 3 .   ? 5.312   19.211  0.375   1.00 35.87 ? 411 HOH A O   1 
HETATM 1639 O  O   . HOH E 3 .   ? -16.631 10.898  -11.430 1.00 29.77 ? 412 HOH A O   1 
HETATM 1640 O  O   . HOH E 3 .   ? -19.622 2.231   -14.115 1.00 31.76 ? 413 HOH A O   1 
HETATM 1641 O  O   . HOH E 3 .   ? 25.003  -9.653  -4.005  1.00 29.42 ? 414 HOH A O   1 
HETATM 1642 O  O   . HOH E 3 .   ? 19.370  -18.551 -10.105 1.00 36.86 ? 415 HOH A O   1 
HETATM 1643 O  O   . HOH E 3 .   ? 6.659   -6.565  -5.973  1.00 34.08 ? 416 HOH A O   1 
HETATM 1644 O  O   . HOH E 3 .   ? -12.260 4.248   -20.103 1.00 34.77 ? 417 HOH A O   1 
HETATM 1645 O  O   . HOH E 3 .   ? 23.697  -15.663 1.640   1.00 32.85 ? 418 HOH A O   1 
HETATM 1646 O  O   . HOH E 3 .   ? 20.029  -14.690 4.638   1.00 47.25 ? 419 HOH A O   1 
HETATM 1647 O  O   . HOH E 3 .   ? 21.734  -14.720 0.230   1.00 20.87 ? 420 HOH A O   1 
HETATM 1648 O  O   . HOH E 3 .   ? -1.743  5.748   5.356   1.00 31.25 ? 421 HOH A O   1 
HETATM 1649 O  O   . HOH E 3 .   ? -3.366  7.869   8.838   1.00 33.80 ? 422 HOH A O   1 
HETATM 1650 O  O   . HOH E 3 .   ? 17.518  7.586   7.642   1.00 43.60 ? 423 HOH A O   1 
HETATM 1651 O  O   . HOH E 3 .   ? 18.233  -13.293 7.089   1.00 40.94 ? 424 HOH A O   1 
HETATM 1652 O  O   . HOH E 3 .   ? -2.814  8.110   6.125   1.00 29.54 ? 425 HOH A O   1 
HETATM 1653 O  O   . HOH E 3 .   ? -7.088  9.874   10.924  1.00 36.58 ? 426 HOH A O   1 
HETATM 1654 O  O   . HOH E 3 .   ? 8.962   10.661  3.153   1.00 27.00 ? 427 HOH A O   1 
HETATM 1655 O  O   . HOH E 3 .   ? 24.681  -0.585  2.616   1.00 22.78 ? 428 HOH A O   1 
HETATM 1656 O  O   . HOH E 3 .   ? 23.455  -0.509  4.731   1.00 35.17 ? 429 HOH A O   1 
HETATM 1657 O  O   . HOH E 3 .   ? 23.377  -8.708  8.650   1.00 42.63 ? 430 HOH A O   1 
HETATM 1658 O  O   . HOH E 3 .   ? -1.941  -6.856  13.037  1.00 35.28 ? 431 HOH A O   1 
HETATM 1659 O  O   . HOH E 3 .   ? -12.505 10.262  8.934   1.00 40.68 ? 432 HOH A O   1 
HETATM 1660 O  O   . HOH E 3 .   ? -2.871  1.754   -0.605  1.00 33.50 ? 433 HOH A O   1 
HETATM 1661 O  O   . HOH E 3 .   ? -23.424 12.738  -5.389  1.00 36.25 ? 434 HOH A O   1 
HETATM 1662 O  O   . HOH E 3 .   ? -27.547 -1.687  -0.524  1.00 39.58 ? 435 HOH A O   1 
HETATM 1663 O  O   . HOH E 3 .   ? -16.690 7.899   7.907   1.00 46.39 ? 436 HOH A O   1 
HETATM 1664 O  O   . HOH E 3 .   ? -11.898 -3.629  -0.597  1.00 64.92 ? 437 HOH A O   1 
HETATM 1665 O  O   . HOH E 3 .   ? -19.676 -9.579  -2.339  1.00 37.69 ? 438 HOH A O   1 
HETATM 1666 O  O   . HOH E 3 .   ? -5.616  5.151   -19.096 1.00 32.04 ? 439 HOH A O   1 
HETATM 1667 O  O   . HOH E 3 .   ? 9.703   -18.062 2.544   1.00 39.89 ? 440 HOH A O   1 
HETATM 1668 O  O   . HOH E 3 .   ? 11.925  -16.340 3.068   1.00 54.55 ? 441 HOH A O   1 
HETATM 1669 O  O   . HOH E 3 .   ? 14.336  -15.245 1.374   1.00 43.86 ? 442 HOH A O   1 
HETATM 1670 O  O   . HOH E 3 .   ? 16.966  -15.280 2.346   1.00 40.62 ? 443 HOH A O   1 
HETATM 1671 O  O   . HOH E 3 .   ? 7.534   -15.115 -2.986  1.00 28.93 ? 444 HOH A O   1 
# 
